data_2DOS
#
_entry.id   2DOS
#
_entity_poly.entity_id   1
_entity_poly.type   'polypeptide(L)'
_entity_poly.pdbx_seq_one_letter_code
;GPLGSMESIFHEKQEGSLCAQHCLNNLLQGEYFSPVELSSIAHQLDEEERMRMAEGGVTSEDYRTFLQQPSGNMDDSGFF
SIQVISNALKVWGLELILFNSPEYQRLRIDPINERSFICNYKEHWFTVRKLGKQWFNLNSLLTGPELISDTYLALFLAQL
QQEGYSIFVVKGDLPD
;
_entity_poly.pdbx_strand_id   A
#
# COMPACT_ATOMS: atom_id res chain seq x y z
N MET A 6 18.62 6.52 -15.16
CA MET A 6 17.53 5.61 -14.78
C MET A 6 18.05 4.19 -14.59
N GLU A 7 19.33 4.07 -14.26
CA GLU A 7 19.94 2.76 -14.04
C GLU A 7 19.92 2.39 -12.57
N SER A 8 19.04 3.02 -11.81
CA SER A 8 18.92 2.76 -10.39
C SER A 8 17.54 2.17 -10.06
N ILE A 9 16.60 2.35 -10.97
CA ILE A 9 15.24 1.83 -10.78
C ILE A 9 15.18 0.34 -11.05
N PHE A 10 14.58 -0.40 -10.12
CA PHE A 10 14.45 -1.84 -10.25
C PHE A 10 13.51 -2.21 -11.40
N HIS A 11 14.07 -2.77 -12.45
CA HIS A 11 13.29 -3.17 -13.63
C HIS A 11 12.99 -4.66 -13.60
N GLU A 12 11.72 -5.00 -13.79
CA GLU A 12 11.30 -6.40 -13.79
C GLU A 12 9.85 -6.53 -14.24
N LYS A 13 9.55 -7.64 -14.91
CA LYS A 13 8.19 -7.89 -15.40
C LYS A 13 7.72 -9.29 -15.02
N GLN A 14 6.61 -9.36 -14.30
CA GLN A 14 6.06 -10.65 -13.87
C GLN A 14 4.54 -10.65 -13.97
N GLU A 15 3.96 -11.84 -14.12
CA GLU A 15 2.52 -11.98 -14.24
C GLU A 15 1.88 -12.18 -12.87
N GLY A 16 0.93 -11.30 -12.53
CA GLY A 16 0.26 -11.40 -11.25
C GLY A 16 -0.65 -10.23 -10.98
N SER A 17 -1.02 -10.03 -9.71
CA SER A 17 -1.89 -8.93 -9.33
C SER A 17 -1.73 -8.59 -7.85
N LEU A 18 -1.17 -7.41 -7.59
CA LEU A 18 -0.95 -6.96 -6.21
C LEU A 18 -0.03 -7.92 -5.46
N CYS A 19 1.23 -7.55 -5.32
CA CYS A 19 2.19 -8.38 -4.62
C CYS A 19 2.69 -7.69 -3.35
N ALA A 20 2.73 -8.44 -2.25
CA ALA A 20 3.18 -7.90 -0.98
C ALA A 20 4.69 -7.69 -0.97
N GLN A 21 5.42 -8.72 -1.39
CA GLN A 21 6.88 -8.63 -1.43
C GLN A 21 7.34 -7.61 -2.47
N HIS A 22 6.71 -7.64 -3.64
CA HIS A 22 7.05 -6.72 -4.71
C HIS A 22 6.80 -5.27 -4.29
N CYS A 23 5.71 -5.05 -3.56
CA CYS A 23 5.36 -3.72 -3.09
C CYS A 23 6.36 -3.22 -2.05
N LEU A 24 6.63 -4.06 -1.06
CA LEU A 24 7.58 -3.71 0.01
C LEU A 24 9.00 -3.59 -0.54
N ASN A 25 9.39 -4.53 -1.39
CA ASN A 25 10.72 -4.52 -1.98
C ASN A 25 10.92 -3.28 -2.84
N ASN A 26 9.93 -2.96 -3.66
CA ASN A 26 9.99 -1.79 -4.54
C ASN A 26 9.90 -0.50 -3.72
N LEU A 27 9.00 -0.49 -2.74
CA LEU A 27 8.81 0.68 -1.89
C LEU A 27 10.11 1.06 -1.19
N LEU A 28 10.82 0.05 -0.69
CA LEU A 28 12.09 0.28 0.01
C LEU A 28 13.22 0.48 -0.99
N GLN A 29 12.90 0.39 -2.27
CA GLN A 29 13.90 0.56 -3.32
C GLN A 29 14.97 -0.52 -3.24
N GLY A 30 14.56 -1.74 -2.95
CA GLY A 30 15.49 -2.85 -2.84
C GLY A 30 14.91 -4.04 -2.12
N GLU A 31 15.55 -5.19 -2.27
CA GLU A 31 15.08 -6.42 -1.62
C GLU A 31 15.32 -6.36 -0.11
N TYR A 32 14.23 -6.31 0.65
CA TYR A 32 14.33 -6.24 2.11
C TYR A 32 13.27 -7.14 2.76
N PHE A 33 12.63 -7.97 1.95
CA PHE A 33 11.61 -8.89 2.44
C PHE A 33 11.41 -10.04 1.48
N SER A 34 10.93 -11.18 2.01
CA SER A 34 10.70 -12.36 1.19
C SER A 34 9.22 -12.58 0.96
N PRO A 35 8.89 -13.24 -0.16
CA PRO A 35 7.49 -13.52 -0.53
C PRO A 35 6.85 -14.56 0.38
N VAL A 36 7.62 -15.56 0.76
CA VAL A 36 7.13 -16.62 1.63
C VAL A 36 6.85 -16.09 3.03
N GLU A 37 7.75 -15.26 3.54
CA GLU A 37 7.60 -14.68 4.86
C GLU A 37 6.36 -13.79 4.93
N LEU A 38 6.22 -12.91 3.94
CA LEU A 38 5.07 -12.01 3.89
C LEU A 38 3.77 -12.78 3.72
N SER A 39 3.82 -13.84 2.92
CA SER A 39 2.63 -14.65 2.67
C SER A 39 2.14 -15.31 3.96
N SER A 40 3.09 -15.83 4.75
CA SER A 40 2.75 -16.49 6.00
C SER A 40 2.18 -15.49 7.01
N ILE A 41 2.80 -14.31 7.07
CA ILE A 41 2.35 -13.26 7.97
C ILE A 41 0.91 -12.87 7.70
N ALA A 42 0.58 -12.69 6.42
CA ALA A 42 -0.77 -12.32 6.01
C ALA A 42 -1.76 -13.42 6.36
N HIS A 43 -1.41 -14.67 6.04
CA HIS A 43 -2.27 -15.80 6.32
C HIS A 43 -2.63 -15.88 7.80
N GLN A 44 -1.63 -15.63 8.66
CA GLN A 44 -1.84 -15.66 10.10
C GLN A 44 -2.75 -14.52 10.55
N LEU A 45 -2.49 -13.33 10.03
CA LEU A 45 -3.28 -12.15 10.38
C LEU A 45 -4.74 -12.35 9.98
N ASP A 46 -4.96 -12.85 8.78
CA ASP A 46 -6.31 -13.09 8.29
C ASP A 46 -7.02 -14.16 9.11
N GLU A 47 -6.31 -15.25 9.39
CA GLU A 47 -6.87 -16.34 10.18
C GLU A 47 -7.19 -15.89 11.60
N GLU A 48 -6.23 -15.21 12.22
CA GLU A 48 -6.41 -14.72 13.59
C GLU A 48 -7.59 -13.74 13.67
N GLU A 49 -7.70 -12.88 12.65
CA GLU A 49 -8.77 -11.90 12.60
C GLU A 49 -10.12 -12.57 12.33
N ARG A 50 -10.09 -13.64 11.56
CA ARG A 50 -11.30 -14.38 11.22
C ARG A 50 -11.87 -15.07 12.45
N MET A 51 -10.99 -15.71 13.23
CA MET A 51 -11.42 -16.41 14.44
C MET A 51 -11.84 -15.43 15.52
N ARG A 52 -11.06 -14.36 15.68
CA ARG A 52 -11.36 -13.35 16.69
C ARG A 52 -12.64 -12.60 16.34
N MET A 53 -12.89 -12.42 15.05
CA MET A 53 -14.08 -11.72 14.59
C MET A 53 -15.33 -12.59 14.77
N ALA A 54 -15.26 -13.82 14.28
CA ALA A 54 -16.37 -14.75 14.40
C ALA A 54 -16.75 -14.98 15.86
N GLU A 55 -15.74 -15.14 16.71
CA GLU A 55 -15.97 -15.37 18.13
C GLU A 55 -16.37 -14.07 18.83
N GLY A 56 -16.32 -12.97 18.09
CA GLY A 56 -16.68 -11.68 18.66
C GLY A 56 -15.60 -11.13 19.56
N GLY A 57 -15.80 -9.92 20.08
CA GLY A 57 -14.82 -9.31 20.96
C GLY A 57 -15.40 -8.12 21.71
N VAL A 58 -14.80 -7.81 22.86
CA VAL A 58 -15.25 -6.69 23.67
C VAL A 58 -14.10 -5.75 24.01
N THR A 59 -13.76 -4.89 23.06
CA THR A 59 -12.68 -3.93 23.24
C THR A 59 -12.48 -3.07 22.00
N SER A 60 -11.84 -1.92 22.17
CA SER A 60 -11.60 -1.00 21.07
C SER A 60 -10.92 -1.72 19.90
N GLU A 61 -10.15 -2.75 20.23
CA GLU A 61 -9.44 -3.53 19.22
C GLU A 61 -10.40 -4.03 18.15
N ASP A 62 -11.58 -4.48 18.58
CA ASP A 62 -12.59 -4.98 17.66
C ASP A 62 -13.06 -3.90 16.71
N TYR A 63 -13.20 -2.68 17.23
CA TYR A 63 -13.63 -1.55 16.41
C TYR A 63 -12.59 -1.20 15.36
N ARG A 64 -11.35 -1.02 15.79
CA ARG A 64 -10.26 -0.69 14.88
C ARG A 64 -10.02 -1.81 13.88
N THR A 65 -9.97 -3.05 14.39
CA THR A 65 -9.74 -4.21 13.54
C THR A 65 -10.80 -4.32 12.45
N PHE A 66 -12.07 -4.20 12.85
CA PHE A 66 -13.17 -4.28 11.91
C PHE A 66 -13.13 -3.11 10.92
N LEU A 67 -12.87 -1.93 11.43
CA LEU A 67 -12.80 -0.73 10.61
C LEU A 67 -11.75 -0.88 9.51
N GLN A 68 -10.63 -1.50 9.86
CA GLN A 68 -9.55 -1.72 8.91
C GLN A 68 -10.03 -2.54 7.72
N GLN A 69 -11.12 -3.28 7.91
CA GLN A 69 -11.67 -4.11 6.85
C GLN A 69 -10.69 -5.21 6.45
N PRO A 70 -10.56 -6.22 7.32
CA PRO A 70 -9.66 -7.35 7.09
C PRO A 70 -10.14 -8.25 5.96
N SER A 71 -9.42 -9.35 5.72
CA SER A 71 -9.78 -10.29 4.67
C SER A 71 -9.97 -9.56 3.34
N GLY A 72 -10.51 -10.28 2.36
CA GLY A 72 -10.75 -9.70 1.06
C GLY A 72 -12.10 -10.08 0.48
N ASN A 73 -12.11 -10.48 -0.79
CA ASN A 73 -13.34 -10.87 -1.46
C ASN A 73 -13.06 -11.78 -2.65
N MET A 74 -12.12 -11.36 -3.49
CA MET A 74 -11.74 -12.14 -4.66
C MET A 74 -10.31 -12.65 -4.54
N ASP A 75 -9.78 -13.20 -5.64
CA ASP A 75 -8.42 -13.73 -5.65
C ASP A 75 -7.53 -12.87 -6.54
N ASP A 76 -6.32 -13.37 -6.80
CA ASP A 76 -5.36 -12.65 -7.63
C ASP A 76 -4.79 -11.45 -6.88
N SER A 77 -5.63 -10.45 -6.64
CA SER A 77 -5.21 -9.24 -5.94
C SER A 77 -5.69 -9.26 -4.49
N GLY A 78 -6.80 -9.95 -4.26
CA GLY A 78 -7.35 -10.03 -2.91
C GLY A 78 -6.68 -11.11 -2.07
N PHE A 79 -5.36 -11.05 -1.99
CA PHE A 79 -4.60 -12.04 -1.22
C PHE A 79 -4.11 -11.43 0.09
N PHE A 80 -3.39 -10.32 0.00
CA PHE A 80 -2.86 -9.64 1.18
C PHE A 80 -3.94 -8.81 1.85
N SER A 81 -3.52 -7.97 2.80
CA SER A 81 -4.46 -7.12 3.53
C SER A 81 -3.76 -5.85 4.03
N ILE A 82 -4.53 -4.77 4.16
CA ILE A 82 -3.99 -3.51 4.62
C ILE A 82 -3.31 -3.66 5.98
N GLN A 83 -3.80 -4.60 6.78
CA GLN A 83 -3.24 -4.84 8.10
C GLN A 83 -1.79 -5.27 8.00
N VAL A 84 -1.50 -6.17 7.06
CA VAL A 84 -0.14 -6.66 6.87
C VAL A 84 0.77 -5.56 6.31
N ILE A 85 0.29 -4.88 5.28
CA ILE A 85 1.06 -3.81 4.65
C ILE A 85 1.32 -2.67 5.64
N SER A 86 0.26 -2.18 6.27
CA SER A 86 0.37 -1.10 7.23
C SER A 86 1.32 -1.48 8.36
N ASN A 87 1.24 -2.73 8.79
CA ASN A 87 2.10 -3.22 9.87
C ASN A 87 3.57 -3.16 9.47
N ALA A 88 3.87 -3.66 8.28
CA ALA A 88 5.24 -3.66 7.78
C ALA A 88 5.78 -2.24 7.64
N LEU A 89 4.89 -1.30 7.34
CA LEU A 89 5.27 0.10 7.19
C LEU A 89 5.41 0.78 8.55
N LYS A 90 4.49 0.47 9.46
CA LYS A 90 4.51 1.04 10.80
C LYS A 90 5.82 0.72 11.50
N VAL A 91 6.23 -0.54 11.43
CA VAL A 91 7.47 -0.97 12.07
C VAL A 91 8.68 -0.23 11.49
N TRP A 92 8.51 0.30 10.27
CA TRP A 92 9.59 1.04 9.62
C TRP A 92 9.48 2.53 9.90
N GLY A 93 8.29 2.97 10.27
CA GLY A 93 8.08 4.38 10.56
C GLY A 93 7.09 5.03 9.62
N LEU A 94 6.65 4.28 8.61
CA LEU A 94 5.70 4.79 7.63
C LEU A 94 4.26 4.51 8.07
N GLU A 95 3.41 5.51 7.96
CA GLU A 95 2.00 5.37 8.33
C GLU A 95 1.09 5.70 7.15
N LEU A 96 0.02 4.92 7.01
CA LEU A 96 -0.93 5.13 5.92
C LEU A 96 -2.07 6.04 6.37
N ILE A 97 -2.42 7.00 5.52
CA ILE A 97 -3.51 7.93 5.83
C ILE A 97 -4.53 7.96 4.70
N LEU A 98 -5.76 7.57 5.03
CA LEU A 98 -6.84 7.55 4.05
C LEU A 98 -7.26 8.97 3.69
N PHE A 99 -7.22 9.29 2.40
CA PHE A 99 -7.61 10.62 1.92
C PHE A 99 -9.03 10.96 2.35
N ASN A 100 -9.86 9.93 2.46
CA ASN A 100 -11.26 10.12 2.85
C ASN A 100 -11.36 10.38 4.36
N SER A 101 -10.29 10.05 5.08
CA SER A 101 -10.26 10.23 6.53
C SER A 101 -9.84 11.66 6.89
N PRO A 102 -10.23 12.11 8.09
CA PRO A 102 -9.91 13.45 8.58
C PRO A 102 -8.42 13.62 8.88
N GLU A 103 -7.70 12.50 8.89
CA GLU A 103 -6.27 12.52 9.16
C GLU A 103 -5.50 13.19 8.01
N TYR A 104 -5.82 12.78 6.79
CA TYR A 104 -5.16 13.33 5.60
C TYR A 104 -5.38 14.84 5.51
N GLN A 105 -6.64 15.25 5.70
CA GLN A 105 -6.98 16.67 5.63
C GLN A 105 -6.45 17.42 6.85
N ARG A 106 -6.41 16.74 7.99
CA ARG A 106 -5.91 17.34 9.22
C ARG A 106 -4.53 17.96 9.01
N LEU A 107 -3.55 17.12 8.70
CA LEU A 107 -2.19 17.58 8.48
C LEU A 107 -2.09 18.36 7.16
N ARG A 108 -3.04 18.13 6.27
CA ARG A 108 -3.07 18.81 4.97
C ARG A 108 -1.79 18.53 4.20
N ILE A 109 -1.41 17.25 4.13
CA ILE A 109 -0.21 16.85 3.42
C ILE A 109 -0.43 16.87 1.91
N ASP A 110 0.36 17.69 1.21
CA ASP A 110 0.24 17.80 -0.24
C ASP A 110 0.67 16.52 -0.92
N PRO A 111 0.13 16.27 -2.13
CA PRO A 111 0.44 15.07 -2.91
C PRO A 111 1.87 15.08 -3.44
N ILE A 112 2.26 16.18 -4.08
CA ILE A 112 3.60 16.31 -4.64
C ILE A 112 4.64 16.39 -3.52
N ASN A 113 4.21 16.83 -2.35
CA ASN A 113 5.11 16.96 -1.21
C ASN A 113 5.16 15.65 -0.40
N GLU A 114 4.34 14.70 -0.79
CA GLU A 114 4.29 13.41 -0.11
C GLU A 114 5.52 12.57 -0.45
N ARG A 115 5.89 11.68 0.47
CA ARG A 115 7.05 10.83 0.28
C ARG A 115 6.66 9.51 -0.40
N SER A 116 5.66 8.85 0.17
CA SER A 116 5.19 7.58 -0.37
C SER A 116 3.67 7.59 -0.53
N PHE A 117 3.20 7.09 -1.67
CA PHE A 117 1.77 7.04 -1.95
C PHE A 117 1.34 5.62 -2.32
N ILE A 118 0.10 5.28 -1.96
CA ILE A 118 -0.44 3.96 -2.26
C ILE A 118 -1.90 4.05 -2.72
N CYS A 119 -2.17 3.54 -3.91
CA CYS A 119 -3.51 3.57 -4.47
C CYS A 119 -4.16 2.19 -4.37
N ASN A 120 -5.46 2.17 -4.12
CA ASN A 120 -6.20 0.92 -3.99
C ASN A 120 -7.43 0.92 -4.89
N TYR A 121 -7.44 0.04 -5.89
CA TYR A 121 -8.56 -0.06 -6.82
C TYR A 121 -9.27 -1.40 -6.68
N LYS A 122 -10.59 -1.37 -6.78
CA LYS A 122 -11.39 -2.59 -6.66
C LYS A 122 -10.73 -3.74 -7.40
N GLU A 123 -10.17 -4.67 -6.64
CA GLU A 123 -9.50 -5.84 -7.21
C GLU A 123 -8.21 -5.43 -7.92
N HIS A 124 -7.43 -4.60 -7.25
CA HIS A 124 -6.16 -4.13 -7.81
C HIS A 124 -5.46 -3.18 -6.85
N TRP A 125 -4.14 -3.23 -6.84
CA TRP A 125 -3.35 -2.37 -5.96
C TRP A 125 -2.31 -1.59 -6.75
N PHE A 126 -1.88 -0.45 -6.22
CA PHE A 126 -0.89 0.40 -6.88
C PHE A 126 0.08 0.98 -5.86
N THR A 127 1.37 0.88 -6.18
CA THR A 127 2.41 1.41 -5.29
C THR A 127 3.12 2.59 -5.92
N VAL A 128 3.07 3.74 -5.25
CA VAL A 128 3.71 4.95 -5.75
C VAL A 128 4.76 5.45 -4.77
N ARG A 129 5.92 5.83 -5.30
CA ARG A 129 7.01 6.33 -4.47
C ARG A 129 7.61 7.61 -5.07
N LYS A 130 8.14 8.47 -4.21
CA LYS A 130 8.74 9.72 -4.65
C LYS A 130 10.22 9.53 -4.96
N LEU A 131 10.65 10.00 -6.12
CA LEU A 131 12.04 9.88 -6.54
C LEU A 131 12.60 11.24 -6.95
N GLY A 132 13.32 11.88 -6.03
CA GLY A 132 13.90 13.17 -6.33
C GLY A 132 12.86 14.23 -6.61
N LYS A 133 12.67 14.55 -7.89
CA LYS A 133 11.69 15.54 -8.30
C LYS A 133 10.57 14.91 -9.11
N GLN A 134 10.73 13.63 -9.44
CA GLN A 134 9.73 12.90 -10.20
C GLN A 134 9.20 11.71 -9.41
N TRP A 135 7.93 11.36 -9.65
CA TRP A 135 7.31 10.24 -8.97
C TRP A 135 7.52 8.94 -9.73
N PHE A 136 7.45 7.83 -9.02
CA PHE A 136 7.63 6.51 -9.63
C PHE A 136 6.50 5.57 -9.24
N ASN A 137 5.85 4.98 -10.24
CA ASN A 137 4.75 4.06 -9.98
C ASN A 137 5.14 2.63 -10.39
N LEU A 138 4.61 1.65 -9.67
CA LEU A 138 4.90 0.25 -9.96
C LEU A 138 3.92 -0.66 -9.25
N ASN A 139 3.71 -1.85 -9.81
CA ASN A 139 2.79 -2.83 -9.22
C ASN A 139 3.05 -4.22 -9.78
N SER A 140 2.56 -5.24 -9.08
CA SER A 140 2.73 -6.63 -9.51
C SER A 140 2.13 -6.84 -10.90
N LEU A 141 1.08 -6.10 -11.20
CA LEU A 141 0.41 -6.21 -12.49
C LEU A 141 1.19 -5.46 -13.57
N LEU A 142 2.07 -4.57 -13.14
CA LEU A 142 2.88 -3.77 -14.08
C LEU A 142 4.11 -4.57 -14.53
N THR A 143 4.64 -4.19 -15.68
CA THR A 143 5.82 -4.86 -16.23
C THR A 143 7.04 -3.94 -16.21
N GLY A 144 6.81 -2.67 -15.91
CA GLY A 144 7.89 -1.71 -15.86
C GLY A 144 7.56 -0.49 -15.02
N PRO A 145 8.58 0.29 -14.67
CA PRO A 145 8.42 1.50 -13.85
C PRO A 145 7.70 2.61 -14.61
N GLU A 146 6.76 3.27 -13.93
CA GLU A 146 6.00 4.35 -14.55
C GLU A 146 6.41 5.70 -13.95
N LEU A 147 7.04 6.53 -14.78
CA LEU A 147 7.49 7.84 -14.34
C LEU A 147 6.37 8.87 -14.47
N ILE A 148 6.14 9.63 -13.40
CA ILE A 148 5.10 10.65 -13.40
C ILE A 148 5.61 11.95 -12.78
N SER A 149 5.12 13.08 -13.30
CA SER A 149 5.53 14.38 -12.81
C SER A 149 4.66 14.81 -11.63
N ASP A 150 5.15 15.77 -10.86
CA ASP A 150 4.42 16.27 -9.70
C ASP A 150 3.15 17.00 -10.13
N THR A 151 3.27 17.82 -11.17
CA THR A 151 2.13 18.57 -11.68
C THR A 151 1.05 17.65 -12.22
N TYR A 152 1.46 16.47 -12.68
CA TYR A 152 0.52 15.49 -13.22
C TYR A 152 0.04 14.53 -12.13
N LEU A 153 0.87 14.34 -11.12
CA LEU A 153 0.53 13.46 -10.01
C LEU A 153 -0.68 13.98 -9.24
N ALA A 154 -0.64 15.28 -8.91
CA ALA A 154 -1.73 15.91 -8.17
C ALA A 154 -3.07 15.68 -8.87
N LEU A 155 -3.10 15.93 -10.18
CA LEU A 155 -4.31 15.76 -10.97
C LEU A 155 -4.63 14.28 -11.14
N PHE A 156 -3.59 13.47 -11.33
CA PHE A 156 -3.76 12.03 -11.52
C PHE A 156 -4.53 11.42 -10.36
N LEU A 157 -4.04 11.66 -9.15
CA LEU A 157 -4.68 11.12 -7.95
C LEU A 157 -6.02 11.81 -7.69
N ALA A 158 -6.07 13.11 -7.96
CA ALA A 158 -7.29 13.88 -7.77
C ALA A 158 -8.45 13.28 -8.57
N GLN A 159 -8.13 12.76 -9.75
CA GLN A 159 -9.14 12.17 -10.62
C GLN A 159 -9.68 10.88 -10.02
N LEU A 160 -8.82 10.15 -9.32
CA LEU A 160 -9.21 8.90 -8.69
C LEU A 160 -10.13 9.15 -7.49
N GLN A 161 -9.72 10.06 -6.63
CA GLN A 161 -10.52 10.39 -5.45
C GLN A 161 -11.87 10.96 -5.84
N GLN A 162 -11.87 11.85 -6.83
CA GLN A 162 -13.10 12.47 -7.29
C GLN A 162 -13.96 11.47 -8.05
N GLU A 163 -13.34 10.38 -8.50
CA GLU A 163 -14.05 9.34 -9.24
C GLU A 163 -14.66 8.32 -8.29
N GLY A 164 -13.80 7.54 -7.64
CA GLY A 164 -14.26 6.53 -6.71
C GLY A 164 -13.19 5.50 -6.40
N TYR A 165 -11.99 5.98 -6.09
CA TYR A 165 -10.87 5.09 -5.77
C TYR A 165 -10.40 5.30 -4.34
N SER A 166 -9.49 4.45 -3.88
CA SER A 166 -8.94 4.55 -2.54
C SER A 166 -7.52 5.06 -2.55
N ILE A 167 -7.33 6.31 -2.14
CA ILE A 167 -6.01 6.92 -2.11
C ILE A 167 -5.44 6.94 -0.70
N PHE A 168 -4.31 6.27 -0.51
CA PHE A 168 -3.67 6.21 0.80
C PHE A 168 -2.37 7.01 0.80
N VAL A 169 -2.17 7.79 1.86
CA VAL A 169 -0.96 8.61 1.99
C VAL A 169 0.03 7.97 2.96
N VAL A 170 1.19 7.57 2.44
CA VAL A 170 2.23 6.96 3.26
C VAL A 170 3.29 7.97 3.65
N LYS A 171 3.30 8.35 4.93
CA LYS A 171 4.27 9.31 5.43
C LYS A 171 5.12 8.70 6.55
N GLY A 172 6.38 9.11 6.62
CA GLY A 172 7.27 8.59 7.63
C GLY A 172 8.73 8.65 7.23
N ASP A 173 9.54 7.76 7.78
CA ASP A 173 10.96 7.72 7.47
C ASP A 173 11.32 6.43 6.72
N LEU A 174 11.79 6.57 5.50
CA LEU A 174 12.18 5.42 4.69
C LEU A 174 13.69 5.25 4.65
N PRO A 175 14.14 4.03 4.32
CA PRO A 175 15.58 3.72 4.24
C PRO A 175 16.26 4.40 3.06
N ASP A 176 15.64 4.30 1.89
CA ASP A 176 16.20 4.91 0.69
C ASP A 176 15.99 6.43 0.71
N MET A 6 16.73 5.85 -14.65
CA MET A 6 16.09 4.62 -14.22
C MET A 6 16.96 3.40 -14.52
N GLU A 7 18.27 3.61 -14.55
CA GLU A 7 19.21 2.54 -14.84
C GLU A 7 19.97 2.14 -13.57
N SER A 8 19.34 2.35 -12.42
CA SER A 8 19.96 2.02 -11.14
C SER A 8 18.91 1.67 -10.10
N ILE A 9 17.75 1.21 -10.58
CA ILE A 9 16.66 0.83 -9.69
C ILE A 9 16.71 -0.66 -9.34
N PHE A 10 16.42 -0.98 -8.09
CA PHE A 10 16.43 -2.37 -7.64
C PHE A 10 15.07 -3.02 -7.85
N HIS A 11 15.01 -3.97 -8.77
CA HIS A 11 13.77 -4.68 -9.06
C HIS A 11 13.89 -6.17 -8.75
N GLU A 12 12.87 -6.72 -8.11
CA GLU A 12 12.87 -8.13 -7.75
C GLU A 12 12.22 -8.97 -8.85
N LYS A 13 11.47 -8.32 -9.73
CA LYS A 13 10.80 -9.00 -10.83
C LYS A 13 9.82 -10.04 -10.31
N GLN A 14 8.53 -9.70 -10.30
CA GLN A 14 7.50 -10.61 -9.81
C GLN A 14 6.24 -10.50 -10.66
N GLU A 15 5.39 -11.51 -10.58
CA GLU A 15 4.15 -11.52 -11.35
C GLU A 15 2.94 -11.62 -10.42
N GLY A 16 1.80 -11.10 -10.88
CA GLY A 16 0.59 -11.13 -10.08
C GLY A 16 0.39 -9.86 -9.29
N SER A 17 -0.43 -8.96 -9.83
CA SER A 17 -0.70 -7.68 -9.17
C SER A 17 -1.14 -7.91 -7.72
N LEU A 18 -1.22 -6.82 -6.97
CA LEU A 18 -1.63 -6.90 -5.57
C LEU A 18 -0.73 -7.86 -4.79
N CYS A 19 0.56 -7.53 -4.73
CA CYS A 19 1.52 -8.37 -4.01
C CYS A 19 2.10 -7.62 -2.82
N ALA A 20 2.18 -8.31 -1.69
CA ALA A 20 2.72 -7.72 -0.47
C ALA A 20 4.23 -7.53 -0.58
N GLN A 21 4.93 -8.57 -1.03
CA GLN A 21 6.38 -8.50 -1.17
C GLN A 21 6.78 -7.40 -2.13
N HIS A 22 6.08 -7.31 -3.25
CA HIS A 22 6.37 -6.29 -4.26
C HIS A 22 6.16 -4.88 -3.69
N CYS A 23 5.14 -4.74 -2.84
CA CYS A 23 4.84 -3.45 -2.22
C CYS A 23 5.98 -3.01 -1.31
N LEU A 24 6.40 -3.91 -0.43
CA LEU A 24 7.48 -3.61 0.51
C LEU A 24 8.82 -3.48 -0.22
N ASN A 25 9.06 -4.40 -1.15
CA ASN A 25 10.31 -4.40 -1.91
C ASN A 25 10.42 -3.13 -2.76
N ASN A 26 9.32 -2.79 -3.44
CA ASN A 26 9.29 -1.61 -4.29
C ASN A 26 9.44 -0.34 -3.47
N LEU A 27 8.68 -0.25 -2.38
CA LEU A 27 8.73 0.92 -1.50
C LEU A 27 10.15 1.13 -0.96
N LEU A 28 10.78 0.04 -0.55
CA LEU A 28 12.14 0.11 -0.01
C LEU A 28 13.16 0.21 -1.15
N GLN A 29 12.68 0.17 -2.38
CA GLN A 29 13.55 0.26 -3.54
C GLN A 29 14.63 -0.82 -3.51
N GLY A 30 14.33 -1.92 -2.81
CA GLY A 30 15.28 -3.02 -2.71
C GLY A 30 14.68 -4.24 -2.04
N GLU A 31 15.22 -5.41 -2.36
CA GLU A 31 14.73 -6.66 -1.79
C GLU A 31 15.05 -6.74 -0.30
N TYR A 32 14.02 -6.56 0.53
CA TYR A 32 14.19 -6.60 1.98
C TYR A 32 13.18 -7.56 2.62
N PHE A 33 12.41 -8.24 1.78
CA PHE A 33 11.40 -9.18 2.27
C PHE A 33 11.10 -10.23 1.20
N SER A 34 10.84 -11.46 1.66
CA SER A 34 10.53 -12.56 0.76
C SER A 34 9.02 -12.72 0.58
N PRO A 35 8.61 -13.23 -0.59
CA PRO A 35 7.20 -13.45 -0.90
C PRO A 35 6.58 -14.58 -0.09
N VAL A 36 7.37 -15.62 0.16
CA VAL A 36 6.90 -16.76 0.94
C VAL A 36 6.62 -16.37 2.38
N GLU A 37 7.54 -15.60 2.97
CA GLU A 37 7.38 -15.16 4.35
C GLU A 37 6.24 -14.17 4.48
N LEU A 38 6.28 -13.11 3.68
CA LEU A 38 5.24 -12.09 3.70
C LEU A 38 3.86 -12.71 3.49
N SER A 39 3.79 -13.67 2.57
CA SER A 39 2.53 -14.35 2.27
C SER A 39 2.08 -15.20 3.44
N SER A 40 3.02 -15.90 4.06
CA SER A 40 2.72 -16.76 5.19
C SER A 40 2.26 -15.95 6.39
N ILE A 41 2.91 -14.80 6.60
CA ILE A 41 2.56 -13.92 7.71
C ILE A 41 1.17 -13.34 7.53
N ALA A 42 0.91 -12.79 6.34
CA ALA A 42 -0.39 -12.20 6.04
C ALA A 42 -1.51 -13.23 6.15
N HIS A 43 -1.27 -14.42 5.60
CA HIS A 43 -2.26 -15.48 5.64
C HIS A 43 -2.40 -16.04 7.05
N GLN A 44 -1.31 -16.03 7.81
CA GLN A 44 -1.31 -16.54 9.17
C GLN A 44 -2.16 -15.65 10.08
N LEU A 45 -1.94 -14.35 9.99
CA LEU A 45 -2.69 -13.39 10.80
C LEU A 45 -4.14 -13.29 10.32
N ASP A 46 -4.33 -13.36 9.01
CA ASP A 46 -5.66 -13.28 8.43
C ASP A 46 -6.47 -14.53 8.75
N GLU A 47 -5.85 -15.69 8.61
CA GLU A 47 -6.51 -16.96 8.89
C GLU A 47 -6.84 -17.09 10.37
N GLU A 48 -5.86 -16.80 11.21
CA GLU A 48 -6.04 -16.89 12.66
C GLU A 48 -7.10 -15.89 13.14
N GLU A 49 -7.08 -14.69 12.56
CA GLU A 49 -8.03 -13.65 12.93
C GLU A 49 -9.43 -13.99 12.42
N ARG A 50 -9.49 -14.66 11.27
CA ARG A 50 -10.76 -15.04 10.68
C ARG A 50 -11.42 -16.16 11.48
N MET A 51 -10.63 -17.15 11.86
CA MET A 51 -11.13 -18.27 12.64
C MET A 51 -11.51 -17.83 14.05
N ARG A 52 -10.67 -16.99 14.65
CA ARG A 52 -10.91 -16.50 16.00
C ARG A 52 -12.12 -15.57 16.03
N MET A 53 -12.30 -14.81 14.96
CA MET A 53 -13.42 -13.88 14.87
C MET A 53 -14.73 -14.62 14.63
N ALA A 54 -14.74 -15.50 13.64
CA ALA A 54 -15.92 -16.28 13.31
C ALA A 54 -16.37 -17.13 14.50
N GLU A 55 -15.41 -17.74 15.18
CA GLU A 55 -15.69 -18.58 16.34
C GLU A 55 -16.03 -17.73 17.55
N GLY A 56 -15.89 -16.41 17.41
CA GLY A 56 -16.18 -15.50 18.51
C GLY A 56 -14.99 -15.32 19.43
N GLY A 57 -14.18 -14.31 19.14
CA GLY A 57 -13.01 -14.04 19.96
C GLY A 57 -13.30 -13.06 21.08
N VAL A 58 -12.55 -11.96 21.10
CA VAL A 58 -12.73 -10.94 22.13
C VAL A 58 -13.79 -9.92 21.71
N THR A 59 -13.93 -8.85 22.51
CA THR A 59 -14.90 -7.81 22.22
C THR A 59 -14.26 -6.43 22.28
N SER A 60 -13.30 -6.19 21.38
CA SER A 60 -12.60 -4.91 21.33
C SER A 60 -11.57 -4.90 20.21
N GLU A 61 -10.45 -5.57 20.43
CA GLU A 61 -9.39 -5.64 19.45
C GLU A 61 -9.85 -6.38 18.19
N ASP A 62 -10.62 -7.44 18.39
CA ASP A 62 -11.13 -8.23 17.28
C ASP A 62 -12.11 -7.42 16.43
N TYR A 63 -13.03 -6.72 17.11
CA TYR A 63 -14.02 -5.91 16.42
C TYR A 63 -13.36 -4.79 15.62
N ARG A 64 -12.38 -4.13 16.25
CA ARG A 64 -11.66 -3.04 15.60
C ARG A 64 -10.84 -3.55 14.43
N THR A 65 -10.13 -4.65 14.65
CA THR A 65 -9.30 -5.26 13.61
C THR A 65 -10.11 -5.58 12.37
N PHE A 66 -11.25 -6.24 12.57
CA PHE A 66 -12.12 -6.62 11.46
C PHE A 66 -12.82 -5.39 10.88
N LEU A 67 -13.32 -4.53 11.76
CA LEU A 67 -14.00 -3.32 11.34
C LEU A 67 -13.13 -2.49 10.41
N GLN A 68 -11.83 -2.51 10.65
CA GLN A 68 -10.88 -1.76 9.83
C GLN A 68 -10.71 -2.41 8.47
N GLN A 69 -10.93 -3.72 8.41
CA GLN A 69 -10.81 -4.45 7.15
C GLN A 69 -11.11 -5.93 7.36
N PRO A 70 -11.53 -6.62 6.29
CA PRO A 70 -11.87 -8.04 6.32
C PRO A 70 -10.63 -8.92 6.52
N SER A 71 -10.82 -10.23 6.37
CA SER A 71 -9.72 -11.17 6.54
C SER A 71 -9.13 -11.57 5.19
N GLY A 72 -9.32 -10.71 4.19
CA GLY A 72 -8.81 -10.98 2.87
C GLY A 72 -9.88 -11.45 1.91
N ASN A 73 -9.53 -12.41 1.05
CA ASN A 73 -10.47 -12.94 0.08
C ASN A 73 -9.81 -14.02 -0.78
N MET A 74 -8.90 -14.77 -0.19
CA MET A 74 -8.19 -15.84 -0.90
C MET A 74 -7.24 -15.25 -1.94
N ASP A 75 -7.80 -14.78 -3.05
CA ASP A 75 -7.00 -14.19 -4.13
C ASP A 75 -5.96 -15.19 -4.62
N ASP A 76 -5.15 -14.75 -5.58
CA ASP A 76 -4.11 -15.60 -6.15
C ASP A 76 -2.83 -14.81 -6.40
N SER A 77 -2.66 -13.72 -5.65
CA SER A 77 -1.48 -12.87 -5.80
C SER A 77 -0.34 -13.37 -4.91
N GLY A 78 -0.47 -13.11 -3.61
CA GLY A 78 0.56 -13.53 -2.67
C GLY A 78 0.08 -13.49 -1.24
N PHE A 79 -1.23 -13.58 -1.04
CA PHE A 79 -1.81 -13.55 0.29
C PHE A 79 -1.31 -12.35 1.08
N PHE A 80 -2.00 -11.22 0.94
CA PHE A 80 -1.61 -10.00 1.64
C PHE A 80 -2.84 -9.24 2.12
N SER A 81 -2.62 -8.04 2.66
CA SER A 81 -3.71 -7.22 3.16
C SER A 81 -3.17 -5.92 3.76
N ILE A 82 -4.08 -5.01 4.10
CA ILE A 82 -3.70 -3.73 4.67
C ILE A 82 -3.10 -3.92 6.06
N GLN A 83 -3.52 -4.97 6.76
CA GLN A 83 -3.02 -5.26 8.09
C GLN A 83 -1.52 -5.54 8.05
N VAL A 84 -1.11 -6.41 7.14
CA VAL A 84 0.30 -6.77 7.00
C VAL A 84 1.10 -5.62 6.40
N ILE A 85 0.50 -4.92 5.45
CA ILE A 85 1.17 -3.80 4.80
C ILE A 85 1.40 -2.66 5.78
N SER A 86 0.33 -2.22 6.44
CA SER A 86 0.41 -1.13 7.41
C SER A 86 1.34 -1.50 8.56
N ASN A 87 1.22 -2.74 9.02
CA ASN A 87 2.05 -3.22 10.12
C ASN A 87 3.53 -3.15 9.77
N ALA A 88 3.87 -3.62 8.58
CA ALA A 88 5.25 -3.62 8.11
C ALA A 88 5.79 -2.19 8.03
N LEU A 89 4.96 -1.28 7.54
CA LEU A 89 5.36 0.12 7.41
C LEU A 89 5.63 0.74 8.77
N LYS A 90 4.70 0.55 9.70
CA LYS A 90 4.84 1.09 11.05
C LYS A 90 6.12 0.59 11.70
N VAL A 91 6.42 -0.69 11.52
CA VAL A 91 7.61 -1.30 12.09
C VAL A 91 8.87 -0.56 11.63
N TRP A 92 8.80 0.02 10.43
CA TRP A 92 9.94 0.75 9.87
C TRP A 92 9.86 2.23 10.25
N GLY A 93 8.66 2.69 10.58
CA GLY A 93 8.48 4.08 10.94
C GLY A 93 7.53 4.82 10.01
N LEU A 94 6.99 4.08 9.04
CA LEU A 94 6.06 4.68 8.08
C LEU A 94 4.61 4.45 8.50
N GLU A 95 3.76 5.43 8.24
CA GLU A 95 2.35 5.34 8.60
C GLU A 95 1.46 5.51 7.36
N LEU A 96 0.29 4.88 7.39
CA LEU A 96 -0.64 4.97 6.27
C LEU A 96 -1.89 5.75 6.67
N ILE A 97 -2.40 6.56 5.75
CA ILE A 97 -3.59 7.36 6.01
C ILE A 97 -4.45 7.47 4.75
N LEU A 98 -5.76 7.46 4.94
CA LEU A 98 -6.70 7.56 3.83
C LEU A 98 -6.67 8.96 3.22
N PHE A 99 -6.69 9.02 1.89
CA PHE A 99 -6.66 10.29 1.17
C PHE A 99 -7.91 11.12 1.50
N ASN A 100 -8.93 10.46 2.04
CA ASN A 100 -10.17 11.12 2.38
C ASN A 100 -10.48 10.97 3.88
N SER A 101 -9.43 10.81 4.68
CA SER A 101 -9.58 10.64 6.11
C SER A 101 -9.50 11.98 6.83
N PRO A 102 -10.03 12.03 8.06
CA PRO A 102 -10.03 13.25 8.87
C PRO A 102 -8.64 13.63 9.35
N GLU A 103 -7.80 12.62 9.59
CA GLU A 103 -6.43 12.85 10.04
C GLU A 103 -5.58 13.46 8.93
N TYR A 104 -5.81 13.00 7.71
CA TYR A 104 -5.07 13.49 6.56
C TYR A 104 -5.39 14.95 6.28
N GLN A 105 -6.68 15.28 6.31
CA GLN A 105 -7.13 16.64 6.07
C GLN A 105 -6.66 17.59 7.16
N ARG A 106 -6.65 17.08 8.40
CA ARG A 106 -6.23 17.88 9.55
C ARG A 106 -4.82 18.44 9.33
N LEU A 107 -4.00 17.69 8.60
CA LEU A 107 -2.62 18.10 8.33
C LEU A 107 -2.54 18.78 6.97
N ARG A 108 -3.50 18.50 6.10
CA ARG A 108 -3.53 19.08 4.76
C ARG A 108 -2.21 18.82 4.02
N ILE A 109 -1.69 17.61 4.18
CA ILE A 109 -0.43 17.24 3.52
C ILE A 109 -0.61 17.11 2.02
N ASP A 110 0.14 17.92 1.27
CA ASP A 110 0.07 17.90 -0.19
C ASP A 110 0.62 16.59 -0.74
N PRO A 111 0.18 16.23 -1.95
CA PRO A 111 0.61 14.99 -2.61
C PRO A 111 2.07 15.05 -3.05
N ILE A 112 2.42 16.13 -3.75
CA ILE A 112 3.79 16.31 -4.24
C ILE A 112 4.76 16.51 -3.08
N ASN A 113 4.23 16.89 -1.93
CA ASN A 113 5.04 17.11 -0.74
C ASN A 113 5.26 15.81 0.02
N GLU A 114 4.37 14.85 -0.20
CA GLU A 114 4.47 13.55 0.46
C GLU A 114 5.69 12.77 -0.04
N ARG A 115 5.88 11.58 0.52
CA ARG A 115 7.02 10.74 0.14
C ARG A 115 6.54 9.52 -0.66
N SER A 116 5.75 8.67 -0.01
CA SER A 116 5.23 7.48 -0.65
C SER A 116 3.72 7.57 -0.85
N PHE A 117 3.22 6.92 -1.89
CA PHE A 117 1.79 6.93 -2.19
C PHE A 117 1.32 5.54 -2.62
N ILE A 118 0.04 5.26 -2.35
CA ILE A 118 -0.53 3.96 -2.70
C ILE A 118 -1.92 4.14 -3.31
N CYS A 119 -2.15 3.45 -4.42
CA CYS A 119 -3.44 3.53 -5.11
C CYS A 119 -4.12 2.15 -5.15
N ASN A 120 -5.43 2.14 -4.99
CA ASN A 120 -6.20 0.90 -5.01
C ASN A 120 -7.49 1.06 -5.80
N TYR A 121 -7.64 0.26 -6.85
CA TYR A 121 -8.83 0.32 -7.69
C TYR A 121 -9.66 -0.95 -7.55
N LYS A 122 -10.72 -0.87 -6.74
CA LYS A 122 -11.59 -2.01 -6.51
C LYS A 122 -10.82 -3.20 -5.96
N GLU A 123 -10.26 -4.01 -6.85
CA GLU A 123 -9.49 -5.18 -6.44
C GLU A 123 -8.06 -5.11 -6.99
N HIS A 124 -7.63 -3.90 -7.31
CA HIS A 124 -6.28 -3.69 -7.85
C HIS A 124 -5.44 -2.86 -6.88
N TRP A 125 -4.14 -3.14 -6.84
CA TRP A 125 -3.22 -2.43 -5.95
C TRP A 125 -2.06 -1.86 -6.75
N PHE A 126 -1.67 -0.63 -6.42
CA PHE A 126 -0.56 0.04 -7.09
C PHE A 126 0.35 0.74 -6.09
N THR A 127 1.66 0.61 -6.29
CA THR A 127 2.63 1.23 -5.40
C THR A 127 3.31 2.41 -6.08
N VAL A 128 3.23 3.59 -5.45
CA VAL A 128 3.85 4.79 -5.99
C VAL A 128 4.84 5.39 -5.00
N ARG A 129 5.99 5.80 -5.51
CA ARG A 129 7.03 6.40 -4.67
C ARG A 129 7.61 7.64 -5.33
N LYS A 130 8.08 8.58 -4.51
CA LYS A 130 8.66 9.81 -5.01
C LYS A 130 10.17 9.65 -5.23
N LEU A 131 10.63 10.08 -6.40
CA LEU A 131 12.04 9.98 -6.75
C LEU A 131 12.59 11.33 -7.20
N GLY A 132 13.36 11.99 -6.35
CA GLY A 132 13.93 13.27 -6.68
C GLY A 132 12.87 14.33 -6.91
N LYS A 133 12.77 14.82 -8.15
CA LYS A 133 11.80 15.85 -8.50
C LYS A 133 10.70 15.26 -9.37
N GLN A 134 10.63 13.93 -9.43
CA GLN A 134 9.62 13.26 -10.23
C GLN A 134 9.09 12.03 -9.50
N TRP A 135 7.85 11.66 -9.82
CA TRP A 135 7.22 10.50 -9.19
C TRP A 135 7.46 9.24 -10.00
N PHE A 136 7.38 8.08 -9.35
CA PHE A 136 7.60 6.81 -10.02
C PHE A 136 6.59 5.77 -9.54
N ASN A 137 5.95 5.08 -10.48
CA ASN A 137 4.96 4.07 -10.17
C ASN A 137 5.54 2.66 -10.34
N LEU A 138 4.93 1.69 -9.69
CA LEU A 138 5.38 0.31 -9.77
C LEU A 138 4.30 -0.65 -9.28
N ASN A 139 4.26 -1.83 -9.88
CA ASN A 139 3.26 -2.84 -9.51
C ASN A 139 3.76 -4.24 -9.86
N SER A 140 3.34 -5.23 -9.07
CA SER A 140 3.74 -6.62 -9.30
C SER A 140 3.34 -7.07 -10.70
N LEU A 141 2.27 -6.48 -11.22
CA LEU A 141 1.78 -6.83 -12.55
C LEU A 141 2.82 -6.50 -13.62
N LEU A 142 3.61 -5.46 -13.36
CA LEU A 142 4.66 -5.05 -14.29
C LEU A 142 6.04 -5.22 -13.69
N THR A 143 7.07 -5.05 -14.50
CA THR A 143 8.45 -5.18 -14.04
C THR A 143 9.21 -3.87 -14.19
N GLY A 144 8.67 -2.96 -14.99
CA GLY A 144 9.31 -1.68 -15.21
C GLY A 144 8.56 -0.55 -14.53
N PRO A 145 9.32 0.42 -13.99
CA PRO A 145 8.75 1.59 -13.30
C PRO A 145 8.04 2.54 -14.26
N GLU A 146 7.25 3.46 -13.70
CA GLU A 146 6.52 4.42 -14.51
C GLU A 146 6.79 5.85 -14.03
N LEU A 147 7.48 6.62 -14.86
CA LEU A 147 7.81 8.00 -14.53
C LEU A 147 6.60 8.90 -14.70
N ILE A 148 6.30 9.70 -13.68
CA ILE A 148 5.17 10.61 -13.72
C ILE A 148 5.55 11.98 -13.16
N SER A 149 5.04 13.03 -13.80
CA SER A 149 5.33 14.39 -13.37
C SER A 149 4.49 14.76 -12.16
N ASP A 150 5.11 15.45 -11.19
CA ASP A 150 4.42 15.86 -9.98
C ASP A 150 3.18 16.69 -10.32
N THR A 151 3.32 17.59 -11.30
CA THR A 151 2.22 18.44 -11.70
C THR A 151 1.08 17.62 -12.28
N TYR A 152 1.39 16.43 -12.78
CA TYR A 152 0.39 15.55 -13.36
C TYR A 152 -0.11 14.54 -12.33
N LEU A 153 0.75 14.22 -11.36
CA LEU A 153 0.41 13.26 -10.31
C LEU A 153 -0.72 13.80 -9.44
N ALA A 154 -0.58 15.04 -9.00
CA ALA A 154 -1.58 15.67 -8.15
C ALA A 154 -2.98 15.57 -8.79
N LEU A 155 -3.05 15.92 -10.06
CA LEU A 155 -4.32 15.88 -10.79
C LEU A 155 -4.73 14.43 -11.07
N PHE A 156 -3.75 13.60 -11.39
CA PHE A 156 -4.02 12.20 -11.69
C PHE A 156 -4.75 11.52 -10.53
N LEU A 157 -4.18 11.64 -9.34
CA LEU A 157 -4.77 11.05 -8.15
C LEU A 157 -6.07 11.75 -7.77
N ALA A 158 -6.07 13.08 -7.87
CA ALA A 158 -7.24 13.88 -7.54
C ALA A 158 -8.43 13.46 -8.40
N GLN A 159 -8.16 12.99 -9.62
CA GLN A 159 -9.21 12.56 -10.52
C GLN A 159 -9.85 11.27 -10.05
N LEU A 160 -9.03 10.38 -9.48
CA LEU A 160 -9.52 9.10 -8.98
C LEU A 160 -10.35 9.29 -7.72
N GLN A 161 -9.81 10.03 -6.76
CA GLN A 161 -10.51 10.28 -5.50
C GLN A 161 -11.80 11.06 -5.74
N GLN A 162 -11.72 12.06 -6.62
CA GLN A 162 -12.88 12.89 -6.94
C GLN A 162 -13.91 12.09 -7.74
N GLU A 163 -13.46 11.01 -8.36
CA GLU A 163 -14.33 10.16 -9.16
C GLU A 163 -14.99 9.09 -8.29
N GLY A 164 -14.17 8.22 -7.69
CA GLY A 164 -14.69 7.17 -6.85
C GLY A 164 -13.74 6.00 -6.73
N TYR A 165 -12.49 6.29 -6.40
CA TYR A 165 -11.47 5.26 -6.26
C TYR A 165 -10.90 5.25 -4.85
N SER A 166 -9.90 4.40 -4.63
CA SER A 166 -9.27 4.29 -3.31
C SER A 166 -7.81 4.76 -3.37
N ILE A 167 -7.50 5.78 -2.57
CA ILE A 167 -6.14 6.32 -2.53
C ILE A 167 -5.63 6.41 -1.09
N PHE A 168 -4.43 5.91 -0.87
CA PHE A 168 -3.82 5.93 0.45
C PHE A 168 -2.52 6.71 0.45
N VAL A 169 -2.16 7.29 1.59
CA VAL A 169 -0.94 8.07 1.71
C VAL A 169 0.05 7.39 2.65
N VAL A 170 1.28 7.21 2.19
CA VAL A 170 2.32 6.58 2.99
C VAL A 170 3.42 7.56 3.34
N LYS A 171 3.49 7.95 4.62
CA LYS A 171 4.50 8.89 5.08
C LYS A 171 5.48 8.21 6.04
N GLY A 172 6.71 8.69 6.05
CA GLY A 172 7.72 8.12 6.92
C GLY A 172 9.10 8.09 6.28
N ASP A 173 10.06 7.48 6.97
CA ASP A 173 11.42 7.38 6.46
C ASP A 173 11.78 5.94 6.15
N LEU A 174 12.66 5.75 5.17
CA LEU A 174 13.08 4.41 4.76
C LEU A 174 14.50 4.13 5.26
N PRO A 175 14.83 2.84 5.42
CA PRO A 175 16.15 2.41 5.89
C PRO A 175 17.24 2.65 4.85
N ASP A 176 16.91 2.40 3.59
CA ASP A 176 17.87 2.60 2.50
C ASP A 176 17.98 4.07 2.14
N MET A 6 17.12 3.93 -15.71
CA MET A 6 16.53 3.43 -14.47
C MET A 6 17.47 2.44 -13.78
N GLU A 7 18.77 2.62 -13.97
CA GLU A 7 19.77 1.75 -13.38
C GLU A 7 19.79 1.90 -11.86
N SER A 8 19.38 3.07 -11.38
CA SER A 8 19.36 3.35 -9.95
C SER A 8 18.13 2.72 -9.30
N ILE A 9 17.11 2.45 -10.10
CA ILE A 9 15.88 1.85 -9.61
C ILE A 9 15.98 0.32 -9.59
N PHE A 10 15.58 -0.27 -8.47
CA PHE A 10 15.61 -1.72 -8.32
C PHE A 10 14.60 -2.39 -9.25
N HIS A 11 15.11 -3.11 -10.25
CA HIS A 11 14.25 -3.79 -11.20
C HIS A 11 14.19 -5.29 -10.90
N GLU A 12 13.01 -5.77 -10.53
CA GLU A 12 12.82 -7.17 -10.21
C GLU A 12 11.82 -7.82 -11.17
N LYS A 13 12.17 -8.99 -11.69
CA LYS A 13 11.30 -9.72 -12.61
C LYS A 13 10.50 -10.79 -11.88
N GLN A 14 9.18 -10.60 -11.84
CA GLN A 14 8.30 -11.56 -11.17
C GLN A 14 7.00 -11.73 -11.94
N GLU A 15 6.60 -12.98 -12.15
CA GLU A 15 5.37 -13.28 -12.88
C GLU A 15 4.16 -13.17 -11.96
N GLY A 16 3.16 -12.41 -12.39
CA GLY A 16 1.95 -12.23 -11.61
C GLY A 16 1.57 -10.79 -11.43
N SER A 17 0.69 -10.51 -10.49
CA SER A 17 0.23 -9.15 -10.23
C SER A 17 -0.36 -9.03 -8.83
N LEU A 18 -0.49 -7.80 -8.36
CA LEU A 18 -1.04 -7.54 -7.04
C LEU A 18 -0.30 -8.33 -5.97
N CYS A 19 0.97 -8.00 -5.76
CA CYS A 19 1.80 -8.67 -4.78
C CYS A 19 2.19 -7.72 -3.64
N ALA A 20 2.07 -8.19 -2.41
CA ALA A 20 2.42 -7.37 -1.25
C ALA A 20 3.93 -7.19 -1.15
N GLN A 21 4.67 -8.27 -1.28
CA GLN A 21 6.13 -8.23 -1.20
C GLN A 21 6.70 -7.29 -2.26
N HIS A 22 6.08 -7.30 -3.44
CA HIS A 22 6.53 -6.45 -4.54
C HIS A 22 6.38 -4.97 -4.18
N CYS A 23 5.30 -4.65 -3.49
CA CYS A 23 5.03 -3.27 -3.09
C CYS A 23 6.02 -2.83 -2.01
N LEU A 24 6.22 -3.67 -1.01
CA LEU A 24 7.14 -3.36 0.08
C LEU A 24 8.59 -3.31 -0.41
N ASN A 25 8.98 -4.31 -1.18
CA ASN A 25 10.33 -4.38 -1.72
C ASN A 25 10.61 -3.18 -2.63
N ASN A 26 9.64 -2.87 -3.49
CA ASN A 26 9.78 -1.75 -4.41
C ASN A 26 9.75 -0.42 -3.68
N LEU A 27 8.84 -0.31 -2.71
CA LEU A 27 8.70 0.91 -1.92
C LEU A 27 9.99 1.23 -1.19
N LEU A 28 10.65 0.20 -0.66
CA LEU A 28 11.90 0.37 0.06
C LEU A 28 13.07 0.55 -0.90
N GLN A 29 12.78 0.49 -2.19
CA GLN A 29 13.81 0.66 -3.22
C GLN A 29 14.86 -0.44 -3.10
N GLY A 30 14.43 -1.63 -2.71
CA GLY A 30 15.37 -2.74 -2.57
C GLY A 30 14.74 -3.92 -1.86
N GLU A 31 15.16 -5.13 -2.25
CA GLU A 31 14.63 -6.35 -1.65
C GLU A 31 15.11 -6.49 -0.21
N TYR A 32 14.36 -5.92 0.72
CA TYR A 32 14.70 -5.99 2.14
C TYR A 32 13.87 -7.05 2.86
N PHE A 33 12.72 -7.37 2.29
CA PHE A 33 11.83 -8.36 2.87
C PHE A 33 11.56 -9.49 1.88
N SER A 34 11.24 -10.67 2.42
CA SER A 34 10.96 -11.83 1.58
C SER A 34 9.46 -12.06 1.43
N PRO A 35 9.05 -12.66 0.31
CA PRO A 35 7.64 -12.94 0.02
C PRO A 35 7.07 -14.03 0.93
N VAL A 36 7.88 -15.04 1.19
CA VAL A 36 7.46 -16.16 2.05
C VAL A 36 7.28 -15.69 3.50
N GLU A 37 8.24 -14.90 3.97
CA GLU A 37 8.19 -14.40 5.34
C GLU A 37 6.98 -13.48 5.54
N LEU A 38 6.79 -12.54 4.62
CA LEU A 38 5.68 -11.60 4.69
C LEU A 38 4.35 -12.33 4.53
N SER A 39 4.34 -13.37 3.71
CA SER A 39 3.13 -14.14 3.47
C SER A 39 2.69 -14.86 4.74
N SER A 40 3.64 -15.44 5.45
CA SER A 40 3.36 -16.16 6.68
C SER A 40 2.92 -15.20 7.78
N ILE A 41 3.54 -14.02 7.80
CA ILE A 41 3.21 -13.01 8.81
C ILE A 41 1.78 -12.51 8.64
N ALA A 42 1.40 -12.19 7.41
CA ALA A 42 0.07 -11.70 7.12
C ALA A 42 -0.98 -12.78 7.40
N HIS A 43 -0.70 -14.00 6.96
CA HIS A 43 -1.61 -15.12 7.16
C HIS A 43 -1.68 -15.51 8.64
N GLN A 44 -0.57 -15.33 9.35
CA GLN A 44 -0.51 -15.65 10.77
C GLN A 44 -1.39 -14.70 11.58
N LEU A 45 -1.23 -13.40 11.34
CA LEU A 45 -2.00 -12.40 12.05
C LEU A 45 -3.47 -12.45 11.66
N ASP A 46 -3.73 -12.74 10.38
CA ASP A 46 -5.09 -12.83 9.87
C ASP A 46 -5.81 -14.03 10.47
N GLU A 47 -5.14 -15.19 10.47
CA GLU A 47 -5.73 -16.40 11.02
C GLU A 47 -6.00 -16.25 12.51
N GLU A 48 -4.99 -15.85 13.26
CA GLU A 48 -5.12 -15.67 14.70
C GLU A 48 -6.24 -14.68 15.03
N GLU A 49 -6.31 -13.60 14.26
CA GLU A 49 -7.32 -12.58 14.47
C GLU A 49 -8.72 -13.13 14.14
N ARG A 50 -8.77 -14.04 13.17
CA ARG A 50 -10.03 -14.64 12.77
C ARG A 50 -10.64 -15.45 13.91
N MET A 51 -9.81 -16.25 14.58
CA MET A 51 -10.26 -17.08 15.68
C MET A 51 -10.61 -16.22 16.89
N ARG A 52 -9.68 -15.36 17.29
CA ARG A 52 -9.89 -14.49 18.43
C ARG A 52 -11.14 -13.62 18.24
N MET A 53 -11.40 -13.24 16.99
CA MET A 53 -12.55 -12.42 16.67
C MET A 53 -13.84 -13.23 16.76
N ALA A 54 -13.86 -14.38 16.12
CA ALA A 54 -15.03 -15.25 16.14
C ALA A 54 -15.48 -15.55 17.56
N GLU A 55 -14.53 -15.96 18.40
CA GLU A 55 -14.82 -16.27 19.79
C GLU A 55 -15.38 -15.06 20.52
N GLY A 56 -15.13 -13.87 19.96
CA GLY A 56 -15.62 -12.66 20.58
C GLY A 56 -14.49 -11.69 20.92
N GLY A 57 -14.64 -11.00 22.04
CA GLY A 57 -13.62 -10.04 22.45
C GLY A 57 -14.22 -8.78 23.05
N VAL A 58 -13.68 -8.33 24.17
CA VAL A 58 -14.17 -7.12 24.83
C VAL A 58 -13.01 -6.18 25.15
N THR A 59 -12.68 -5.32 24.20
CA THR A 59 -11.59 -4.37 24.38
C THR A 59 -11.45 -3.45 23.17
N SER A 60 -10.69 -2.37 23.34
CA SER A 60 -10.49 -1.41 22.26
C SER A 60 -10.01 -2.12 20.99
N GLU A 61 -8.97 -2.92 21.12
CA GLU A 61 -8.42 -3.66 19.98
C GLU A 61 -9.50 -4.47 19.28
N ASP A 62 -10.30 -5.18 20.08
CA ASP A 62 -11.38 -5.99 19.53
C ASP A 62 -12.40 -5.13 18.79
N TYR A 63 -12.71 -3.97 19.35
CA TYR A 63 -13.66 -3.05 18.75
C TYR A 63 -13.20 -2.61 17.35
N ARG A 64 -11.96 -2.13 17.28
CA ARG A 64 -11.40 -1.68 16.01
C ARG A 64 -11.21 -2.85 15.05
N THR A 65 -10.66 -3.95 15.57
CA THR A 65 -10.42 -5.14 14.76
C THR A 65 -11.72 -5.64 14.12
N PHE A 66 -12.76 -5.77 14.94
CA PHE A 66 -14.05 -6.23 14.47
C PHE A 66 -14.67 -5.24 13.48
N LEU A 67 -14.57 -3.96 13.81
CA LEU A 67 -15.12 -2.91 12.96
C LEU A 67 -14.54 -2.99 11.55
N GLN A 68 -13.23 -3.21 11.47
CA GLN A 68 -12.56 -3.32 10.18
C GLN A 68 -12.50 -4.77 9.71
N GLN A 69 -13.10 -5.67 10.50
CA GLN A 69 -13.12 -7.08 10.16
C GLN A 69 -11.71 -7.66 10.18
N PRO A 70 -11.62 -8.98 10.42
CA PRO A 70 -10.33 -9.68 10.47
C PRO A 70 -9.68 -9.80 9.10
N SER A 71 -8.42 -10.23 9.07
CA SER A 71 -7.69 -10.38 7.83
C SER A 71 -7.32 -9.02 7.24
N GLY A 72 -8.33 -8.28 6.79
CA GLY A 72 -8.08 -6.97 6.21
C GLY A 72 -8.75 -6.80 4.86
N ASN A 73 -8.07 -6.11 3.95
CA ASN A 73 -8.60 -5.87 2.62
C ASN A 73 -8.30 -7.05 1.69
N MET A 74 -8.68 -8.25 2.13
CA MET A 74 -8.45 -9.45 1.34
C MET A 74 -9.67 -9.77 0.47
N ASP A 75 -9.55 -9.50 -0.82
CA ASP A 75 -10.65 -9.76 -1.76
C ASP A 75 -10.24 -9.38 -3.18
N ASP A 76 -9.58 -8.24 -3.32
CA ASP A 76 -9.14 -7.76 -4.62
C ASP A 76 -8.24 -8.79 -5.30
N SER A 77 -7.33 -9.38 -4.53
CA SER A 77 -6.41 -10.38 -5.06
C SER A 77 -6.58 -11.71 -4.34
N GLY A 78 -6.96 -11.65 -3.07
CA GLY A 78 -7.16 -12.86 -2.29
C GLY A 78 -5.93 -13.23 -1.47
N PHE A 79 -5.04 -12.27 -1.28
CA PHE A 79 -3.83 -12.50 -0.51
C PHE A 79 -3.42 -11.23 0.25
N PHE A 80 -2.73 -11.42 1.37
CA PHE A 80 -2.29 -10.29 2.19
C PHE A 80 -3.45 -9.37 2.53
N SER A 81 -3.14 -8.24 3.16
CA SER A 81 -4.16 -7.27 3.55
C SER A 81 -3.51 -5.96 4.00
N ILE A 82 -4.34 -4.94 4.19
CA ILE A 82 -3.86 -3.64 4.62
C ILE A 82 -3.29 -3.71 6.03
N GLN A 83 -3.81 -4.62 6.84
CA GLN A 83 -3.35 -4.80 8.21
C GLN A 83 -1.87 -5.16 8.25
N VAL A 84 -1.49 -6.16 7.45
CA VAL A 84 -0.11 -6.61 7.39
C VAL A 84 0.77 -5.59 6.69
N ILE A 85 0.23 -4.98 5.64
CA ILE A 85 0.97 -3.98 4.87
C ILE A 85 1.28 -2.76 5.73
N SER A 86 0.25 -2.20 6.36
CA SER A 86 0.40 -1.03 7.20
C SER A 86 1.32 -1.32 8.38
N ASN A 87 1.14 -2.49 8.99
CA ASN A 87 1.96 -2.89 10.13
C ASN A 87 3.43 -2.96 9.75
N ALA A 88 3.72 -3.58 8.61
CA ALA A 88 5.09 -3.71 8.13
C ALA A 88 5.72 -2.34 7.90
N LEU A 89 4.96 -1.43 7.30
CA LEU A 89 5.44 -0.09 7.02
C LEU A 89 5.62 0.71 8.31
N LYS A 90 4.64 0.59 9.21
CA LYS A 90 4.70 1.30 10.49
C LYS A 90 5.96 0.93 11.25
N VAL A 91 6.34 -0.35 11.20
CA VAL A 91 7.53 -0.82 11.88
C VAL A 91 8.77 -0.05 11.44
N TRP A 92 8.80 0.33 10.17
CA TRP A 92 9.92 1.07 9.61
C TRP A 92 9.75 2.57 9.86
N GLY A 93 8.51 3.00 10.06
CA GLY A 93 8.25 4.41 10.31
C GLY A 93 7.26 4.98 9.31
N LEU A 94 6.90 4.19 8.30
CA LEU A 94 5.96 4.64 7.28
C LEU A 94 4.53 4.26 7.65
N GLU A 95 3.63 5.23 7.52
CA GLU A 95 2.22 5.01 7.85
C GLU A 95 1.32 5.48 6.72
N LEU A 96 0.25 4.72 6.47
CA LEU A 96 -0.70 5.07 5.41
C LEU A 96 -1.95 5.73 5.99
N ILE A 97 -2.50 6.69 5.26
CA ILE A 97 -3.71 7.39 5.69
C ILE A 97 -4.70 7.53 4.55
N LEU A 98 -5.98 7.43 4.87
CA LEU A 98 -7.05 7.55 3.88
C LEU A 98 -7.15 8.98 3.38
N PHE A 99 -7.00 9.17 2.07
CA PHE A 99 -7.09 10.48 1.46
C PHE A 99 -8.40 11.18 1.84
N ASN A 100 -9.42 10.38 2.12
CA ASN A 100 -10.72 10.91 2.50
C ASN A 100 -10.94 10.80 4.01
N SER A 101 -9.87 11.01 4.77
CA SER A 101 -9.95 10.93 6.22
C SER A 101 -9.64 12.28 6.86
N PRO A 102 -10.06 12.46 8.12
CA PRO A 102 -9.83 13.70 8.86
C PRO A 102 -8.36 13.90 9.23
N GLU A 103 -7.64 12.79 9.38
CA GLU A 103 -6.23 12.86 9.72
C GLU A 103 -5.41 13.46 8.59
N TYR A 104 -5.67 13.00 7.37
CA TYR A 104 -4.96 13.50 6.20
C TYR A 104 -5.18 15.00 6.02
N GLN A 105 -6.43 15.42 6.14
CA GLN A 105 -6.77 16.84 6.00
C GLN A 105 -6.29 17.64 7.19
N ARG A 106 -6.27 17.01 8.36
CA ARG A 106 -5.83 17.67 9.59
C ARG A 106 -4.45 18.30 9.40
N LEU A 107 -3.49 17.51 8.94
CA LEU A 107 -2.13 18.00 8.72
C LEU A 107 -2.03 18.70 7.37
N ARG A 108 -2.95 18.38 6.46
CA ARG A 108 -2.96 18.97 5.13
C ARG A 108 -1.64 18.73 4.41
N ILE A 109 -1.18 17.48 4.44
CA ILE A 109 0.07 17.11 3.78
C ILE A 109 -0.08 17.13 2.27
N ASP A 110 0.72 17.96 1.62
CA ASP A 110 0.69 18.06 0.15
C ASP A 110 1.26 16.80 -0.49
N PRO A 111 0.91 16.58 -1.77
CA PRO A 111 1.36 15.42 -2.53
C PRO A 111 2.85 15.49 -2.85
N ILE A 112 3.29 16.63 -3.36
CA ILE A 112 4.69 16.83 -3.71
C ILE A 112 5.58 16.77 -2.48
N ASN A 113 4.99 17.04 -1.32
CA ASN A 113 5.73 17.03 -0.06
C ASN A 113 5.75 15.61 0.53
N GLU A 114 4.81 14.79 0.11
CA GLU A 114 4.73 13.41 0.59
C GLU A 114 5.97 12.62 0.17
N ARG A 115 6.08 11.40 0.70
CA ARG A 115 7.22 10.54 0.39
C ARG A 115 6.78 9.33 -0.43
N SER A 116 5.83 8.57 0.12
CA SER A 116 5.32 7.39 -0.56
C SER A 116 3.81 7.47 -0.75
N PHE A 117 3.31 6.79 -1.78
CA PHE A 117 1.88 6.79 -2.08
C PHE A 117 1.41 5.40 -2.49
N ILE A 118 0.16 5.08 -2.14
CA ILE A 118 -0.41 3.77 -2.47
C ILE A 118 -1.83 3.92 -2.98
N CYS A 119 -2.10 3.30 -4.12
CA CYS A 119 -3.44 3.36 -4.72
C CYS A 119 -4.12 2.00 -4.67
N ASN A 120 -5.42 2.00 -4.45
CA ASN A 120 -6.19 0.76 -4.39
C ASN A 120 -7.40 0.81 -5.32
N TYR A 121 -7.40 -0.06 -6.33
CA TYR A 121 -8.48 -0.11 -7.30
C TYR A 121 -9.25 -1.43 -7.18
N LYS A 122 -10.56 -1.35 -7.31
CA LYS A 122 -11.42 -2.53 -7.23
C LYS A 122 -10.77 -3.72 -7.94
N GLU A 123 -10.26 -4.67 -7.15
CA GLU A 123 -9.62 -5.85 -7.70
C GLU A 123 -8.30 -5.49 -8.38
N HIS A 124 -7.49 -4.69 -7.69
CA HIS A 124 -6.20 -4.26 -8.22
C HIS A 124 -5.48 -3.35 -7.24
N TRP A 125 -4.16 -3.47 -7.17
CA TRP A 125 -3.36 -2.66 -6.27
C TRP A 125 -2.25 -1.92 -7.03
N PHE A 126 -1.87 -0.76 -6.53
CA PHE A 126 -0.83 0.04 -7.16
C PHE A 126 0.11 0.64 -6.12
N THR A 127 1.41 0.63 -6.41
CA THR A 127 2.41 1.16 -5.50
C THR A 127 3.13 2.36 -6.11
N VAL A 128 3.13 3.47 -5.40
CA VAL A 128 3.79 4.69 -5.87
C VAL A 128 4.85 5.16 -4.88
N ARG A 129 6.01 5.54 -5.40
CA ARG A 129 7.11 6.02 -4.57
C ARG A 129 7.73 7.28 -5.15
N LYS A 130 8.21 8.15 -4.28
CA LYS A 130 8.84 9.40 -4.71
C LYS A 130 10.33 9.21 -4.94
N LEU A 131 10.82 9.67 -6.09
CA LEU A 131 12.23 9.55 -6.42
C LEU A 131 12.81 10.90 -6.82
N GLY A 132 13.77 11.38 -6.05
CA GLY A 132 14.40 12.66 -6.34
C GLY A 132 13.42 13.81 -6.29
N LYS A 133 12.97 14.26 -7.46
CA LYS A 133 12.02 15.36 -7.55
C LYS A 133 10.76 14.94 -8.29
N GLN A 134 10.76 13.69 -8.78
CA GLN A 134 9.62 13.17 -9.51
C GLN A 134 9.11 11.87 -8.87
N TRP A 135 7.88 11.51 -9.19
CA TRP A 135 7.28 10.29 -8.66
C TRP A 135 7.48 9.11 -9.60
N PHE A 136 7.45 7.91 -9.05
CA PHE A 136 7.63 6.70 -9.86
C PHE A 136 6.62 5.63 -9.46
N ASN A 137 5.79 5.22 -10.41
CA ASN A 137 4.78 4.21 -10.16
C ASN A 137 5.29 2.82 -10.56
N LEU A 138 4.96 1.82 -9.74
CA LEU A 138 5.38 0.45 -10.00
C LEU A 138 4.52 -0.54 -9.23
N ASN A 139 4.55 -1.80 -9.65
CA ASN A 139 3.77 -2.85 -9.00
C ASN A 139 4.02 -4.20 -9.66
N SER A 140 3.69 -5.27 -8.94
CA SER A 140 3.88 -6.63 -9.45
C SER A 140 3.09 -6.84 -10.74
N LEU A 141 2.10 -5.97 -10.95
CA LEU A 141 1.26 -6.07 -12.14
C LEU A 141 2.02 -5.63 -13.39
N LEU A 142 2.99 -4.73 -13.20
CA LEU A 142 3.80 -4.24 -14.31
C LEU A 142 5.23 -4.77 -14.23
N THR A 143 6.03 -4.46 -15.24
CA THR A 143 7.42 -4.90 -15.27
C THR A 143 8.38 -3.72 -15.25
N GLY A 144 7.87 -2.54 -15.60
CA GLY A 144 8.69 -1.35 -15.60
C GLY A 144 8.07 -0.20 -14.83
N PRO A 145 8.91 0.72 -14.35
CA PRO A 145 8.47 1.89 -13.58
C PRO A 145 7.71 2.89 -14.43
N GLU A 146 7.03 3.83 -13.78
CA GLU A 146 6.27 4.84 -14.48
C GLU A 146 6.59 6.24 -13.95
N LEU A 147 7.24 7.06 -14.78
CA LEU A 147 7.60 8.41 -14.40
C LEU A 147 6.37 9.32 -14.35
N ILE A 148 6.22 10.03 -13.24
CA ILE A 148 5.08 10.94 -13.08
C ILE A 148 5.53 12.27 -12.48
N SER A 149 5.09 13.37 -13.10
CA SER A 149 5.44 14.70 -12.63
C SER A 149 4.55 15.12 -11.48
N ASP A 150 4.91 16.23 -10.84
CA ASP A 150 4.14 16.76 -9.71
C ASP A 150 2.77 17.25 -10.18
N THR A 151 2.75 17.94 -11.31
CA THR A 151 1.51 18.48 -11.86
C THR A 151 0.62 17.36 -12.39
N TYR A 152 1.24 16.27 -12.82
CA TYR A 152 0.51 15.14 -13.36
C TYR A 152 0.05 14.20 -12.25
N LEU A 153 0.88 14.06 -11.21
CA LEU A 153 0.55 13.21 -10.07
C LEU A 153 -0.63 13.76 -9.30
N ALA A 154 -0.58 15.06 -9.00
CA ALA A 154 -1.65 15.72 -8.26
C ALA A 154 -3.01 15.47 -8.94
N LEU A 155 -3.06 15.69 -10.24
CA LEU A 155 -4.29 15.50 -11.00
C LEU A 155 -4.62 14.02 -11.15
N PHE A 156 -3.58 13.21 -11.36
CA PHE A 156 -3.75 11.77 -11.51
C PHE A 156 -4.48 11.17 -10.32
N LEU A 157 -3.96 11.42 -9.13
CA LEU A 157 -4.56 10.91 -7.90
C LEU A 157 -5.90 11.59 -7.63
N ALA A 158 -5.94 12.90 -7.84
CA ALA A 158 -7.15 13.67 -7.61
C ALA A 158 -8.31 13.13 -8.45
N GLN A 159 -7.98 12.57 -9.61
CA GLN A 159 -9.00 12.01 -10.50
C GLN A 159 -9.58 10.73 -9.92
N LEU A 160 -8.74 9.94 -9.26
CA LEU A 160 -9.17 8.69 -8.65
C LEU A 160 -10.05 8.95 -7.43
N GLN A 161 -9.57 9.80 -6.54
CA GLN A 161 -10.31 10.13 -5.32
C GLN A 161 -11.62 10.82 -5.66
N GLN A 162 -11.57 11.74 -6.62
CA GLN A 162 -12.76 12.47 -7.04
C GLN A 162 -13.73 11.56 -7.79
N GLU A 163 -13.21 10.44 -8.30
CA GLU A 163 -14.03 9.49 -9.04
C GLU A 163 -14.68 8.49 -8.10
N GLY A 164 -13.88 7.58 -7.55
CA GLY A 164 -14.41 6.58 -6.65
C GLY A 164 -13.40 5.49 -6.35
N TYR A 165 -12.13 5.86 -6.25
CA TYR A 165 -11.07 4.91 -5.98
C TYR A 165 -10.60 5.02 -4.52
N SER A 166 -9.56 4.27 -4.19
CA SER A 166 -9.02 4.27 -2.84
C SER A 166 -7.58 4.79 -2.83
N ILE A 167 -7.41 6.05 -2.43
CA ILE A 167 -6.10 6.66 -2.38
C ILE A 167 -5.55 6.68 -0.95
N PHE A 168 -4.38 6.10 -0.75
CA PHE A 168 -3.75 6.06 0.56
C PHE A 168 -2.45 6.84 0.58
N VAL A 169 -2.33 7.77 1.52
CA VAL A 169 -1.13 8.59 1.64
C VAL A 169 -0.14 7.97 2.60
N VAL A 170 1.03 7.59 2.09
CA VAL A 170 2.07 6.98 2.90
C VAL A 170 3.13 8.01 3.29
N LYS A 171 3.17 8.34 4.58
CA LYS A 171 4.15 9.30 5.09
C LYS A 171 4.92 8.73 6.27
N GLY A 172 6.21 9.04 6.33
CA GLY A 172 7.04 8.54 7.41
C GLY A 172 8.52 8.62 7.09
N ASP A 173 9.31 7.80 7.77
CA ASP A 173 10.76 7.78 7.55
C ASP A 173 11.20 6.45 6.95
N LEU A 174 12.03 6.53 5.92
CA LEU A 174 12.52 5.33 5.25
C LEU A 174 13.98 5.05 5.63
N PRO A 175 14.41 3.80 5.44
CA PRO A 175 15.77 3.38 5.75
C PRO A 175 16.80 3.98 4.80
N ASP A 176 16.59 3.78 3.51
CA ASP A 176 17.50 4.31 2.50
C ASP A 176 18.94 4.30 3.00
N MET A 6 17.69 8.07 -11.54
CA MET A 6 17.19 6.76 -11.93
C MET A 6 18.30 5.92 -12.55
N GLU A 7 19.37 5.73 -11.80
CA GLU A 7 20.52 4.94 -12.27
C GLU A 7 20.83 3.81 -11.30
N SER A 8 19.82 3.37 -10.55
CA SER A 8 20.00 2.30 -9.59
C SER A 8 18.65 1.67 -9.22
N ILE A 9 17.70 1.73 -10.14
CA ILE A 9 16.37 1.18 -9.92
C ILE A 9 16.36 -0.33 -10.13
N PHE A 10 15.72 -1.04 -9.20
CA PHE A 10 15.64 -2.50 -9.29
C PHE A 10 14.79 -2.93 -10.47
N HIS A 11 15.43 -3.52 -11.47
CA HIS A 11 14.73 -3.98 -12.67
C HIS A 11 14.44 -5.48 -12.59
N GLU A 12 13.16 -5.83 -12.70
CA GLU A 12 12.75 -7.23 -12.63
C GLU A 12 11.24 -7.37 -12.80
N LYS A 13 10.82 -8.40 -13.52
CA LYS A 13 9.41 -8.64 -13.76
C LYS A 13 9.00 -10.03 -13.29
N GLN A 14 7.82 -10.13 -12.69
CA GLN A 14 7.32 -11.41 -12.19
C GLN A 14 5.82 -11.54 -12.43
N GLU A 15 5.31 -12.77 -12.37
CA GLU A 15 3.90 -13.03 -12.58
C GLU A 15 3.17 -13.18 -11.26
N GLY A 16 2.15 -12.35 -11.05
CA GLY A 16 1.39 -12.42 -9.81
C GLY A 16 0.37 -11.30 -9.70
N SER A 17 0.84 -10.06 -9.79
CA SER A 17 -0.04 -8.90 -9.69
C SER A 17 -0.64 -8.80 -8.29
N LEU A 18 -0.83 -7.57 -7.83
CA LEU A 18 -1.40 -7.33 -6.51
C LEU A 18 -0.67 -8.13 -5.44
N CYS A 19 0.62 -7.85 -5.28
CA CYS A 19 1.44 -8.55 -4.30
C CYS A 19 1.94 -7.58 -3.22
N ALA A 20 1.83 -7.99 -1.97
CA ALA A 20 2.26 -7.16 -0.85
C ALA A 20 3.78 -7.07 -0.80
N GLN A 21 4.45 -8.21 -0.92
CA GLN A 21 5.90 -8.25 -0.88
C GLN A 21 6.50 -7.40 -2.00
N HIS A 22 5.95 -7.54 -3.20
CA HIS A 22 6.42 -6.78 -4.35
C HIS A 22 6.30 -5.29 -4.11
N CYS A 23 5.18 -4.87 -3.52
CA CYS A 23 4.93 -3.47 -3.23
C CYS A 23 5.90 -2.95 -2.16
N LEU A 24 6.07 -3.74 -1.10
CA LEU A 24 6.97 -3.36 -0.01
C LEU A 24 8.42 -3.36 -0.47
N ASN A 25 8.82 -4.43 -1.15
CA ASN A 25 10.18 -4.56 -1.64
C ASN A 25 10.53 -3.40 -2.57
N ASN A 26 9.61 -3.07 -3.47
CA ASN A 26 9.82 -1.98 -4.42
C ASN A 26 9.84 -0.63 -3.70
N LEU A 27 8.91 -0.46 -2.76
CA LEU A 27 8.82 0.78 -2.00
C LEU A 27 10.08 0.99 -1.15
N LEU A 28 10.70 -0.11 -0.74
CA LEU A 28 11.91 -0.05 0.07
C LEU A 28 13.14 0.19 -0.79
N GLN A 29 12.92 0.34 -2.09
CA GLN A 29 14.01 0.58 -3.03
C GLN A 29 14.93 -0.64 -3.10
N GLY A 30 14.46 -1.76 -2.58
CA GLY A 30 15.25 -2.97 -2.60
C GLY A 30 14.64 -4.09 -1.78
N GLU A 31 15.08 -5.32 -2.02
CA GLU A 31 14.55 -6.47 -1.30
C GLU A 31 15.07 -6.49 0.14
N TYR A 32 14.21 -6.11 1.07
CA TYR A 32 14.58 -6.07 2.48
C TYR A 32 14.08 -7.32 3.21
N PHE A 33 13.28 -8.11 2.51
CA PHE A 33 12.74 -9.35 3.08
C PHE A 33 12.31 -10.31 1.98
N SER A 34 12.22 -11.59 2.33
CA SER A 34 11.84 -12.63 1.38
C SER A 34 10.32 -12.71 1.25
N PRO A 35 9.84 -13.16 0.08
CA PRO A 35 8.41 -13.29 -0.20
C PRO A 35 7.77 -14.42 0.61
N VAL A 36 8.55 -15.47 0.87
CA VAL A 36 8.07 -16.62 1.63
C VAL A 36 7.65 -16.21 3.03
N GLU A 37 8.50 -15.42 3.69
CA GLU A 37 8.22 -14.95 5.05
C GLU A 37 7.07 -13.96 5.05
N LEU A 38 7.13 -12.98 4.16
CA LEU A 38 6.10 -11.96 4.06
C LEU A 38 4.74 -12.59 3.74
N SER A 39 4.76 -13.58 2.86
CA SER A 39 3.54 -14.27 2.44
C SER A 39 2.95 -15.05 3.61
N SER A 40 3.81 -15.74 4.35
CA SER A 40 3.36 -16.54 5.50
C SER A 40 2.69 -15.66 6.54
N ILE A 41 3.34 -14.54 6.89
CA ILE A 41 2.79 -13.62 7.88
C ILE A 41 1.46 -13.04 7.41
N ALA A 42 1.44 -12.55 6.17
CA ALA A 42 0.23 -11.97 5.60
C ALA A 42 -0.91 -12.97 5.60
N HIS A 43 -0.63 -14.20 5.15
CA HIS A 43 -1.65 -15.25 5.11
C HIS A 43 -2.22 -15.50 6.49
N GLN A 44 -1.36 -15.59 7.49
CA GLN A 44 -1.79 -15.84 8.86
C GLN A 44 -2.67 -14.70 9.36
N LEU A 45 -2.29 -13.48 9.01
CA LEU A 45 -3.04 -12.30 9.43
C LEU A 45 -4.46 -12.33 8.88
N ASP A 46 -4.58 -12.66 7.59
CA ASP A 46 -5.88 -12.73 6.93
C ASP A 46 -6.73 -13.84 7.55
N GLU A 47 -6.13 -15.00 7.74
CA GLU A 47 -6.83 -16.14 8.32
C GLU A 47 -7.27 -15.85 9.75
N GLU A 48 -6.32 -15.36 10.56
CA GLU A 48 -6.60 -15.05 11.95
C GLU A 48 -7.69 -13.98 12.06
N GLU A 49 -7.67 -13.02 11.14
CA GLU A 49 -8.66 -11.95 11.13
C GLU A 49 -10.00 -12.45 10.61
N ARG A 50 -9.96 -13.35 9.64
CA ARG A 50 -11.18 -13.91 9.05
C ARG A 50 -11.96 -14.70 10.09
N MET A 51 -11.25 -15.55 10.84
CA MET A 51 -11.89 -16.37 11.87
C MET A 51 -12.29 -15.52 13.07
N ARG A 52 -11.46 -14.55 13.41
CA ARG A 52 -11.73 -13.66 14.53
C ARG A 52 -13.05 -12.92 14.34
N MET A 53 -13.20 -12.30 13.17
CA MET A 53 -14.42 -11.55 12.85
C MET A 53 -15.59 -12.50 12.58
N ALA A 54 -15.29 -13.61 11.93
CA ALA A 54 -16.30 -14.60 11.59
C ALA A 54 -17.05 -15.05 12.84
N GLU A 55 -16.31 -15.41 13.88
CA GLU A 55 -16.90 -15.86 15.13
C GLU A 55 -17.60 -14.71 15.85
N GLY A 56 -17.36 -13.49 15.37
CA GLY A 56 -17.97 -12.32 15.98
C GLY A 56 -16.94 -11.27 16.37
N GLY A 57 -17.16 -10.64 17.52
CA GLY A 57 -16.25 -9.61 17.99
C GLY A 57 -16.49 -8.27 17.33
N VAL A 58 -17.14 -7.37 18.05
CA VAL A 58 -17.43 -6.04 17.52
C VAL A 58 -16.28 -5.08 17.79
N THR A 59 -15.47 -4.84 16.76
CA THR A 59 -14.33 -3.92 16.89
C THR A 59 -14.20 -3.04 15.66
N SER A 60 -14.09 -1.74 15.88
CA SER A 60 -13.95 -0.78 14.79
C SER A 60 -12.81 -1.18 13.86
N GLU A 61 -11.65 -1.45 14.44
CA GLU A 61 -10.47 -1.84 13.66
C GLU A 61 -10.79 -3.03 12.76
N ASP A 62 -11.54 -4.00 13.31
CA ASP A 62 -11.91 -5.19 12.55
C ASP A 62 -12.84 -4.83 11.40
N TYR A 63 -13.76 -3.91 11.66
CA TYR A 63 -14.71 -3.49 10.64
C TYR A 63 -13.99 -2.85 9.45
N ARG A 64 -13.14 -1.88 9.73
CA ARG A 64 -12.38 -1.19 8.69
C ARG A 64 -11.45 -2.17 7.96
N THR A 65 -10.79 -3.02 8.73
CA THR A 65 -9.86 -3.99 8.16
C THR A 65 -10.55 -4.88 7.14
N PHE A 66 -11.71 -5.42 7.52
CA PHE A 66 -12.47 -6.29 6.63
C PHE A 66 -13.11 -5.48 5.50
N LEU A 67 -13.68 -4.34 5.85
CA LEU A 67 -14.33 -3.48 4.86
C LEU A 67 -13.38 -3.20 3.69
N GLN A 68 -12.12 -2.97 4.00
CA GLN A 68 -11.12 -2.69 2.97
C GLN A 68 -11.15 -3.75 1.89
N GLN A 69 -11.37 -5.00 2.29
CA GLN A 69 -11.42 -6.12 1.36
C GLN A 69 -11.68 -7.44 2.09
N PRO A 70 -12.21 -8.42 1.35
CA PRO A 70 -12.51 -9.75 1.92
C PRO A 70 -11.25 -10.53 2.25
N SER A 71 -11.44 -11.81 2.58
CA SER A 71 -10.32 -12.67 2.94
C SER A 71 -9.97 -13.61 1.78
N GLY A 72 -11.00 -14.24 1.22
CA GLY A 72 -10.78 -15.16 0.11
C GLY A 72 -10.04 -16.41 0.53
N ASN A 73 -10.59 -17.57 0.16
CA ASN A 73 -9.97 -18.85 0.51
C ASN A 73 -8.71 -19.08 -0.31
N MET A 74 -8.87 -19.13 -1.63
CA MET A 74 -7.74 -19.36 -2.52
C MET A 74 -6.83 -18.13 -2.56
N ASP A 75 -5.89 -18.13 -3.50
CA ASP A 75 -4.96 -17.02 -3.64
C ASP A 75 -5.61 -15.84 -4.35
N ASP A 76 -5.78 -15.96 -5.66
CA ASP A 76 -6.40 -14.90 -6.46
C ASP A 76 -5.72 -13.56 -6.19
N SER A 77 -4.43 -13.61 -5.85
CA SER A 77 -3.67 -12.40 -5.57
C SER A 77 -4.34 -11.56 -4.49
N GLY A 78 -5.12 -12.23 -3.64
CA GLY A 78 -5.82 -11.54 -2.56
C GLY A 78 -5.45 -12.07 -1.20
N PHE A 79 -4.28 -12.69 -1.10
CA PHE A 79 -3.81 -13.25 0.16
C PHE A 79 -3.40 -12.14 1.12
N PHE A 80 -2.54 -11.25 0.65
CA PHE A 80 -2.06 -10.14 1.47
C PHE A 80 -3.22 -9.24 1.88
N SER A 81 -2.88 -8.07 2.44
CA SER A 81 -3.89 -7.13 2.89
C SER A 81 -3.24 -5.90 3.51
N ILE A 82 -4.07 -4.94 3.91
CA ILE A 82 -3.57 -3.71 4.53
C ILE A 82 -2.94 -4.00 5.89
N GLN A 83 -3.44 -5.03 6.55
CA GLN A 83 -2.92 -5.41 7.86
C GLN A 83 -1.43 -5.75 7.79
N VAL A 84 -1.07 -6.59 6.83
CA VAL A 84 0.33 -6.98 6.65
C VAL A 84 1.16 -5.84 6.09
N ILE A 85 0.57 -5.07 5.18
CA ILE A 85 1.26 -3.95 4.56
C ILE A 85 1.58 -2.88 5.60
N SER A 86 0.56 -2.43 6.32
CA SER A 86 0.73 -1.41 7.34
C SER A 86 1.64 -1.90 8.46
N ASN A 87 1.48 -3.17 8.82
CA ASN A 87 2.29 -3.77 9.89
C ASN A 87 3.77 -3.71 9.54
N ALA A 88 4.11 -4.12 8.32
CA ALA A 88 5.49 -4.11 7.87
C ALA A 88 6.06 -2.70 7.84
N LEU A 89 5.25 -1.76 7.35
CA LEU A 89 5.67 -0.36 7.26
C LEU A 89 5.87 0.23 8.66
N LYS A 90 4.90 -0.02 9.55
CA LYS A 90 4.97 0.48 10.90
C LYS A 90 6.24 0.01 11.60
N VAL A 91 6.57 -1.26 11.41
CA VAL A 91 7.77 -1.83 12.02
C VAL A 91 9.02 -1.06 11.61
N TRP A 92 8.98 -0.45 10.42
CA TRP A 92 10.10 0.31 9.92
C TRP A 92 9.99 1.78 10.31
N GLY A 93 8.76 2.22 10.61
CA GLY A 93 8.54 3.59 11.00
C GLY A 93 7.62 4.33 10.04
N LEU A 94 7.19 3.63 8.99
CA LEU A 94 6.31 4.22 7.99
C LEU A 94 4.83 4.01 8.36
N GLU A 95 4.05 5.08 8.24
CA GLU A 95 2.63 5.01 8.56
C GLU A 95 1.78 5.42 7.36
N LEU A 96 0.59 4.84 7.27
CA LEU A 96 -0.32 5.14 6.16
C LEU A 96 -1.58 5.83 6.67
N ILE A 97 -2.15 6.71 5.84
CA ILE A 97 -3.36 7.44 6.21
C ILE A 97 -4.35 7.45 5.06
N LEU A 98 -5.64 7.47 5.39
CA LEU A 98 -6.69 7.50 4.39
C LEU A 98 -7.02 8.92 3.97
N PHE A 99 -6.80 9.22 2.69
CA PHE A 99 -7.07 10.55 2.15
C PHE A 99 -8.53 10.93 2.36
N ASN A 100 -9.40 9.93 2.48
CA ASN A 100 -10.82 10.16 2.69
C ASN A 100 -11.12 10.45 4.16
N SER A 101 -10.14 10.17 5.02
CA SER A 101 -10.30 10.40 6.45
C SER A 101 -9.94 11.84 6.81
N PRO A 102 -10.47 12.32 7.95
CA PRO A 102 -10.22 13.68 8.44
C PRO A 102 -8.79 13.86 8.91
N GLU A 103 -8.04 12.76 8.98
CA GLU A 103 -6.65 12.81 9.43
C GLU A 103 -5.77 13.48 8.37
N TYR A 104 -5.90 13.04 7.13
CA TYR A 104 -5.12 13.60 6.03
C TYR A 104 -5.39 15.09 5.87
N GLN A 105 -6.67 15.46 5.89
CA GLN A 105 -7.06 16.85 5.74
C GLN A 105 -6.70 17.66 6.98
N ARG A 106 -6.73 17.00 8.14
CA ARG A 106 -6.40 17.65 9.40
C ARG A 106 -5.05 18.37 9.30
N LEU A 107 -4.13 17.78 8.56
CA LEU A 107 -2.80 18.35 8.39
C LEU A 107 -2.64 18.94 6.99
N ARG A 108 -3.46 18.46 6.05
CA ARG A 108 -3.40 18.94 4.67
C ARG A 108 -2.02 18.73 4.09
N ILE A 109 -1.64 17.47 3.88
CA ILE A 109 -0.33 17.14 3.32
C ILE A 109 -0.35 17.21 1.80
N ASP A 110 0.49 18.08 1.24
CA ASP A 110 0.58 18.26 -0.20
C ASP A 110 1.08 16.98 -0.86
N PRO A 111 0.73 16.81 -2.15
CA PRO A 111 1.13 15.63 -2.93
C PRO A 111 2.63 15.64 -3.24
N ILE A 112 3.11 16.74 -3.79
CA ILE A 112 4.53 16.89 -4.13
C ILE A 112 5.39 16.89 -2.88
N ASN A 113 4.78 17.20 -1.74
CA ASN A 113 5.51 17.25 -0.48
C ASN A 113 5.57 15.86 0.16
N GLU A 114 4.67 14.99 -0.26
CA GLU A 114 4.62 13.62 0.27
C GLU A 114 5.86 12.84 -0.14
N ARG A 115 6.12 11.74 0.56
CA ARG A 115 7.27 10.90 0.27
C ARG A 115 6.84 9.62 -0.42
N SER A 116 5.82 8.97 0.11
CA SER A 116 5.31 7.72 -0.45
C SER A 116 3.79 7.73 -0.52
N PHE A 117 3.24 7.24 -1.63
CA PHE A 117 1.80 7.19 -1.82
C PHE A 117 1.34 5.79 -2.22
N ILE A 118 0.14 5.42 -1.83
CA ILE A 118 -0.41 4.12 -2.16
C ILE A 118 -1.86 4.22 -2.60
N CYS A 119 -2.15 3.74 -3.80
CA CYS A 119 -3.50 3.78 -4.34
C CYS A 119 -4.16 2.41 -4.26
N ASN A 120 -5.47 2.40 -4.09
CA ASN A 120 -6.22 1.15 -4.00
C ASN A 120 -7.39 1.14 -4.99
N TYR A 121 -7.31 0.24 -5.97
CA TYR A 121 -8.36 0.12 -6.98
C TYR A 121 -9.06 -1.23 -6.90
N LYS A 122 -10.37 -1.22 -7.07
CA LYS A 122 -11.16 -2.45 -7.01
C LYS A 122 -10.47 -3.57 -7.76
N GLU A 123 -9.91 -4.53 -7.02
CA GLU A 123 -9.21 -5.66 -7.62
C GLU A 123 -7.90 -5.22 -8.26
N HIS A 124 -7.15 -4.39 -7.54
CA HIS A 124 -5.87 -3.89 -8.03
C HIS A 124 -5.22 -2.96 -7.01
N TRP A 125 -3.90 -2.95 -6.99
CA TRP A 125 -3.15 -2.10 -6.07
C TRP A 125 -2.16 -1.21 -6.82
N PHE A 126 -1.83 -0.07 -6.21
CA PHE A 126 -0.90 0.87 -6.83
C PHE A 126 0.13 1.36 -5.81
N THR A 127 1.40 1.32 -6.19
CA THR A 127 2.48 1.75 -5.31
C THR A 127 3.22 2.95 -5.89
N VAL A 128 2.99 4.12 -5.33
CA VAL A 128 3.65 5.34 -5.81
C VAL A 128 4.75 5.79 -4.85
N ARG A 129 5.92 6.07 -5.38
CA ARG A 129 7.05 6.51 -4.58
C ARG A 129 7.70 7.76 -5.18
N LYS A 130 8.24 8.61 -4.32
CA LYS A 130 8.90 9.84 -4.75
C LYS A 130 10.37 9.60 -5.03
N LEU A 131 10.81 9.91 -6.25
CA LEU A 131 12.20 9.73 -6.63
C LEU A 131 12.77 11.01 -7.22
N GLY A 132 13.84 11.51 -6.60
CA GLY A 132 14.47 12.73 -7.08
C GLY A 132 13.56 13.94 -6.96
N LYS A 133 12.89 14.29 -8.04
CA LYS A 133 11.98 15.43 -8.06
C LYS A 133 10.64 15.06 -8.70
N GLN A 134 10.45 13.77 -8.94
CA GLN A 134 9.21 13.29 -9.55
C GLN A 134 8.77 11.98 -8.92
N TRP A 135 7.51 11.62 -9.13
CA TRP A 135 6.96 10.39 -8.57
C TRP A 135 7.05 9.25 -9.58
N PHE A 136 6.94 8.02 -9.09
CA PHE A 136 7.00 6.85 -9.96
C PHE A 136 6.00 5.79 -9.51
N ASN A 137 5.51 5.00 -10.47
CA ASN A 137 4.54 3.96 -10.18
C ASN A 137 5.19 2.57 -10.27
N LEU A 138 4.92 1.75 -9.28
CA LEU A 138 5.48 0.40 -9.24
C LEU A 138 4.45 -0.60 -8.69
N ASN A 139 4.60 -1.86 -9.08
CA ASN A 139 3.69 -2.91 -8.63
C ASN A 139 4.09 -4.26 -9.21
N SER A 140 3.65 -5.33 -8.55
CA SER A 140 3.97 -6.68 -9.00
C SER A 140 3.45 -6.90 -10.43
N LEU A 141 2.47 -6.11 -10.82
CA LEU A 141 1.90 -6.22 -12.16
C LEU A 141 2.62 -5.31 -13.14
N LEU A 142 3.26 -4.27 -12.62
CA LEU A 142 4.00 -3.32 -13.45
C LEU A 142 5.39 -3.86 -13.79
N THR A 143 5.56 -4.29 -15.03
CA THR A 143 6.84 -4.82 -15.48
C THR A 143 7.97 -3.82 -15.24
N GLY A 144 7.62 -2.54 -15.23
CA GLY A 144 8.61 -1.50 -15.01
C GLY A 144 8.03 -0.28 -14.33
N PRO A 145 8.91 0.56 -13.79
CA PRO A 145 8.50 1.80 -13.09
C PRO A 145 7.95 2.85 -14.05
N GLU A 146 6.82 3.44 -13.68
CA GLU A 146 6.19 4.46 -14.51
C GLU A 146 6.52 5.86 -13.99
N LEU A 147 7.29 6.60 -14.77
CA LEU A 147 7.68 7.96 -14.39
C LEU A 147 6.47 8.90 -14.43
N ILE A 148 6.27 9.63 -13.34
CA ILE A 148 5.16 10.57 -13.24
C ILE A 148 5.61 11.89 -12.62
N SER A 149 5.23 12.99 -13.27
CA SER A 149 5.59 14.32 -12.78
C SER A 149 4.62 14.79 -11.70
N ASP A 150 5.00 15.86 -11.00
CA ASP A 150 4.16 16.42 -9.95
C ASP A 150 2.89 17.02 -10.53
N THR A 151 3.02 17.71 -11.65
CA THR A 151 1.88 18.34 -12.31
C THR A 151 0.89 17.29 -12.82
N TYR A 152 1.40 16.10 -13.12
CA TYR A 152 0.56 15.02 -13.62
C TYR A 152 0.06 14.16 -12.46
N LEU A 153 0.84 14.08 -11.40
CA LEU A 153 0.48 13.29 -10.23
C LEU A 153 -0.74 13.88 -9.53
N ALA A 154 -0.72 15.20 -9.32
CA ALA A 154 -1.83 15.88 -8.66
C ALA A 154 -3.14 15.61 -9.38
N LEU A 155 -3.13 15.77 -10.71
CA LEU A 155 -4.33 15.54 -11.51
C LEU A 155 -4.65 14.06 -11.59
N PHE A 156 -3.61 13.23 -11.69
CA PHE A 156 -3.79 11.79 -11.78
C PHE A 156 -4.59 11.26 -10.60
N LEU A 157 -4.13 11.57 -9.39
CA LEU A 157 -4.81 11.13 -8.18
C LEU A 157 -6.15 11.85 -8.01
N ALA A 158 -6.18 13.13 -8.34
CA ALA A 158 -7.40 13.93 -8.23
C ALA A 158 -8.52 13.31 -9.06
N GLN A 159 -8.16 12.67 -10.17
CA GLN A 159 -9.15 12.04 -11.04
C GLN A 159 -9.72 10.78 -10.39
N LEU A 160 -8.89 10.08 -9.64
CA LEU A 160 -9.32 8.86 -8.96
C LEU A 160 -10.24 9.18 -7.80
N GLN A 161 -9.81 10.11 -6.94
CA GLN A 161 -10.60 10.51 -5.78
C GLN A 161 -11.92 11.13 -6.22
N GLN A 162 -11.86 12.00 -7.23
CA GLN A 162 -13.06 12.66 -7.73
C GLN A 162 -13.98 11.67 -8.44
N GLU A 163 -13.42 10.53 -8.83
CA GLU A 163 -14.19 9.50 -9.52
C GLU A 163 -14.81 8.52 -8.52
N GLY A 164 -13.94 7.82 -7.79
CA GLY A 164 -14.42 6.86 -6.81
C GLY A 164 -13.40 5.78 -6.52
N TYR A 165 -12.16 6.20 -6.26
CA TYR A 165 -11.08 5.25 -5.96
C TYR A 165 -10.59 5.42 -4.53
N SER A 166 -9.55 4.68 -4.18
CA SER A 166 -8.99 4.74 -2.83
C SER A 166 -7.56 5.28 -2.87
N ILE A 167 -7.28 6.27 -2.02
CA ILE A 167 -5.96 6.87 -1.96
C ILE A 167 -5.44 6.91 -0.52
N PHE A 168 -4.25 6.38 -0.31
CA PHE A 168 -3.64 6.36 1.01
C PHE A 168 -2.29 7.07 1.01
N VAL A 169 -2.08 7.93 2.00
CA VAL A 169 -0.84 8.68 2.12
C VAL A 169 0.16 7.96 3.01
N VAL A 170 1.33 7.67 2.47
CA VAL A 170 2.38 6.98 3.22
C VAL A 170 3.50 7.94 3.60
N LYS A 171 3.62 8.21 4.90
CA LYS A 171 4.66 9.11 5.40
C LYS A 171 5.41 8.48 6.56
N GLY A 172 6.71 8.69 6.59
CA GLY A 172 7.53 8.12 7.66
C GLY A 172 8.98 7.97 7.26
N ASP A 173 9.70 7.09 7.94
CA ASP A 173 11.11 6.85 7.66
C ASP A 173 11.31 5.43 7.13
N LEU A 174 12.37 5.26 6.32
CA LEU A 174 12.68 3.96 5.74
C LEU A 174 13.86 3.31 6.47
N PRO A 175 13.96 1.98 6.36
CA PRO A 175 15.04 1.21 6.99
C PRO A 175 16.39 1.46 6.34
N ASP A 176 16.36 1.91 5.09
CA ASP A 176 17.59 2.20 4.35
C ASP A 176 18.35 3.36 4.99
N MET A 6 14.38 7.31 -12.64
CA MET A 6 14.34 5.87 -12.90
C MET A 6 15.76 5.29 -12.97
N GLU A 7 15.87 4.08 -13.48
CA GLU A 7 17.16 3.42 -13.60
C GLU A 7 17.67 2.96 -12.24
N SER A 8 17.86 3.91 -11.33
CA SER A 8 18.36 3.61 -10.00
C SER A 8 17.32 2.81 -9.21
N ILE A 9 16.10 2.73 -9.75
CA ILE A 9 15.03 2.00 -9.10
C ILE A 9 15.18 0.49 -9.29
N PHE A 10 15.12 -0.25 -8.19
CA PHE A 10 15.25 -1.71 -8.24
C PHE A 10 13.98 -2.35 -8.77
N HIS A 11 14.13 -3.18 -9.81
CA HIS A 11 13.00 -3.86 -10.42
C HIS A 11 13.14 -5.37 -10.28
N GLU A 12 12.10 -6.02 -9.77
CA GLU A 12 12.11 -7.47 -9.57
C GLU A 12 11.24 -8.16 -10.62
N LYS A 13 10.07 -7.58 -10.88
CA LYS A 13 9.14 -8.14 -11.86
C LYS A 13 8.64 -9.52 -11.42
N GLN A 14 7.37 -9.59 -11.05
CA GLN A 14 6.78 -10.84 -10.61
C GLN A 14 5.43 -11.07 -11.27
N GLU A 15 4.98 -12.33 -11.29
CA GLU A 15 3.70 -12.67 -11.90
C GLU A 15 2.54 -12.36 -10.95
N GLY A 16 1.49 -11.76 -11.49
CA GLY A 16 0.34 -11.42 -10.67
C GLY A 16 -0.08 -9.97 -10.85
N SER A 17 -1.05 -9.54 -10.04
CA SER A 17 -1.55 -8.17 -10.11
C SER A 17 -1.11 -7.37 -8.89
N LEU A 18 -1.76 -7.63 -7.76
CA LEU A 18 -1.44 -6.94 -6.52
C LEU A 18 -0.71 -7.87 -5.55
N CYS A 19 0.60 -7.65 -5.40
CA CYS A 19 1.41 -8.45 -4.50
C CYS A 19 1.95 -7.61 -3.35
N ALA A 20 1.90 -8.16 -2.14
CA ALA A 20 2.39 -7.46 -0.96
C ALA A 20 3.91 -7.35 -0.98
N GLN A 21 4.58 -8.45 -1.28
CA GLN A 21 6.03 -8.48 -1.32
C GLN A 21 6.56 -7.49 -2.36
N HIS A 22 5.86 -7.39 -3.49
CA HIS A 22 6.25 -6.49 -4.55
C HIS A 22 6.20 -5.04 -4.09
N CYS A 23 5.18 -4.71 -3.30
CA CYS A 23 5.01 -3.35 -2.79
C CYS A 23 6.08 -3.03 -1.76
N LEU A 24 6.30 -3.95 -0.82
CA LEU A 24 7.29 -3.77 0.22
C LEU A 24 8.70 -3.74 -0.37
N ASN A 25 9.00 -4.70 -1.23
CA ASN A 25 10.31 -4.78 -1.85
C ASN A 25 10.60 -3.53 -2.69
N ASN A 26 9.59 -3.09 -3.44
CA ASN A 26 9.74 -1.90 -4.28
C ASN A 26 9.89 -0.65 -3.42
N LEU A 27 9.09 -0.57 -2.36
CA LEU A 27 9.14 0.58 -1.46
C LEU A 27 10.53 0.75 -0.87
N LEU A 28 11.14 -0.35 -0.45
CA LEU A 28 12.47 -0.31 0.14
C LEU A 28 13.54 -0.24 -0.96
N GLN A 29 13.10 -0.24 -2.21
CA GLN A 29 14.00 -0.17 -3.34
C GLN A 29 15.01 -1.32 -3.32
N GLY A 30 14.53 -2.50 -2.94
CA GLY A 30 15.39 -3.67 -2.88
C GLY A 30 14.75 -4.82 -2.14
N GLU A 31 15.14 -6.04 -2.50
CA GLU A 31 14.59 -7.24 -1.87
C GLU A 31 15.10 -7.36 -0.43
N TYR A 32 14.30 -6.89 0.51
CA TYR A 32 14.66 -6.96 1.93
C TYR A 32 13.82 -7.99 2.66
N PHE A 33 12.67 -8.33 2.08
CA PHE A 33 11.77 -9.30 2.69
C PHE A 33 11.60 -10.52 1.78
N SER A 34 11.29 -11.66 2.38
CA SER A 34 11.10 -12.90 1.63
C SER A 34 9.64 -13.08 1.24
N PRO A 35 9.40 -13.78 0.12
CA PRO A 35 8.05 -14.05 -0.38
C PRO A 35 7.29 -15.03 0.51
N VAL A 36 8.00 -16.03 1.02
CA VAL A 36 7.38 -17.03 1.89
C VAL A 36 7.03 -16.44 3.24
N GLU A 37 7.91 -15.60 3.77
CA GLU A 37 7.69 -14.96 5.07
C GLU A 37 6.51 -14.01 5.00
N LEU A 38 6.52 -13.12 4.01
CA LEU A 38 5.45 -12.15 3.84
C LEU A 38 4.12 -12.84 3.52
N SER A 39 4.21 -13.89 2.71
CA SER A 39 3.01 -14.64 2.31
C SER A 39 2.34 -15.28 3.54
N SER A 40 3.16 -15.83 4.43
CA SER A 40 2.66 -16.47 5.64
C SER A 40 2.11 -15.44 6.61
N ILE A 41 2.81 -14.31 6.73
CA ILE A 41 2.38 -13.25 7.63
C ILE A 41 1.08 -12.62 7.16
N ALA A 42 1.02 -12.27 5.87
CA ALA A 42 -0.18 -11.67 5.30
C ALA A 42 -1.35 -12.63 5.34
N HIS A 43 -1.11 -13.87 4.91
CA HIS A 43 -2.15 -14.89 4.90
C HIS A 43 -2.72 -15.11 6.29
N GLN A 44 -1.83 -15.22 7.28
CA GLN A 44 -2.25 -15.44 8.66
C GLN A 44 -3.05 -14.25 9.18
N LEU A 45 -2.61 -13.05 8.85
CA LEU A 45 -3.29 -11.84 9.28
C LEU A 45 -4.71 -11.79 8.73
N ASP A 46 -4.86 -12.11 7.45
CA ASP A 46 -6.16 -12.10 6.80
C ASP A 46 -7.07 -13.15 7.42
N GLU A 47 -6.54 -14.35 7.63
CA GLU A 47 -7.31 -15.44 8.21
C GLU A 47 -7.73 -15.11 9.64
N GLU A 48 -6.77 -14.70 10.45
CA GLU A 48 -7.04 -14.34 11.84
C GLU A 48 -8.04 -13.20 11.93
N GLU A 49 -7.95 -12.27 10.99
CA GLU A 49 -8.84 -11.12 10.96
C GLU A 49 -10.23 -11.52 10.45
N ARG A 50 -10.26 -12.47 9.53
CA ARG A 50 -11.52 -12.94 8.97
C ARG A 50 -12.29 -13.78 9.98
N MET A 51 -11.58 -14.68 10.66
CA MET A 51 -12.19 -15.54 11.66
C MET A 51 -12.63 -14.73 12.89
N ARG A 52 -11.77 -13.83 13.33
CA ARG A 52 -12.05 -13.00 14.49
C ARG A 52 -13.21 -12.04 14.19
N MET A 53 -13.27 -11.57 12.95
CA MET A 53 -14.33 -10.65 12.54
C MET A 53 -15.66 -11.37 12.39
N ALA A 54 -15.64 -12.48 11.65
CA ALA A 54 -16.86 -13.27 11.43
C ALA A 54 -17.46 -13.72 12.75
N GLU A 55 -16.60 -14.23 13.65
CA GLU A 55 -17.05 -14.71 14.94
C GLU A 55 -17.48 -13.54 15.84
N GLY A 56 -17.17 -12.32 15.39
CA GLY A 56 -17.51 -11.14 16.16
C GLY A 56 -16.33 -10.59 16.93
N GLY A 57 -16.39 -9.30 17.26
CA GLY A 57 -15.31 -8.67 17.98
C GLY A 57 -15.81 -7.59 18.94
N VAL A 58 -14.91 -7.10 19.79
CA VAL A 58 -15.26 -6.07 20.76
C VAL A 58 -14.22 -4.96 20.78
N THR A 59 -14.45 -3.96 21.63
CA THR A 59 -13.53 -2.84 21.75
C THR A 59 -13.46 -2.04 20.46
N SER A 60 -12.94 -0.81 20.54
CA SER A 60 -12.83 0.06 19.38
C SER A 60 -12.01 -0.61 18.27
N GLU A 61 -11.17 -1.56 18.67
CA GLU A 61 -10.33 -2.27 17.71
C GLU A 61 -11.17 -2.87 16.59
N ASP A 62 -12.32 -3.42 16.96
CA ASP A 62 -13.22 -4.03 15.98
C ASP A 62 -13.67 -3.00 14.94
N TYR A 63 -14.05 -1.83 15.41
CA TYR A 63 -14.51 -0.76 14.53
C TYR A 63 -13.40 -0.34 13.58
N ARG A 64 -12.22 -0.06 14.13
CA ARG A 64 -11.08 0.37 13.33
C ARG A 64 -10.67 -0.73 12.34
N THR A 65 -10.62 -1.97 12.83
CA THR A 65 -10.25 -3.10 11.99
C THR A 65 -11.17 -3.22 10.78
N PHE A 66 -12.48 -3.17 11.04
CA PHE A 66 -13.47 -3.29 9.98
C PHE A 66 -13.40 -2.07 9.05
N LEU A 67 -13.28 -0.89 9.64
CA LEU A 67 -13.20 0.34 8.86
C LEU A 67 -12.04 0.31 7.88
N GLN A 68 -10.92 -0.27 8.32
CA GLN A 68 -9.74 -0.38 7.48
C GLN A 68 -10.04 -1.15 6.21
N GLN A 69 -11.09 -1.96 6.24
CA GLN A 69 -11.50 -2.76 5.10
C GLN A 69 -10.38 -3.72 4.69
N PRO A 70 -10.13 -4.74 5.53
CA PRO A 70 -9.11 -5.74 5.28
C PRO A 70 -9.45 -6.66 4.11
N SER A 71 -8.66 -7.72 3.94
CA SER A 71 -8.90 -8.67 2.86
C SER A 71 -8.73 -8.00 1.50
N GLY A 72 -8.57 -8.81 0.46
CA GLY A 72 -8.41 -8.28 -0.88
C GLY A 72 -9.18 -9.08 -1.92
N ASN A 73 -9.53 -8.43 -3.02
CA ASN A 73 -10.27 -9.09 -4.09
C ASN A 73 -9.33 -9.55 -5.19
N MET A 74 -9.91 -9.98 -6.31
CA MET A 74 -9.12 -10.45 -7.45
C MET A 74 -8.26 -11.64 -7.05
N ASP A 75 -8.74 -12.84 -7.36
CA ASP A 75 -8.01 -14.07 -7.04
C ASP A 75 -6.60 -14.04 -7.63
N ASP A 76 -5.81 -15.06 -7.32
CA ASP A 76 -4.45 -15.15 -7.82
C ASP A 76 -3.60 -13.98 -7.32
N SER A 77 -4.09 -13.32 -6.28
CA SER A 77 -3.38 -12.18 -5.70
C SER A 77 -4.15 -11.61 -4.50
N GLY A 78 -4.81 -12.50 -3.76
CA GLY A 78 -5.56 -12.08 -2.60
C GLY A 78 -5.10 -12.75 -1.32
N PHE A 79 -3.79 -12.71 -1.07
CA PHE A 79 -3.23 -13.32 0.13
C PHE A 79 -2.76 -12.27 1.12
N PHE A 80 -2.63 -11.03 0.65
CA PHE A 80 -2.19 -9.92 1.49
C PHE A 80 -3.35 -8.98 1.79
N SER A 81 -3.08 -7.97 2.60
CA SER A 81 -4.10 -6.99 2.98
C SER A 81 -3.46 -5.76 3.62
N ILE A 82 -4.26 -4.71 3.78
CA ILE A 82 -3.78 -3.47 4.39
C ILE A 82 -3.11 -3.73 5.73
N GLN A 83 -3.57 -4.78 6.41
CA GLN A 83 -3.02 -5.14 7.71
C GLN A 83 -1.54 -5.50 7.60
N VAL A 84 -1.21 -6.36 6.64
CA VAL A 84 0.17 -6.78 6.42
C VAL A 84 1.02 -5.63 5.88
N ILE A 85 0.39 -4.79 5.06
CA ILE A 85 1.09 -3.64 4.48
C ILE A 85 1.40 -2.58 5.54
N SER A 86 0.35 -2.12 6.22
CA SER A 86 0.50 -1.11 7.25
C SER A 86 1.48 -1.57 8.33
N ASN A 87 1.44 -2.86 8.65
CA ASN A 87 2.32 -3.43 9.66
C ASN A 87 3.77 -3.42 9.18
N ALA A 88 3.98 -3.81 7.93
CA ALA A 88 5.32 -3.85 7.35
C ALA A 88 5.94 -2.45 7.33
N LEU A 89 5.12 -1.45 7.05
CA LEU A 89 5.58 -0.06 7.00
C LEU A 89 5.73 0.51 8.39
N LYS A 90 4.79 0.17 9.27
CA LYS A 90 4.81 0.65 10.65
C LYS A 90 6.11 0.26 11.35
N VAL A 91 6.50 -1.00 11.20
CA VAL A 91 7.73 -1.50 11.81
C VAL A 91 8.95 -0.81 11.23
N TRP A 92 8.79 -0.22 10.04
CA TRP A 92 9.89 0.47 9.38
C TRP A 92 9.89 1.96 9.76
N GLY A 93 8.74 2.46 10.19
CA GLY A 93 8.64 3.86 10.56
C GLY A 93 7.65 4.61 9.70
N LEU A 94 7.18 3.97 8.63
CA LEU A 94 6.23 4.59 7.72
C LEU A 94 4.80 4.27 8.12
N GLU A 95 3.94 5.29 8.08
CA GLU A 95 2.53 5.11 8.45
C GLU A 95 1.62 5.52 7.29
N LEU A 96 0.51 4.78 7.15
CA LEU A 96 -0.45 5.07 6.08
C LEU A 96 -1.65 5.82 6.62
N ILE A 97 -2.24 6.66 5.79
CA ILE A 97 -3.41 7.44 6.17
C ILE A 97 -4.40 7.58 5.03
N LEU A 98 -5.69 7.49 5.35
CA LEU A 98 -6.73 7.59 4.34
C LEU A 98 -6.98 9.06 3.96
N PHE A 99 -6.88 9.36 2.67
CA PHE A 99 -7.09 10.71 2.18
C PHE A 99 -8.52 11.16 2.44
N ASN A 100 -9.43 10.20 2.56
CA ASN A 100 -10.84 10.50 2.81
C ASN A 100 -11.08 10.75 4.29
N SER A 101 -10.11 10.40 5.12
CA SER A 101 -10.23 10.59 6.56
C SER A 101 -9.88 12.02 6.95
N PRO A 102 -10.42 12.46 8.10
CA PRO A 102 -10.18 13.82 8.61
C PRO A 102 -8.75 14.00 9.10
N GLU A 103 -7.99 12.90 9.16
CA GLU A 103 -6.61 12.95 9.61
C GLU A 103 -5.72 13.63 8.57
N TYR A 104 -5.92 13.28 7.30
CA TYR A 104 -5.13 13.85 6.22
C TYR A 104 -5.43 15.34 6.05
N GLN A 105 -6.72 15.68 6.05
CA GLN A 105 -7.14 17.06 5.90
C GLN A 105 -6.67 17.91 7.09
N ARG A 106 -6.58 17.28 8.26
CA ARG A 106 -6.15 17.97 9.47
C ARG A 106 -4.75 18.54 9.29
N LEU A 107 -3.87 17.77 8.66
CA LEU A 107 -2.50 18.19 8.43
C LEU A 107 -2.36 18.88 7.08
N ARG A 108 -3.29 18.59 6.17
CA ARG A 108 -3.27 19.19 4.84
C ARG A 108 -1.90 19.03 4.20
N ILE A 109 -1.39 17.80 4.17
CA ILE A 109 -0.09 17.53 3.57
C ILE A 109 -0.18 17.47 2.06
N ASP A 110 0.57 18.33 1.39
CA ASP A 110 0.57 18.38 -0.07
C ASP A 110 1.14 17.07 -0.65
N PRO A 111 0.75 16.76 -1.89
CA PRO A 111 1.19 15.54 -2.58
C PRO A 111 2.67 15.61 -2.95
N ILE A 112 3.08 16.72 -3.58
CA ILE A 112 4.46 16.90 -3.98
C ILE A 112 5.39 16.96 -2.78
N ASN A 113 4.83 17.27 -1.62
CA ASN A 113 5.60 17.35 -0.38
C ASN A 113 5.67 16.00 0.31
N GLU A 114 4.72 15.12 -0.01
CA GLU A 114 4.67 13.80 0.58
C GLU A 114 5.94 13.01 0.25
N ARG A 115 5.97 11.74 0.66
CA ARG A 115 7.13 10.88 0.41
C ARG A 115 6.70 9.62 -0.34
N SER A 116 5.75 8.89 0.25
CA SER A 116 5.27 7.66 -0.36
C SER A 116 3.76 7.72 -0.59
N PHE A 117 3.32 7.16 -1.71
CA PHE A 117 1.89 7.15 -2.04
C PHE A 117 1.42 5.74 -2.37
N ILE A 118 0.20 5.42 -1.94
CA ILE A 118 -0.37 4.10 -2.19
C ILE A 118 -1.85 4.19 -2.55
N CYS A 119 -2.25 3.51 -3.61
CA CYS A 119 -3.63 3.53 -4.06
C CYS A 119 -4.26 2.15 -3.92
N ASN A 120 -5.55 2.11 -3.64
CA ASN A 120 -6.27 0.85 -3.48
C ASN A 120 -7.52 0.82 -4.37
N TYR A 121 -7.54 -0.12 -5.31
CA TYR A 121 -8.66 -0.26 -6.23
C TYR A 121 -9.42 -1.57 -5.97
N LYS A 122 -10.74 -1.51 -6.08
CA LYS A 122 -11.58 -2.68 -5.87
C LYS A 122 -10.76 -3.96 -6.01
N GLU A 123 -10.31 -4.25 -7.22
CA GLU A 123 -9.53 -5.45 -7.49
C GLU A 123 -8.18 -5.08 -8.11
N HIS A 124 -7.39 -4.30 -7.39
CA HIS A 124 -6.08 -3.88 -7.88
C HIS A 124 -5.40 -2.93 -6.88
N TRP A 125 -4.08 -2.97 -6.85
CA TRP A 125 -3.32 -2.12 -5.94
C TRP A 125 -2.37 -1.20 -6.71
N PHE A 126 -1.91 -0.14 -6.05
CA PHE A 126 -1.00 0.81 -6.68
C PHE A 126 0.08 1.25 -5.70
N THR A 127 1.33 1.19 -6.15
CA THR A 127 2.46 1.57 -5.31
C THR A 127 3.29 2.67 -5.98
N VAL A 128 3.15 3.90 -5.49
CA VAL A 128 3.90 5.02 -6.03
C VAL A 128 4.81 5.64 -4.98
N ARG A 129 6.06 5.89 -5.36
CA ARG A 129 7.03 6.48 -4.45
C ARG A 129 7.72 7.69 -5.10
N LYS A 130 8.16 8.62 -4.27
CA LYS A 130 8.84 9.82 -4.75
C LYS A 130 10.34 9.58 -4.87
N LEU A 131 10.87 9.73 -6.08
CA LEU A 131 12.29 9.53 -6.32
C LEU A 131 12.94 10.82 -6.83
N GLY A 132 13.91 11.32 -6.08
CA GLY A 132 14.60 12.54 -6.47
C GLY A 132 13.69 13.76 -6.41
N LYS A 133 12.95 13.99 -7.48
CA LYS A 133 12.05 15.14 -7.56
C LYS A 133 10.81 14.79 -8.39
N GLN A 134 10.58 13.51 -8.60
CA GLN A 134 9.43 13.04 -9.37
C GLN A 134 8.79 11.82 -8.74
N TRP A 135 7.56 11.54 -9.11
CA TRP A 135 6.84 10.38 -8.57
C TRP A 135 6.76 9.26 -9.61
N PHE A 136 7.24 8.08 -9.23
CA PHE A 136 7.23 6.93 -10.12
C PHE A 136 6.28 5.85 -9.61
N ASN A 137 5.53 5.24 -10.53
CA ASN A 137 4.59 4.19 -10.17
C ASN A 137 5.20 2.82 -10.34
N LEU A 138 4.71 1.84 -9.58
CA LEU A 138 5.21 0.48 -9.65
C LEU A 138 4.22 -0.50 -9.02
N ASN A 139 4.28 -1.76 -9.45
CA ASN A 139 3.40 -2.79 -8.92
C ASN A 139 3.69 -4.14 -9.56
N SER A 140 3.28 -5.21 -8.89
CA SER A 140 3.50 -6.56 -9.39
C SER A 140 2.86 -6.74 -10.77
N LEU A 141 1.88 -5.88 -11.07
CA LEU A 141 1.19 -5.94 -12.36
C LEU A 141 1.86 -5.04 -13.39
N LEU A 142 2.61 -4.06 -12.90
CA LEU A 142 3.32 -3.13 -13.78
C LEU A 142 4.67 -3.68 -14.19
N THR A 143 4.78 -4.14 -15.43
CA THR A 143 6.01 -4.69 -15.95
C THR A 143 7.18 -3.73 -15.73
N GLY A 144 6.89 -2.43 -15.79
CA GLY A 144 7.93 -1.44 -15.60
C GLY A 144 7.42 -0.22 -14.85
N PRO A 145 8.35 0.57 -14.29
CA PRO A 145 8.01 1.78 -13.53
C PRO A 145 7.47 2.89 -14.43
N GLU A 146 6.45 3.59 -13.94
CA GLU A 146 5.84 4.68 -14.70
C GLU A 146 6.24 6.03 -14.13
N LEU A 147 6.98 6.80 -14.92
CA LEU A 147 7.44 8.12 -14.50
C LEU A 147 6.29 9.13 -14.52
N ILE A 148 6.11 9.83 -13.41
CA ILE A 148 5.05 10.83 -13.30
C ILE A 148 5.56 12.10 -12.63
N SER A 149 5.20 13.24 -13.19
CA SER A 149 5.62 14.53 -12.64
C SER A 149 4.70 14.96 -11.49
N ASP A 150 5.09 16.03 -10.80
CA ASP A 150 4.31 16.54 -9.69
C ASP A 150 2.98 17.12 -10.17
N THR A 151 3.02 17.86 -11.27
CA THR A 151 1.81 18.45 -11.83
C THR A 151 0.87 17.39 -12.38
N TYR A 152 1.44 16.26 -12.80
CA TYR A 152 0.65 15.17 -13.34
C TYR A 152 0.18 14.22 -12.23
N LEU A 153 0.98 14.14 -11.18
CA LEU A 153 0.66 13.28 -10.05
C LEU A 153 -0.58 13.78 -9.31
N ALA A 154 -0.60 15.07 -9.02
CA ALA A 154 -1.73 15.68 -8.32
C ALA A 154 -3.04 15.40 -9.05
N LEU A 155 -3.04 15.63 -10.36
CA LEU A 155 -4.23 15.41 -11.17
C LEU A 155 -4.50 13.92 -11.35
N PHE A 156 -3.43 13.14 -11.47
CA PHE A 156 -3.56 11.70 -11.64
C PHE A 156 -4.36 11.09 -10.49
N LEU A 157 -3.92 11.35 -9.27
CA LEU A 157 -4.59 10.82 -8.09
C LEU A 157 -5.96 11.47 -7.90
N ALA A 158 -6.03 12.77 -8.17
CA ALA A 158 -7.28 13.51 -8.03
C ALA A 158 -8.37 12.90 -8.91
N GLN A 159 -7.97 12.35 -10.05
CA GLN A 159 -8.92 11.73 -10.97
C GLN A 159 -9.48 10.44 -10.40
N LEU A 160 -8.65 9.72 -9.64
CA LEU A 160 -9.06 8.46 -9.03
C LEU A 160 -10.03 8.71 -7.88
N GLN A 161 -9.66 9.60 -6.98
CA GLN A 161 -10.51 9.93 -5.83
C GLN A 161 -11.83 10.55 -6.29
N GLN A 162 -11.75 11.44 -7.26
CA GLN A 162 -12.94 12.11 -7.79
C GLN A 162 -13.81 11.13 -8.57
N GLU A 163 -13.21 10.02 -9.00
CA GLU A 163 -13.92 9.01 -9.77
C GLU A 163 -14.54 7.97 -8.83
N GLY A 164 -13.68 7.20 -8.15
CA GLY A 164 -14.17 6.18 -7.25
C GLY A 164 -13.07 5.21 -6.85
N TYR A 165 -11.95 5.74 -6.37
CA TYR A 165 -10.83 4.91 -5.96
C TYR A 165 -10.45 5.18 -4.50
N SER A 166 -9.38 4.54 -4.05
CA SER A 166 -8.92 4.70 -2.68
C SER A 166 -7.53 5.32 -2.64
N ILE A 167 -7.42 6.51 -2.07
CA ILE A 167 -6.15 7.20 -1.96
C ILE A 167 -5.58 7.11 -0.55
N PHE A 168 -4.40 6.50 -0.43
CA PHE A 168 -3.75 6.36 0.87
C PHE A 168 -2.39 7.07 0.88
N VAL A 169 -2.22 7.98 1.83
CA VAL A 169 -0.98 8.73 1.94
C VAL A 169 -0.02 8.04 2.92
N VAL A 170 1.20 7.76 2.44
CA VAL A 170 2.19 7.10 3.26
C VAL A 170 3.32 8.08 3.62
N LYS A 171 3.44 8.36 4.92
CA LYS A 171 4.48 9.27 5.41
C LYS A 171 5.42 8.56 6.37
N GLY A 172 6.67 9.00 6.41
CA GLY A 172 7.64 8.40 7.30
C GLY A 172 9.04 8.41 6.71
N ASP A 173 9.96 7.68 7.34
CA ASP A 173 11.34 7.61 6.88
C ASP A 173 11.67 6.21 6.38
N LEU A 174 12.48 6.14 5.33
CA LEU A 174 12.88 4.86 4.76
C LEU A 174 14.33 4.52 5.13
N PRO A 175 14.66 3.22 5.05
CA PRO A 175 16.00 2.73 5.38
C PRO A 175 17.05 3.18 4.35
N ASP A 176 16.66 3.17 3.08
CA ASP A 176 17.55 3.58 2.00
C ASP A 176 17.62 5.10 1.90
N MET A 6 14.38 8.23 -13.07
CA MET A 6 14.94 6.92 -12.76
C MET A 6 16.43 6.86 -13.10
N GLU A 7 17.27 6.77 -12.08
CA GLU A 7 18.72 6.71 -12.28
C GLU A 7 19.19 5.26 -12.38
N SER A 8 18.57 4.38 -11.60
CA SER A 8 18.93 2.98 -11.60
C SER A 8 18.00 2.18 -10.68
N ILE A 9 16.81 1.87 -11.19
CA ILE A 9 15.83 1.11 -10.43
C ILE A 9 16.17 -0.37 -10.41
N PHE A 10 15.98 -1.00 -9.26
CA PHE A 10 16.28 -2.42 -9.10
C PHE A 10 15.32 -3.27 -9.93
N HIS A 11 15.86 -3.97 -10.92
CA HIS A 11 15.04 -4.82 -11.78
C HIS A 11 15.46 -6.29 -11.65
N GLU A 12 14.51 -7.14 -11.28
CA GLU A 12 14.78 -8.56 -11.12
C GLU A 12 13.51 -9.31 -10.70
N LYS A 13 12.66 -8.65 -9.91
CA LYS A 13 11.43 -9.24 -9.44
C LYS A 13 10.65 -9.86 -10.61
N GLN A 14 9.67 -10.69 -10.28
CA GLN A 14 8.85 -11.34 -11.30
C GLN A 14 7.44 -10.76 -11.33
N GLU A 15 6.73 -10.98 -12.43
CA GLU A 15 5.38 -10.47 -12.58
C GLU A 15 4.36 -11.42 -11.96
N GLY A 16 3.17 -10.90 -11.67
CA GLY A 16 2.13 -11.72 -11.07
C GLY A 16 0.82 -10.99 -10.96
N SER A 17 0.35 -10.78 -9.74
CA SER A 17 -0.91 -10.09 -9.50
C SER A 17 -0.98 -9.54 -8.08
N LEU A 18 -0.61 -8.27 -7.92
CA LEU A 18 -0.63 -7.63 -6.61
C LEU A 18 0.20 -8.42 -5.61
N CYS A 19 1.47 -8.03 -5.45
CA CYS A 19 2.36 -8.69 -4.51
C CYS A 19 2.79 -7.76 -3.39
N ALA A 20 2.78 -8.26 -2.17
CA ALA A 20 3.16 -7.45 -1.02
C ALA A 20 4.66 -7.15 -1.03
N GLN A 21 5.47 -8.18 -1.28
CA GLN A 21 6.91 -8.02 -1.33
C GLN A 21 7.32 -7.01 -2.40
N HIS A 22 6.60 -7.03 -3.53
CA HIS A 22 6.89 -6.13 -4.63
C HIS A 22 6.67 -4.68 -4.21
N CYS A 23 5.62 -4.44 -3.44
CA CYS A 23 5.30 -3.09 -2.97
C CYS A 23 6.35 -2.60 -1.97
N LEU A 24 6.68 -3.46 -1.02
CA LEU A 24 7.66 -3.12 0.01
C LEU A 24 9.05 -2.96 -0.61
N ASN A 25 9.43 -3.91 -1.45
CA ASN A 25 10.74 -3.88 -2.09
C ASN A 25 10.88 -2.63 -2.96
N ASN A 26 9.83 -2.31 -3.71
CA ASN A 26 9.84 -1.14 -4.58
C ASN A 26 9.77 0.15 -3.76
N LEU A 27 8.93 0.15 -2.74
CA LEU A 27 8.77 1.32 -1.88
C LEU A 27 10.11 1.73 -1.28
N LEU A 28 10.89 0.76 -0.82
CA LEU A 28 12.19 1.03 -0.23
C LEU A 28 13.26 1.18 -1.32
N GLN A 29 12.89 0.83 -2.55
CA GLN A 29 13.81 0.92 -3.68
C GLN A 29 15.15 0.28 -3.33
N GLY A 30 15.12 -0.68 -2.42
CA GLY A 30 16.35 -1.36 -2.02
C GLY A 30 16.11 -2.82 -1.66
N GLU A 31 14.89 -3.29 -1.90
CA GLU A 31 14.54 -4.67 -1.59
C GLU A 31 15.05 -5.08 -0.21
N TYR A 32 14.28 -4.75 0.82
CA TYR A 32 14.66 -5.08 2.19
C TYR A 32 13.73 -6.14 2.77
N PHE A 33 13.15 -6.96 1.90
CA PHE A 33 12.25 -8.02 2.32
C PHE A 33 12.15 -9.12 1.27
N SER A 34 11.90 -10.34 1.72
CA SER A 34 11.80 -11.48 0.82
C SER A 34 10.34 -11.79 0.50
N PRO A 35 10.10 -12.35 -0.69
CA PRO A 35 8.75 -12.71 -1.14
C PRO A 35 8.16 -13.87 -0.36
N VAL A 36 9.01 -14.85 -0.05
CA VAL A 36 8.58 -16.04 0.69
C VAL A 36 8.25 -15.67 2.14
N GLU A 37 9.07 -14.82 2.73
CA GLU A 37 8.87 -14.39 4.11
C GLU A 37 7.61 -13.53 4.24
N LEU A 38 7.51 -12.52 3.39
CA LEU A 38 6.35 -11.63 3.40
C LEU A 38 5.07 -12.39 3.14
N SER A 39 5.13 -13.34 2.21
CA SER A 39 3.97 -14.15 1.86
C SER A 39 3.57 -15.07 3.01
N SER A 40 4.59 -15.64 3.66
CA SER A 40 4.35 -16.54 4.78
C SER A 40 3.72 -15.82 5.96
N ILE A 41 4.29 -14.67 6.30
CA ILE A 41 3.79 -13.86 7.41
C ILE A 41 2.35 -13.40 7.14
N ALA A 42 2.13 -12.85 5.96
CA ALA A 42 0.81 -12.36 5.58
C ALA A 42 -0.19 -13.51 5.49
N HIS A 43 0.20 -14.58 4.82
CA HIS A 43 -0.67 -15.75 4.67
C HIS A 43 -1.10 -16.27 6.03
N GLN A 44 -0.16 -16.35 6.97
CA GLN A 44 -0.45 -16.84 8.30
C GLN A 44 -1.31 -15.85 9.07
N LEU A 45 -1.07 -14.56 8.85
CA LEU A 45 -1.83 -13.52 9.53
C LEU A 45 -3.31 -13.62 9.20
N ASP A 46 -3.62 -13.84 7.92
CA ASP A 46 -5.00 -13.96 7.48
C ASP A 46 -5.56 -15.33 7.84
N GLU A 47 -4.70 -16.35 7.81
CA GLU A 47 -5.12 -17.71 8.13
C GLU A 47 -5.49 -17.82 9.61
N GLU A 48 -4.62 -17.33 10.48
CA GLU A 48 -4.85 -17.38 11.91
C GLU A 48 -6.01 -16.46 12.32
N GLU A 49 -6.05 -15.27 11.72
CA GLU A 49 -7.09 -14.32 12.01
C GLU A 49 -8.45 -14.80 11.50
N ARG A 50 -8.43 -15.54 10.39
CA ARG A 50 -9.64 -16.06 9.80
C ARG A 50 -10.22 -17.20 10.65
N MET A 51 -9.34 -18.10 11.08
CA MET A 51 -9.76 -19.24 11.90
C MET A 51 -10.16 -18.77 13.30
N ARG A 52 -9.41 -17.83 13.85
CA ARG A 52 -9.69 -17.30 15.17
C ARG A 52 -10.98 -16.48 15.18
N MET A 53 -11.23 -15.79 14.07
CA MET A 53 -12.42 -14.97 13.95
C MET A 53 -13.66 -15.84 13.75
N ALA A 54 -13.59 -16.76 12.80
CA ALA A 54 -14.71 -17.65 12.52
C ALA A 54 -15.09 -18.47 13.75
N GLU A 55 -14.07 -18.98 14.44
CA GLU A 55 -14.30 -19.77 15.64
C GLU A 55 -14.83 -18.92 16.78
N GLY A 56 -14.77 -17.59 16.59
CA GLY A 56 -15.25 -16.68 17.62
C GLY A 56 -14.65 -16.96 18.98
N GLY A 57 -15.17 -16.31 20.01
CA GLY A 57 -14.67 -16.51 21.35
C GLY A 57 -13.71 -15.41 21.78
N VAL A 58 -14.07 -14.16 21.46
CA VAL A 58 -13.24 -13.02 21.82
C VAL A 58 -14.09 -11.84 22.26
N THR A 59 -13.46 -10.86 22.89
CA THR A 59 -14.16 -9.67 23.37
C THR A 59 -13.70 -8.42 22.62
N SER A 60 -12.50 -7.96 22.93
CA SER A 60 -11.93 -6.77 22.28
C SER A 60 -11.17 -7.15 21.02
N GLU A 61 -10.57 -8.33 21.03
CA GLU A 61 -9.80 -8.81 19.89
C GLU A 61 -10.63 -8.75 18.61
N ASP A 62 -11.94 -8.94 18.75
CA ASP A 62 -12.84 -8.91 17.61
C ASP A 62 -12.84 -7.54 16.95
N TYR A 63 -13.06 -6.51 17.76
CA TYR A 63 -13.08 -5.13 17.25
C TYR A 63 -11.69 -4.68 16.84
N ARG A 64 -10.69 -5.11 17.61
CA ARG A 64 -9.30 -4.75 17.33
C ARG A 64 -8.89 -5.22 15.93
N THR A 65 -9.13 -6.50 15.65
CA THR A 65 -8.78 -7.07 14.36
C THR A 65 -9.64 -6.48 13.24
N PHE A 66 -10.88 -6.14 13.57
CA PHE A 66 -11.80 -5.57 12.60
C PHE A 66 -11.30 -4.21 12.13
N LEU A 67 -10.93 -3.35 13.07
CA LEU A 67 -10.45 -2.01 12.76
C LEU A 67 -9.10 -2.08 12.05
N GLN A 68 -8.33 -3.13 12.35
CA GLN A 68 -7.03 -3.31 11.75
C GLN A 68 -7.14 -3.90 10.35
N GLN A 69 -8.38 -4.08 9.90
CA GLN A 69 -8.64 -4.64 8.58
C GLN A 69 -8.20 -6.10 8.51
N PRO A 70 -9.12 -7.02 8.85
CA PRO A 70 -8.85 -8.45 8.84
C PRO A 70 -8.69 -9.01 7.43
N SER A 71 -8.64 -10.33 7.32
CA SER A 71 -8.48 -10.98 6.02
C SER A 71 -9.71 -10.75 5.15
N GLY A 72 -9.72 -11.36 3.97
CA GLY A 72 -10.84 -11.22 3.06
C GLY A 72 -11.20 -9.76 2.82
N ASN A 73 -10.50 -9.12 1.90
CA ASN A 73 -10.75 -7.72 1.58
C ASN A 73 -10.86 -7.52 0.07
N MET A 74 -11.08 -6.28 -0.34
CA MET A 74 -11.22 -5.96 -1.76
C MET A 74 -9.87 -6.11 -2.48
N ASP A 75 -9.68 -7.26 -3.11
CA ASP A 75 -8.44 -7.53 -3.83
C ASP A 75 -8.58 -8.78 -4.69
N ASP A 76 -7.66 -8.95 -5.63
CA ASP A 76 -7.68 -10.10 -6.53
C ASP A 76 -6.42 -10.96 -6.34
N SER A 77 -5.84 -10.89 -5.15
CA SER A 77 -4.63 -11.64 -4.84
C SER A 77 -4.85 -12.54 -3.61
N GLY A 78 -4.96 -11.91 -2.44
CA GLY A 78 -5.17 -12.66 -1.22
C GLY A 78 -3.87 -13.01 -0.52
N PHE A 79 -2.77 -12.97 -1.27
CA PHE A 79 -1.46 -13.29 -0.73
C PHE A 79 -1.02 -12.21 0.27
N PHE A 80 -1.53 -11.00 0.09
CA PHE A 80 -1.18 -9.89 0.97
C PHE A 80 -2.44 -9.22 1.52
N SER A 81 -2.26 -8.06 2.14
CA SER A 81 -3.38 -7.32 2.72
C SER A 81 -2.89 -6.04 3.39
N ILE A 82 -3.83 -5.20 3.79
CA ILE A 82 -3.50 -3.94 4.45
C ILE A 82 -2.87 -4.18 5.81
N GLN A 83 -3.24 -5.28 6.44
CA GLN A 83 -2.70 -5.64 7.76
C GLN A 83 -1.19 -5.86 7.68
N VAL A 84 -0.76 -6.66 6.71
CA VAL A 84 0.65 -6.96 6.53
C VAL A 84 1.40 -5.74 5.99
N ILE A 85 0.76 -5.01 5.09
CA ILE A 85 1.37 -3.82 4.50
C ILE A 85 1.56 -2.73 5.55
N SER A 86 0.50 -2.40 6.27
CA SER A 86 0.54 -1.37 7.30
C SER A 86 1.52 -1.76 8.41
N ASN A 87 1.48 -3.02 8.82
CA ASN A 87 2.36 -3.52 9.87
C ASN A 87 3.82 -3.36 9.47
N ALA A 88 4.14 -3.78 8.25
CA ALA A 88 5.51 -3.69 7.73
C ALA A 88 5.98 -2.24 7.70
N LEU A 89 5.10 -1.35 7.25
CA LEU A 89 5.43 0.07 7.17
C LEU A 89 5.60 0.68 8.56
N LYS A 90 4.68 0.35 9.45
CA LYS A 90 4.71 0.85 10.82
C LYS A 90 6.03 0.51 11.49
N VAL A 91 6.52 -0.71 11.25
CA VAL A 91 7.78 -1.16 11.82
C VAL A 91 8.92 -0.23 11.45
N TRP A 92 8.83 0.37 10.27
CA TRP A 92 9.86 1.28 9.79
C TRP A 92 9.56 2.71 10.23
N GLY A 93 8.29 2.98 10.52
CA GLY A 93 7.89 4.30 10.94
C GLY A 93 6.94 4.97 9.95
N LEU A 94 6.64 4.27 8.87
CA LEU A 94 5.75 4.80 7.85
C LEU A 94 4.31 4.40 8.12
N GLU A 95 3.40 5.36 8.02
CA GLU A 95 1.98 5.10 8.26
C GLU A 95 1.14 5.52 7.06
N LEU A 96 -0.03 4.92 6.92
CA LEU A 96 -0.93 5.22 5.82
C LEU A 96 -2.23 5.84 6.33
N ILE A 97 -2.77 6.78 5.57
CA ILE A 97 -4.02 7.44 5.94
C ILE A 97 -4.97 7.53 4.76
N LEU A 98 -6.27 7.44 5.04
CA LEU A 98 -7.29 7.51 4.00
C LEU A 98 -7.37 8.92 3.42
N PHE A 99 -7.42 9.01 2.10
CA PHE A 99 -7.52 10.30 1.42
C PHE A 99 -8.77 11.05 1.85
N ASN A 100 -9.78 10.30 2.26
CA ASN A 100 -11.05 10.89 2.69
C ASN A 100 -11.20 10.79 4.21
N SER A 101 -10.11 11.02 4.93
CA SER A 101 -10.13 10.94 6.39
C SER A 101 -9.76 12.30 7.00
N PRO A 102 -10.12 12.48 8.27
CA PRO A 102 -9.85 13.72 9.01
C PRO A 102 -8.36 13.90 9.30
N GLU A 103 -7.62 12.79 9.28
CA GLU A 103 -6.19 12.83 9.55
C GLU A 103 -5.44 13.51 8.40
N TYR A 104 -5.84 13.19 7.18
CA TYR A 104 -5.21 13.77 6.00
C TYR A 104 -5.46 15.27 5.91
N GLN A 105 -6.73 15.66 6.12
CA GLN A 105 -7.10 17.06 6.07
C GLN A 105 -6.55 17.82 7.28
N ARG A 106 -6.45 17.13 8.41
CA ARG A 106 -5.92 17.74 9.63
C ARG A 106 -4.57 18.40 9.37
N LEU A 107 -3.73 17.73 8.59
CA LEU A 107 -2.40 18.25 8.27
C LEU A 107 -2.39 18.92 6.91
N ARG A 108 -3.36 18.55 6.07
CA ARG A 108 -3.46 19.12 4.73
C ARG A 108 -2.20 18.86 3.93
N ILE A 109 -1.66 17.65 4.04
CA ILE A 109 -0.44 17.28 3.33
C ILE A 109 -0.70 17.16 1.84
N ASP A 110 0.02 17.96 1.05
CA ASP A 110 -0.14 17.94 -0.40
C ASP A 110 0.45 16.66 -0.98
N PRO A 111 -0.01 16.29 -2.19
CA PRO A 111 0.45 15.09 -2.89
C PRO A 111 1.90 15.22 -3.37
N ILE A 112 2.20 16.34 -4.02
CA ILE A 112 3.55 16.58 -4.52
C ILE A 112 4.55 16.69 -3.38
N ASN A 113 4.05 16.98 -2.18
CA ASN A 113 4.91 17.10 -1.01
C ASN A 113 5.04 15.78 -0.28
N GLU A 114 4.12 14.86 -0.57
CA GLU A 114 4.12 13.55 0.07
C GLU A 114 5.35 12.75 -0.36
N ARG A 115 5.63 11.67 0.37
CA ARG A 115 6.78 10.82 0.08
C ARG A 115 6.34 9.52 -0.58
N SER A 116 5.43 8.81 0.06
CA SER A 116 4.93 7.55 -0.46
C SER A 116 3.40 7.60 -0.65
N PHE A 117 2.94 7.01 -1.74
CA PHE A 117 1.51 6.99 -2.05
C PHE A 117 1.05 5.59 -2.43
N ILE A 118 -0.18 5.25 -2.05
CA ILE A 118 -0.73 3.93 -2.36
C ILE A 118 -2.18 4.05 -2.84
N CYS A 119 -2.42 3.63 -4.07
CA CYS A 119 -3.76 3.69 -4.65
C CYS A 119 -4.37 2.29 -4.73
N ASN A 120 -5.69 2.22 -4.63
CA ASN A 120 -6.39 0.95 -4.68
C ASN A 120 -7.71 1.09 -5.46
N TYR A 121 -7.82 0.34 -6.55
CA TYR A 121 -9.02 0.38 -7.38
C TYR A 121 -9.79 -0.93 -7.29
N LYS A 122 -10.84 -0.94 -6.49
CA LYS A 122 -11.67 -2.13 -6.32
C LYS A 122 -10.83 -3.29 -5.79
N GLU A 123 -10.21 -4.03 -6.71
CA GLU A 123 -9.38 -5.18 -6.33
C GLU A 123 -7.92 -4.93 -6.70
N HIS A 124 -7.71 -4.09 -7.71
CA HIS A 124 -6.36 -3.78 -8.16
C HIS A 124 -5.64 -2.86 -7.17
N TRP A 125 -4.32 -2.96 -7.12
CA TRP A 125 -3.53 -2.14 -6.21
C TRP A 125 -2.51 -1.31 -6.97
N PHE A 126 -2.00 -0.27 -6.33
CA PHE A 126 -1.02 0.61 -6.95
C PHE A 126 -0.01 1.12 -5.92
N THR A 127 1.28 0.99 -6.23
CA THR A 127 2.33 1.45 -5.33
C THR A 127 3.13 2.58 -5.95
N VAL A 128 2.91 3.80 -5.45
CA VAL A 128 3.61 4.98 -5.95
C VAL A 128 4.60 5.50 -4.92
N ARG A 129 5.80 5.82 -5.38
CA ARG A 129 6.84 6.34 -4.51
C ARG A 129 7.56 7.52 -5.14
N LYS A 130 8.06 8.42 -4.31
CA LYS A 130 8.78 9.60 -4.80
C LYS A 130 10.28 9.32 -4.90
N LEU A 131 10.80 9.39 -6.12
CA LEU A 131 12.23 9.15 -6.35
C LEU A 131 12.83 10.25 -7.20
N GLY A 132 13.89 10.88 -6.69
CA GLY A 132 14.54 11.95 -7.41
C GLY A 132 13.59 13.07 -7.78
N LYS A 133 12.75 13.47 -6.83
CA LYS A 133 11.79 14.54 -7.05
C LYS A 133 10.78 14.15 -8.13
N GLN A 134 10.73 12.85 -8.44
CA GLN A 134 9.81 12.35 -9.46
C GLN A 134 9.09 11.10 -8.96
N TRP A 135 7.77 11.08 -9.12
CA TRP A 135 6.97 9.94 -8.68
C TRP A 135 7.14 8.77 -9.64
N PHE A 136 6.98 7.55 -9.12
CA PHE A 136 7.12 6.35 -9.93
C PHE A 136 6.10 5.29 -9.50
N ASN A 137 5.52 4.61 -10.48
CA ASN A 137 4.53 3.57 -10.20
C ASN A 137 5.18 2.19 -10.22
N LEU A 138 4.85 1.38 -9.22
CA LEU A 138 5.39 0.02 -9.13
C LEU A 138 4.31 -0.97 -8.74
N ASN A 139 4.45 -2.20 -9.23
CA ASN A 139 3.47 -3.26 -8.92
C ASN A 139 3.87 -4.57 -9.59
N SER A 140 3.45 -5.68 -9.00
CA SER A 140 3.77 -7.00 -9.54
C SER A 140 3.24 -7.14 -10.97
N LEU A 141 2.07 -6.57 -11.22
CA LEU A 141 1.46 -6.64 -12.55
C LEU A 141 2.31 -5.90 -13.58
N LEU A 142 3.17 -5.01 -13.09
CA LEU A 142 4.05 -4.24 -13.97
C LEU A 142 5.46 -4.19 -13.41
N THR A 143 6.33 -5.07 -13.89
CA THR A 143 7.71 -5.12 -13.45
C THR A 143 8.47 -3.84 -13.83
N GLY A 144 7.88 -3.06 -14.73
CA GLY A 144 8.50 -1.83 -15.18
C GLY A 144 7.94 -0.62 -14.48
N PRO A 145 8.83 0.22 -13.91
CA PRO A 145 8.43 1.43 -13.20
C PRO A 145 7.88 2.50 -14.14
N GLU A 146 6.77 3.12 -13.74
CA GLU A 146 6.16 4.16 -14.55
C GLU A 146 6.51 5.54 -14.03
N LEU A 147 7.25 6.30 -14.83
CA LEU A 147 7.67 7.65 -14.46
C LEU A 147 6.48 8.59 -14.40
N ILE A 148 6.35 9.31 -13.28
CA ILE A 148 5.24 10.24 -13.10
C ILE A 148 5.73 11.55 -12.48
N SER A 149 5.33 12.67 -13.08
CA SER A 149 5.73 13.99 -12.60
C SER A 149 4.85 14.42 -11.43
N ASP A 150 5.36 15.36 -10.63
CA ASP A 150 4.62 15.86 -9.49
C ASP A 150 3.32 16.52 -9.93
N THR A 151 3.39 17.29 -11.00
CA THR A 151 2.21 17.99 -11.53
C THR A 151 1.22 17.00 -12.13
N TYR A 152 1.73 15.87 -12.62
CA TYR A 152 0.90 14.84 -13.23
C TYR A 152 0.27 13.95 -12.16
N LEU A 153 1.03 13.69 -11.10
CA LEU A 153 0.56 12.84 -10.01
C LEU A 153 -0.59 13.50 -9.26
N ALA A 154 -0.41 14.78 -8.94
CA ALA A 154 -1.44 15.53 -8.22
C ALA A 154 -2.79 15.43 -8.93
N LEU A 155 -2.78 15.67 -10.23
CA LEU A 155 -4.01 15.60 -11.03
C LEU A 155 -4.46 14.15 -11.20
N PHE A 156 -3.51 13.26 -11.42
CA PHE A 156 -3.81 11.84 -11.59
C PHE A 156 -4.61 11.30 -10.41
N LEU A 157 -4.07 11.49 -9.22
CA LEU A 157 -4.73 11.03 -7.99
C LEU A 157 -6.00 11.83 -7.73
N ALA A 158 -5.96 13.12 -8.00
CA ALA A 158 -7.10 13.99 -7.79
C ALA A 158 -8.31 13.50 -8.56
N GLN A 159 -8.06 12.95 -9.75
CA GLN A 159 -9.14 12.44 -10.60
C GLN A 159 -9.78 11.20 -9.98
N LEU A 160 -8.96 10.40 -9.30
CA LEU A 160 -9.44 9.18 -8.67
C LEU A 160 -10.31 9.50 -7.45
N GLN A 161 -9.81 10.38 -6.59
CA GLN A 161 -10.54 10.79 -5.39
C GLN A 161 -11.85 11.48 -5.75
N GLN A 162 -11.78 12.37 -6.75
CA GLN A 162 -12.97 13.10 -7.18
C GLN A 162 -13.94 12.18 -7.92
N GLU A 163 -13.43 11.04 -8.39
CA GLU A 163 -14.24 10.08 -9.11
C GLU A 163 -14.95 9.13 -8.14
N GLY A 164 -14.16 8.22 -7.55
CA GLY A 164 -14.73 7.27 -6.61
C GLY A 164 -13.82 6.08 -6.37
N TYR A 165 -12.52 6.34 -6.30
CA TYR A 165 -11.53 5.28 -6.09
C TYR A 165 -10.99 5.32 -4.67
N SER A 166 -10.01 4.49 -4.39
CA SER A 166 -9.40 4.42 -3.06
C SER A 166 -7.96 4.95 -3.09
N ILE A 167 -7.70 5.96 -2.29
CA ILE A 167 -6.37 6.56 -2.22
C ILE A 167 -5.86 6.61 -0.78
N PHE A 168 -4.62 6.14 -0.59
CA PHE A 168 -4.02 6.13 0.74
C PHE A 168 -2.72 6.92 0.75
N VAL A 169 -2.59 7.82 1.71
CA VAL A 169 -1.40 8.65 1.84
C VAL A 169 -0.38 8.02 2.78
N VAL A 170 0.77 7.64 2.25
CA VAL A 170 1.82 7.03 3.05
C VAL A 170 2.90 8.05 3.41
N LYS A 171 2.97 8.40 4.69
CA LYS A 171 3.95 9.35 5.17
C LYS A 171 4.78 8.76 6.30
N GLY A 172 6.03 9.21 6.42
CA GLY A 172 6.90 8.71 7.46
C GLY A 172 8.37 8.80 7.07
N ASP A 173 9.22 8.09 7.81
CA ASP A 173 10.65 8.09 7.54
C ASP A 173 11.13 6.72 7.06
N LEU A 174 11.96 6.72 6.03
CA LEU A 174 12.48 5.47 5.48
C LEU A 174 13.92 5.22 5.94
N PRO A 175 14.36 3.96 5.87
CA PRO A 175 15.71 3.57 6.27
C PRO A 175 16.77 4.10 5.31
N ASP A 176 16.41 4.22 4.05
CA ASP A 176 17.34 4.72 3.03
C ASP A 176 17.83 6.11 3.38
N MET A 6 18.57 6.37 -13.22
CA MET A 6 18.37 4.94 -13.31
C MET A 6 19.37 4.19 -12.42
N GLU A 7 19.47 2.88 -12.64
CA GLU A 7 20.39 2.05 -11.86
C GLU A 7 19.86 1.83 -10.45
N SER A 8 19.70 2.93 -9.72
CA SER A 8 19.20 2.87 -8.34
C SER A 8 17.76 2.39 -8.31
N ILE A 9 17.13 2.35 -9.47
CA ILE A 9 15.75 1.91 -9.59
C ILE A 9 15.64 0.39 -9.49
N PHE A 10 14.80 -0.09 -8.57
CA PHE A 10 14.61 -1.52 -8.38
C PHE A 10 13.92 -2.15 -9.58
N HIS A 11 14.65 -2.97 -10.32
CA HIS A 11 14.10 -3.63 -11.49
C HIS A 11 14.03 -5.14 -11.29
N GLU A 12 12.87 -5.71 -11.58
CA GLU A 12 12.67 -7.16 -11.43
C GLU A 12 11.46 -7.63 -12.23
N LYS A 13 11.60 -8.79 -12.87
CA LYS A 13 10.54 -9.35 -13.68
C LYS A 13 9.54 -10.12 -12.80
N GLN A 14 8.29 -9.65 -12.79
CA GLN A 14 7.25 -10.30 -11.99
C GLN A 14 5.93 -10.28 -12.74
N GLU A 15 5.07 -11.27 -12.45
CA GLU A 15 3.77 -11.38 -13.08
C GLU A 15 2.66 -11.44 -12.04
N GLY A 16 1.70 -10.53 -12.16
CA GLY A 16 0.59 -10.50 -11.22
C GLY A 16 -0.27 -9.26 -11.37
N SER A 17 -0.58 -8.62 -10.25
CA SER A 17 -1.40 -7.42 -10.25
C SER A 17 -1.29 -6.67 -8.93
N LEU A 18 -1.40 -7.40 -7.83
CA LEU A 18 -1.31 -6.82 -6.50
C LEU A 18 -0.55 -7.74 -5.54
N CYS A 19 0.74 -7.50 -5.38
CA CYS A 19 1.56 -8.31 -4.50
C CYS A 19 2.09 -7.47 -3.33
N ALA A 20 2.03 -8.05 -2.12
CA ALA A 20 2.49 -7.35 -0.94
C ALA A 20 4.02 -7.22 -0.94
N GLN A 21 4.70 -8.32 -1.24
CA GLN A 21 6.16 -8.32 -1.28
C GLN A 21 6.68 -7.30 -2.29
N HIS A 22 6.00 -7.19 -3.43
CA HIS A 22 6.39 -6.26 -4.47
C HIS A 22 6.30 -4.81 -3.96
N CYS A 23 5.28 -4.54 -3.15
CA CYS A 23 5.08 -3.21 -2.60
C CYS A 23 6.17 -2.85 -1.60
N LEU A 24 6.42 -3.76 -0.66
CA LEU A 24 7.44 -3.56 0.36
C LEU A 24 8.82 -3.51 -0.26
N ASN A 25 9.12 -4.48 -1.12
CA ASN A 25 10.41 -4.57 -1.77
C ASN A 25 10.66 -3.31 -2.62
N ASN A 26 9.64 -2.87 -3.33
CA ASN A 26 9.75 -1.68 -4.17
C ASN A 26 10.01 -0.44 -3.33
N LEU A 27 9.24 -0.28 -2.27
CA LEU A 27 9.39 0.86 -1.38
C LEU A 27 10.81 0.95 -0.81
N LEU A 28 11.33 -0.20 -0.39
CA LEU A 28 12.67 -0.26 0.16
C LEU A 28 13.73 -0.31 -0.95
N GLN A 29 13.26 -0.28 -2.19
CA GLN A 29 14.15 -0.31 -3.34
C GLN A 29 15.14 -1.47 -3.24
N GLY A 30 14.70 -2.54 -2.59
CA GLY A 30 15.56 -3.72 -2.43
C GLY A 30 14.85 -4.86 -1.74
N GLU A 31 15.26 -6.08 -2.06
CA GLU A 31 14.66 -7.27 -1.46
C GLU A 31 15.05 -7.41 0.00
N TYR A 32 14.28 -6.76 0.87
CA TYR A 32 14.55 -6.80 2.31
C TYR A 32 13.66 -7.84 2.99
N PHE A 33 12.55 -8.17 2.35
CA PHE A 33 11.61 -9.15 2.89
C PHE A 33 11.45 -10.34 1.95
N SER A 34 11.11 -11.50 2.52
CA SER A 34 10.94 -12.71 1.73
C SER A 34 9.47 -12.89 1.34
N PRO A 35 9.24 -13.56 0.20
CA PRO A 35 7.89 -13.81 -0.32
C PRO A 35 7.14 -14.82 0.53
N VAL A 36 7.86 -15.83 1.02
CA VAL A 36 7.25 -16.87 1.85
C VAL A 36 6.88 -16.32 3.23
N GLU A 37 7.78 -15.54 3.81
CA GLU A 37 7.54 -14.96 5.13
C GLU A 37 6.38 -13.97 5.09
N LEU A 38 6.41 -13.07 4.10
CA LEU A 38 5.36 -12.07 3.95
C LEU A 38 4.02 -12.73 3.61
N SER A 39 4.08 -13.75 2.75
CA SER A 39 2.88 -14.47 2.34
C SER A 39 2.19 -15.12 3.55
N SER A 40 2.99 -15.71 4.42
CA SER A 40 2.47 -16.38 5.61
C SER A 40 1.95 -15.35 6.62
N ILE A 41 2.66 -14.24 6.74
CA ILE A 41 2.28 -13.19 7.67
C ILE A 41 0.97 -12.53 7.24
N ALA A 42 0.91 -12.15 5.96
CA ALA A 42 -0.29 -11.51 5.42
C ALA A 42 -1.48 -12.45 5.45
N HIS A 43 -1.26 -13.68 5.00
CA HIS A 43 -2.33 -14.68 4.98
C HIS A 43 -2.87 -14.93 6.38
N GLN A 44 -1.97 -15.10 7.34
CA GLN A 44 -2.37 -15.34 8.73
C GLN A 44 -3.14 -14.15 9.29
N LEU A 45 -2.66 -12.95 8.98
CA LEU A 45 -3.31 -11.73 9.46
C LEU A 45 -4.75 -11.63 8.94
N ASP A 46 -4.92 -11.91 7.64
CA ASP A 46 -6.24 -11.85 7.02
C ASP A 46 -7.17 -12.89 7.63
N GLU A 47 -6.67 -14.11 7.79
CA GLU A 47 -7.47 -15.20 8.37
C GLU A 47 -7.86 -14.87 9.81
N GLU A 48 -6.86 -14.54 10.62
CA GLU A 48 -7.10 -14.22 12.02
C GLU A 48 -8.11 -13.08 12.16
N GLU A 49 -8.02 -12.09 11.26
CA GLU A 49 -8.92 -10.96 11.27
C GLU A 49 -10.33 -11.37 10.86
N ARG A 50 -10.41 -12.35 9.95
CA ARG A 50 -11.70 -12.84 9.47
C ARG A 50 -12.50 -13.45 10.61
N MET A 51 -11.83 -14.24 11.45
CA MET A 51 -12.48 -14.89 12.57
C MET A 51 -12.79 -13.90 13.69
N ARG A 52 -11.78 -13.11 14.06
CA ARG A 52 -11.93 -12.12 15.11
C ARG A 52 -13.03 -11.12 14.75
N MET A 53 -13.12 -10.77 13.47
CA MET A 53 -14.11 -9.82 13.00
C MET A 53 -15.47 -10.50 12.83
N ALA A 54 -15.44 -11.78 12.45
CA ALA A 54 -16.67 -12.55 12.25
C ALA A 54 -17.45 -12.68 13.56
N GLU A 55 -16.72 -12.85 14.66
CA GLU A 55 -17.35 -12.99 15.96
C GLU A 55 -17.89 -11.65 16.45
N GLY A 56 -17.59 -10.59 15.72
CA GLY A 56 -18.04 -9.27 16.09
C GLY A 56 -19.42 -8.95 15.54
N GLY A 57 -19.69 -7.67 15.33
CA GLY A 57 -20.98 -7.26 14.80
C GLY A 57 -21.33 -5.82 15.16
N VAL A 58 -21.10 -4.91 14.23
CA VAL A 58 -21.40 -3.50 14.46
C VAL A 58 -22.43 -2.98 13.46
N THR A 59 -22.72 -3.79 12.44
CA THR A 59 -23.69 -3.43 11.42
C THR A 59 -23.41 -2.03 10.87
N SER A 60 -22.12 -1.72 10.72
CA SER A 60 -21.71 -0.42 10.20
C SER A 60 -20.20 -0.32 10.11
N GLU A 61 -19.54 -0.32 11.26
CA GLU A 61 -18.08 -0.23 11.31
C GLU A 61 -17.44 -1.53 10.83
N ASP A 62 -18.11 -2.65 11.08
CA ASP A 62 -17.61 -3.95 10.68
C ASP A 62 -17.56 -4.06 9.16
N TYR A 63 -18.68 -3.76 8.51
CA TYR A 63 -18.77 -3.83 7.06
C TYR A 63 -17.93 -2.72 6.41
N ARG A 64 -17.94 -1.55 7.03
CA ARG A 64 -17.18 -0.42 6.52
C ARG A 64 -15.69 -0.74 6.44
N THR A 65 -15.15 -1.28 7.52
CA THR A 65 -13.74 -1.64 7.58
C THR A 65 -13.42 -2.78 6.63
N PHE A 66 -14.37 -3.70 6.48
CA PHE A 66 -14.18 -4.84 5.59
C PHE A 66 -14.01 -4.39 4.15
N LEU A 67 -14.90 -3.51 3.70
CA LEU A 67 -14.84 -2.99 2.33
C LEU A 67 -13.56 -2.20 2.10
N GLN A 68 -13.18 -1.39 3.10
CA GLN A 68 -11.97 -0.59 3.01
C GLN A 68 -10.73 -1.42 3.30
N GLN A 69 -10.94 -2.69 3.62
CA GLN A 69 -9.84 -3.60 3.92
C GLN A 69 -10.20 -5.04 3.59
N PRO A 70 -10.15 -5.37 2.29
CA PRO A 70 -10.47 -6.72 1.81
C PRO A 70 -9.43 -7.75 2.21
N SER A 71 -9.85 -9.01 2.32
CA SER A 71 -8.95 -10.09 2.70
C SER A 71 -9.49 -11.43 2.25
N GLY A 72 -8.78 -12.50 2.60
CA GLY A 72 -9.20 -13.83 2.21
C GLY A 72 -8.93 -14.14 0.75
N ASN A 73 -9.95 -14.56 0.02
CA ASN A 73 -9.81 -14.87 -1.39
C ASN A 73 -10.37 -13.75 -2.26
N MET A 74 -10.38 -12.54 -1.72
CA MET A 74 -10.89 -11.38 -2.44
C MET A 74 -9.85 -10.87 -3.43
N ASP A 75 -8.63 -10.66 -2.94
CA ASP A 75 -7.55 -10.16 -3.78
C ASP A 75 -7.19 -11.18 -4.86
N ASP A 76 -6.75 -12.36 -4.43
CA ASP A 76 -6.37 -13.42 -5.36
C ASP A 76 -5.21 -12.98 -6.25
N SER A 77 -4.02 -12.91 -5.66
CA SER A 77 -2.82 -12.51 -6.41
C SER A 77 -1.58 -12.69 -5.56
N GLY A 78 -1.39 -11.82 -4.58
CA GLY A 78 -0.23 -11.89 -3.72
C GLY A 78 -0.59 -12.27 -2.29
N PHE A 79 -1.88 -12.46 -2.04
CA PHE A 79 -2.37 -12.81 -0.70
C PHE A 79 -1.84 -11.83 0.33
N PHE A 80 -2.55 -10.71 0.49
CA PHE A 80 -2.16 -9.69 1.45
C PHE A 80 -3.34 -8.79 1.80
N SER A 81 -3.10 -7.83 2.69
CA SER A 81 -4.15 -6.91 3.12
C SER A 81 -3.55 -5.68 3.80
N ILE A 82 -4.38 -4.67 4.02
CA ILE A 82 -3.93 -3.44 4.67
C ILE A 82 -3.26 -3.74 6.01
N GLN A 83 -3.68 -4.83 6.64
CA GLN A 83 -3.12 -5.23 7.93
C GLN A 83 -1.63 -5.53 7.81
N VAL A 84 -1.29 -6.33 6.79
CA VAL A 84 0.11 -6.70 6.56
C VAL A 84 0.91 -5.51 6.02
N ILE A 85 0.26 -4.67 5.23
CA ILE A 85 0.91 -3.50 4.67
C ILE A 85 1.21 -2.46 5.74
N SER A 86 0.18 -2.09 6.51
CA SER A 86 0.34 -1.11 7.57
C SER A 86 1.28 -1.62 8.65
N ASN A 87 1.21 -2.92 8.93
CA ASN A 87 2.04 -3.54 9.94
C ASN A 87 3.52 -3.50 9.53
N ALA A 88 3.78 -3.91 8.29
CA ALA A 88 5.14 -3.92 7.76
C ALA A 88 5.74 -2.51 7.75
N LEU A 89 4.93 -1.54 7.33
CA LEU A 89 5.39 -0.16 7.26
C LEU A 89 5.54 0.43 8.66
N LYS A 90 4.57 0.14 9.52
CA LYS A 90 4.59 0.65 10.89
C LYS A 90 5.87 0.22 11.60
N VAL A 91 6.24 -1.04 11.44
CA VAL A 91 7.45 -1.57 12.06
C VAL A 91 8.69 -0.76 11.65
N TRP A 92 8.62 -0.17 10.46
CA TRP A 92 9.73 0.63 9.96
C TRP A 92 9.56 2.11 10.33
N GLY A 93 8.32 2.50 10.62
CA GLY A 93 8.05 3.87 10.99
C GLY A 93 7.15 4.58 9.99
N LEU A 94 6.76 3.86 8.95
CA LEU A 94 5.89 4.42 7.92
C LEU A 94 4.42 4.17 8.25
N GLU A 95 3.60 5.20 8.09
CA GLU A 95 2.17 5.10 8.38
C GLU A 95 1.35 5.46 7.14
N LEU A 96 0.15 4.90 7.04
CA LEU A 96 -0.73 5.17 5.92
C LEU A 96 -1.97 5.94 6.38
N ILE A 97 -2.46 6.83 5.52
CA ILE A 97 -3.64 7.63 5.83
C ILE A 97 -4.58 7.71 4.63
N LEU A 98 -5.88 7.72 4.90
CA LEU A 98 -6.88 7.80 3.85
C LEU A 98 -6.88 9.17 3.20
N PHE A 99 -6.81 9.20 1.88
CA PHE A 99 -6.80 10.45 1.13
C PHE A 99 -8.09 11.24 1.37
N ASN A 100 -9.11 10.55 1.86
CA ASN A 100 -10.40 11.18 2.13
C ASN A 100 -10.74 11.10 3.61
N SER A 101 -9.72 10.98 4.44
CA SER A 101 -9.90 10.89 5.89
C SER A 101 -9.73 12.26 6.54
N PRO A 102 -10.25 12.40 7.77
CA PRO A 102 -10.17 13.66 8.52
C PRO A 102 -8.75 13.96 8.99
N GLU A 103 -8.05 12.92 9.43
CA GLU A 103 -6.68 13.08 9.91
C GLU A 103 -5.78 13.65 8.82
N TYR A 104 -5.98 13.18 7.59
CA TYR A 104 -5.19 13.64 6.46
C TYR A 104 -5.41 15.13 6.21
N GLN A 105 -6.67 15.54 6.24
CA GLN A 105 -7.02 16.95 6.01
C GLN A 105 -6.44 17.82 7.11
N ARG A 106 -6.49 17.34 8.34
CA ARG A 106 -5.96 18.08 9.48
C ARG A 106 -4.48 18.39 9.30
N LEU A 107 -3.83 17.63 8.42
CA LEU A 107 -2.41 17.83 8.15
C LEU A 107 -2.20 18.59 6.85
N ARG A 108 -3.19 18.55 5.97
CA ARG A 108 -3.12 19.24 4.69
C ARG A 108 -1.82 18.90 3.97
N ILE A 109 -1.43 17.63 4.02
CA ILE A 109 -0.21 17.18 3.36
C ILE A 109 -0.36 17.15 1.84
N ASP A 110 0.47 17.92 1.15
CA ASP A 110 0.41 17.98 -0.30
C ASP A 110 0.96 16.70 -0.92
N PRO A 111 0.51 16.39 -2.14
CA PRO A 111 0.93 15.19 -2.87
C PRO A 111 2.39 15.27 -3.32
N ILE A 112 2.75 16.39 -3.96
CA ILE A 112 4.11 16.58 -4.44
C ILE A 112 5.09 16.67 -3.28
N ASN A 113 4.58 16.99 -2.09
CA ASN A 113 5.41 17.10 -0.90
C ASN A 113 5.53 15.75 -0.20
N GLU A 114 4.60 14.86 -0.50
CA GLU A 114 4.61 13.53 0.12
C GLU A 114 5.84 12.74 -0.31
N ARG A 115 6.09 11.61 0.37
CA ARG A 115 7.23 10.77 0.06
C ARG A 115 6.77 9.45 -0.56
N SER A 116 5.85 8.77 0.12
CA SER A 116 5.33 7.49 -0.37
C SER A 116 3.83 7.57 -0.61
N PHE A 117 3.37 6.89 -1.65
CA PHE A 117 1.95 6.88 -1.99
C PHE A 117 1.50 5.48 -2.41
N ILE A 118 0.24 5.16 -2.16
CA ILE A 118 -0.32 3.87 -2.51
C ILE A 118 -1.74 4.00 -3.05
N CYS A 119 -1.98 3.38 -4.21
CA CYS A 119 -3.30 3.43 -4.84
C CYS A 119 -3.97 2.07 -4.80
N ASN A 120 -5.30 2.06 -4.71
CA ASN A 120 -6.05 0.82 -4.68
C ASN A 120 -7.35 0.94 -5.47
N TYR A 121 -7.48 0.13 -6.51
CA TYR A 121 -8.67 0.15 -7.36
C TYR A 121 -9.48 -1.13 -7.18
N LYS A 122 -10.54 -1.05 -6.38
CA LYS A 122 -11.39 -2.20 -6.13
C LYS A 122 -10.61 -3.35 -5.51
N GLU A 123 -10.00 -4.18 -6.35
CA GLU A 123 -9.22 -5.31 -5.87
C GLU A 123 -7.79 -5.23 -6.40
N HIS A 124 -7.42 -4.08 -6.94
CA HIS A 124 -6.08 -3.88 -7.48
C HIS A 124 -5.26 -2.94 -6.59
N TRP A 125 -3.95 -3.14 -6.56
CA TRP A 125 -3.07 -2.32 -5.75
C TRP A 125 -1.95 -1.73 -6.59
N PHE A 126 -1.51 -0.52 -6.23
CA PHE A 126 -0.45 0.15 -6.95
C PHE A 126 0.50 0.85 -5.99
N THR A 127 1.81 0.64 -6.19
CA THR A 127 2.82 1.25 -5.34
C THR A 127 3.48 2.44 -6.03
N VAL A 128 3.36 3.61 -5.41
CA VAL A 128 3.95 4.83 -5.97
C VAL A 128 4.91 5.48 -4.98
N ARG A 129 6.14 5.73 -5.43
CA ARG A 129 7.16 6.34 -4.58
C ARG A 129 7.74 7.57 -5.26
N LYS A 130 8.20 8.53 -4.45
CA LYS A 130 8.79 9.76 -4.97
C LYS A 130 10.29 9.59 -5.18
N LEU A 131 10.76 9.93 -6.37
CA LEU A 131 12.17 9.82 -6.70
C LEU A 131 12.71 11.14 -7.25
N GLY A 132 13.62 11.77 -6.52
CA GLY A 132 14.20 13.02 -6.96
C GLY A 132 13.16 14.13 -7.07
N LYS A 133 12.90 14.57 -8.29
CA LYS A 133 11.92 15.62 -8.53
C LYS A 133 10.74 15.09 -9.34
N GLN A 134 10.62 13.77 -9.43
CA GLN A 134 9.54 13.14 -10.17
C GLN A 134 9.02 11.91 -9.43
N TRP A 135 7.77 11.57 -9.68
CA TRP A 135 7.15 10.40 -9.05
C TRP A 135 7.37 9.14 -9.88
N PHE A 136 7.46 8.00 -9.21
CA PHE A 136 7.67 6.73 -9.88
C PHE A 136 6.62 5.70 -9.46
N ASN A 137 5.94 5.12 -10.44
CA ASN A 137 4.90 4.13 -10.17
C ASN A 137 5.39 2.72 -10.50
N LEU A 138 4.82 1.73 -9.84
CA LEU A 138 5.20 0.34 -10.06
C LEU A 138 4.39 -0.60 -9.18
N ASN A 139 4.16 -1.81 -9.67
CA ASN A 139 3.40 -2.80 -8.92
C ASN A 139 3.45 -4.16 -9.60
N SER A 140 2.88 -5.17 -8.95
CA SER A 140 2.85 -6.52 -9.50
C SER A 140 2.18 -6.55 -10.87
N LEU A 141 1.39 -5.52 -11.15
CA LEU A 141 0.69 -5.42 -12.42
C LEU A 141 1.66 -5.21 -13.57
N LEU A 142 2.73 -4.46 -13.30
CA LEU A 142 3.75 -4.19 -14.31
C LEU A 142 5.11 -4.71 -13.87
N THR A 143 6.10 -4.60 -14.76
CA THR A 143 7.44 -5.05 -14.46
C THR A 143 8.44 -3.89 -14.49
N GLY A 144 8.04 -2.80 -15.13
CA GLY A 144 8.90 -1.64 -15.21
C GLY A 144 8.32 -0.42 -14.51
N PRO A 145 9.20 0.50 -14.08
CA PRO A 145 8.78 1.72 -13.39
C PRO A 145 8.05 2.69 -14.31
N GLU A 146 7.21 3.55 -13.71
CA GLU A 146 6.46 4.53 -14.47
C GLU A 146 6.75 5.94 -13.98
N LEU A 147 7.40 6.72 -14.84
CA LEU A 147 7.75 8.10 -14.49
C LEU A 147 6.54 9.02 -14.65
N ILE A 148 6.26 9.80 -13.61
CA ILE A 148 5.14 10.72 -13.63
C ILE A 148 5.53 12.08 -13.06
N SER A 149 4.99 13.14 -13.65
CA SER A 149 5.28 14.50 -13.19
C SER A 149 4.43 14.87 -11.98
N ASP A 150 4.91 15.83 -11.20
CA ASP A 150 4.20 16.27 -10.01
C ASP A 150 2.89 16.96 -10.39
N THR A 151 2.93 17.79 -11.43
CA THR A 151 1.76 18.51 -11.89
C THR A 151 0.71 17.55 -12.45
N TYR A 152 1.17 16.41 -12.97
CA TYR A 152 0.28 15.42 -13.54
C TYR A 152 -0.19 14.43 -12.47
N LEU A 153 0.66 14.18 -11.48
CA LEU A 153 0.35 13.27 -10.40
C LEU A 153 -0.80 13.81 -9.54
N ALA A 154 -0.69 15.08 -9.15
CA ALA A 154 -1.71 15.73 -8.34
C ALA A 154 -3.10 15.55 -8.95
N LEU A 155 -3.20 15.84 -10.25
CA LEU A 155 -4.47 15.72 -10.96
C LEU A 155 -4.84 14.25 -11.17
N PHE A 156 -3.83 13.43 -11.46
CA PHE A 156 -4.04 12.00 -11.68
C PHE A 156 -4.74 11.36 -10.49
N LEU A 157 -4.16 11.55 -9.31
CA LEU A 157 -4.72 10.99 -8.09
C LEU A 157 -6.03 11.67 -7.72
N ALA A 158 -6.06 12.99 -7.88
CA ALA A 158 -7.26 13.77 -7.57
C ALA A 158 -8.45 13.27 -8.38
N GLN A 159 -8.19 12.76 -9.58
CA GLN A 159 -9.24 12.25 -10.45
C GLN A 159 -9.84 10.96 -9.89
N LEU A 160 -8.98 10.14 -9.29
CA LEU A 160 -9.41 8.87 -8.71
C LEU A 160 -10.21 9.10 -7.43
N GLN A 161 -9.66 9.90 -6.53
CA GLN A 161 -10.32 10.20 -5.27
C GLN A 161 -11.63 10.94 -5.50
N GLN A 162 -11.64 11.83 -6.48
CA GLN A 162 -12.84 12.61 -6.79
C GLN A 162 -13.86 11.74 -7.54
N GLU A 163 -13.38 10.65 -8.12
CA GLU A 163 -14.25 9.74 -8.86
C GLU A 163 -14.86 8.68 -7.94
N GLY A 164 -14.00 7.82 -7.39
CA GLY A 164 -14.47 6.77 -6.50
C GLY A 164 -13.45 5.67 -6.33
N TYR A 165 -12.21 6.03 -6.03
CA TYR A 165 -11.15 5.05 -5.86
C TYR A 165 -10.65 5.05 -4.41
N SER A 166 -9.61 4.26 -4.15
CA SER A 166 -9.04 4.16 -2.82
C SER A 166 -7.58 4.59 -2.81
N ILE A 167 -7.34 5.85 -2.47
CA ILE A 167 -5.98 6.39 -2.42
C ILE A 167 -5.48 6.50 -0.99
N PHE A 168 -4.28 5.98 -0.75
CA PHE A 168 -3.68 6.03 0.58
C PHE A 168 -2.39 6.83 0.57
N VAL A 169 -2.15 7.57 1.64
CA VAL A 169 -0.94 8.38 1.76
C VAL A 169 0.04 7.77 2.75
N VAL A 170 1.21 7.36 2.25
CA VAL A 170 2.23 6.76 3.09
C VAL A 170 3.33 7.76 3.42
N LYS A 171 3.45 8.11 4.70
CA LYS A 171 4.46 9.07 5.16
C LYS A 171 5.23 8.52 6.35
N GLY A 172 6.52 8.84 6.42
CA GLY A 172 7.35 8.37 7.51
C GLY A 172 8.82 8.36 7.15
N ASP A 173 9.59 7.54 7.87
CA ASP A 173 11.03 7.45 7.63
C ASP A 173 11.38 6.06 7.10
N LEU A 174 12.30 6.02 6.13
CA LEU A 174 12.73 4.76 5.54
C LEU A 174 14.12 4.36 6.03
N PRO A 175 14.44 3.07 5.93
CA PRO A 175 15.74 2.54 6.36
C PRO A 175 16.89 3.01 5.46
N ASP A 176 16.56 3.33 4.22
CA ASP A 176 17.55 3.79 3.26
C ASP A 176 17.69 5.31 3.30
N MET A 6 15.99 8.81 -11.99
CA MET A 6 16.27 7.50 -11.43
C MET A 6 17.61 7.49 -10.69
N GLU A 7 17.61 6.98 -9.47
CA GLU A 7 18.82 6.93 -8.66
C GLU A 7 19.19 5.48 -8.33
N SER A 8 18.17 4.64 -8.15
CA SER A 8 18.38 3.24 -7.84
C SER A 8 17.08 2.45 -7.97
N ILE A 9 16.55 2.41 -9.18
CA ILE A 9 15.32 1.68 -9.45
C ILE A 9 15.60 0.29 -10.02
N PHE A 10 14.82 -0.69 -9.58
CA PHE A 10 14.98 -2.07 -10.04
C PHE A 10 13.97 -2.39 -11.13
N HIS A 11 14.45 -3.02 -12.21
CA HIS A 11 13.59 -3.39 -13.32
C HIS A 11 13.41 -4.91 -13.39
N GLU A 12 12.17 -5.35 -13.54
CA GLU A 12 11.86 -6.78 -13.61
C GLU A 12 10.37 -7.00 -13.83
N LYS A 13 10.05 -7.80 -14.84
CA LYS A 13 8.66 -8.10 -15.17
C LYS A 13 8.25 -9.45 -14.60
N GLN A 14 7.07 -9.51 -13.99
CA GLN A 14 6.56 -10.74 -13.41
C GLN A 14 5.07 -10.88 -13.65
N GLU A 15 4.64 -12.07 -14.06
CA GLU A 15 3.23 -12.34 -14.33
C GLU A 15 2.44 -12.39 -13.03
N GLY A 16 1.42 -11.55 -12.94
CA GLY A 16 0.59 -11.51 -11.74
C GLY A 16 0.36 -10.10 -11.24
N SER A 17 -0.42 -9.97 -10.17
CA SER A 17 -0.72 -8.66 -9.60
C SER A 17 -0.95 -8.76 -8.10
N LEU A 18 -0.88 -7.64 -7.41
CA LEU A 18 -1.08 -7.61 -5.96
C LEU A 18 -0.06 -8.48 -5.25
N CYS A 19 1.17 -7.98 -5.14
CA CYS A 19 2.24 -8.71 -4.48
C CYS A 19 2.70 -7.99 -3.22
N ALA A 20 2.84 -8.74 -2.13
CA ALA A 20 3.27 -8.17 -0.85
C ALA A 20 4.76 -7.83 -0.89
N GLN A 21 5.57 -8.78 -1.33
CA GLN A 21 7.01 -8.59 -1.41
C GLN A 21 7.36 -7.56 -2.48
N HIS A 22 6.61 -7.58 -3.57
CA HIS A 22 6.85 -6.65 -4.67
C HIS A 22 6.64 -5.21 -4.22
N CYS A 23 5.55 -4.96 -3.50
CA CYS A 23 5.24 -3.62 -3.01
C CYS A 23 6.26 -3.19 -1.94
N LEU A 24 6.54 -4.09 -1.01
CA LEU A 24 7.48 -3.81 0.07
C LEU A 24 8.89 -3.58 -0.49
N ASN A 25 9.30 -4.45 -1.42
CA ASN A 25 10.62 -4.34 -2.02
C ASN A 25 10.77 -3.01 -2.76
N ASN A 26 9.76 -2.65 -3.53
CA ASN A 26 9.78 -1.40 -4.29
C ASN A 26 9.71 -0.19 -3.35
N LEU A 27 8.91 -0.31 -2.30
CA LEU A 27 8.75 0.76 -1.32
C LEU A 27 10.09 1.11 -0.68
N LEU A 28 10.86 0.08 -0.34
CA LEU A 28 12.16 0.27 0.28
C LEU A 28 13.23 0.58 -0.76
N GLN A 29 12.81 0.64 -2.03
CA GLN A 29 13.74 0.92 -3.12
C GLN A 29 14.79 -0.17 -3.25
N GLY A 30 14.42 -1.40 -2.87
CA GLY A 30 15.34 -2.50 -2.95
C GLY A 30 14.79 -3.77 -2.32
N GLU A 31 15.47 -4.89 -2.54
CA GLU A 31 15.04 -6.17 -2.00
C GLU A 31 15.35 -6.24 -0.50
N TYR A 32 14.31 -6.29 0.32
CA TYR A 32 14.47 -6.36 1.76
C TYR A 32 13.43 -7.30 2.38
N PHE A 33 12.74 -8.05 1.53
CA PHE A 33 11.72 -8.98 1.99
C PHE A 33 11.44 -10.05 0.93
N SER A 34 10.98 -11.21 1.38
CA SER A 34 10.68 -12.31 0.47
C SER A 34 9.18 -12.45 0.26
N PRO A 35 8.80 -12.99 -0.91
CA PRO A 35 7.39 -13.18 -1.27
C PRO A 35 6.71 -14.26 -0.42
N VAL A 36 7.45 -15.34 -0.16
CA VAL A 36 6.93 -16.44 0.63
C VAL A 36 6.76 -16.04 2.09
N GLU A 37 7.73 -15.30 2.62
CA GLU A 37 7.69 -14.86 4.00
C GLU A 37 6.57 -13.84 4.21
N LEU A 38 6.48 -12.88 3.30
CA LEU A 38 5.45 -11.85 3.38
C LEU A 38 4.05 -12.45 3.17
N SER A 39 3.97 -13.44 2.29
CA SER A 39 2.70 -14.10 1.99
C SER A 39 2.23 -14.92 3.19
N SER A 40 3.16 -15.58 3.86
CA SER A 40 2.84 -16.40 5.03
C SER A 40 2.43 -15.53 6.21
N ILE A 41 3.16 -14.43 6.41
CA ILE A 41 2.87 -13.52 7.51
C ILE A 41 1.49 -12.88 7.35
N ALA A 42 1.23 -12.36 6.15
CA ALA A 42 -0.05 -11.71 5.86
C ALA A 42 -1.19 -12.72 5.96
N HIS A 43 -1.02 -13.88 5.33
CA HIS A 43 -2.03 -14.92 5.35
C HIS A 43 -2.24 -15.46 6.77
N GLN A 44 -1.16 -15.48 7.55
CA GLN A 44 -1.22 -15.97 8.91
C GLN A 44 -2.05 -15.05 9.79
N LEU A 45 -1.79 -13.75 9.69
CA LEU A 45 -2.51 -12.76 10.48
C LEU A 45 -3.97 -12.67 10.03
N ASP A 46 -4.20 -12.88 8.74
CA ASP A 46 -5.55 -12.83 8.19
C ASP A 46 -6.37 -14.04 8.65
N GLU A 47 -5.74 -15.20 8.69
CA GLU A 47 -6.40 -16.42 9.11
C GLU A 47 -6.71 -16.39 10.61
N GLU A 48 -5.70 -16.05 11.41
CA GLU A 48 -5.87 -15.98 12.86
C GLU A 48 -6.90 -14.91 13.24
N GLU A 49 -6.84 -13.78 12.54
CA GLU A 49 -7.75 -12.67 12.81
C GLU A 49 -9.16 -13.00 12.31
N ARG A 50 -9.23 -13.77 11.22
CA ARG A 50 -10.50 -14.16 10.63
C ARG A 50 -11.26 -15.12 11.55
N MET A 51 -10.53 -16.09 12.11
CA MET A 51 -11.13 -17.07 13.01
C MET A 51 -11.46 -16.44 14.36
N ARG A 52 -10.52 -15.67 14.90
CA ARG A 52 -10.71 -15.02 16.19
C ARG A 52 -11.90 -14.07 16.14
N MET A 53 -12.00 -13.31 15.04
CA MET A 53 -13.09 -12.35 14.87
C MET A 53 -14.38 -13.07 14.51
N ALA A 54 -14.27 -14.16 13.77
CA ALA A 54 -15.44 -14.93 13.35
C ALA A 54 -16.19 -15.48 14.56
N GLU A 55 -15.44 -15.97 15.55
CA GLU A 55 -16.04 -16.52 16.75
C GLU A 55 -16.84 -15.45 17.50
N GLY A 56 -16.59 -14.20 17.17
CA GLY A 56 -17.30 -13.10 17.81
C GLY A 56 -16.35 -12.10 18.45
N GLY A 57 -16.91 -11.19 19.24
CA GLY A 57 -16.10 -10.19 19.89
C GLY A 57 -16.64 -8.78 19.71
N VAL A 58 -17.29 -8.26 20.74
CA VAL A 58 -17.86 -6.91 20.68
C VAL A 58 -17.62 -6.16 21.98
N THR A 59 -16.37 -5.82 22.24
CA THR A 59 -16.00 -5.10 23.46
C THR A 59 -15.06 -3.95 23.15
N SER A 60 -13.80 -4.28 22.86
CA SER A 60 -12.79 -3.27 22.55
C SER A 60 -11.84 -3.77 21.47
N GLU A 61 -10.94 -4.67 21.86
CA GLU A 61 -9.97 -5.23 20.92
C GLU A 61 -10.67 -5.85 19.72
N ASP A 62 -11.76 -6.56 19.96
CA ASP A 62 -12.52 -7.20 18.90
C ASP A 62 -13.13 -6.16 17.97
N TYR A 63 -13.69 -5.11 18.55
CA TYR A 63 -14.31 -4.04 17.77
C TYR A 63 -13.31 -3.41 16.81
N ARG A 64 -12.16 -3.00 17.35
CA ARG A 64 -11.12 -2.39 16.55
C ARG A 64 -10.61 -3.35 15.48
N THR A 65 -10.41 -4.60 15.88
CA THR A 65 -9.92 -5.62 14.96
C THR A 65 -10.84 -5.76 13.75
N PHE A 66 -12.14 -5.86 14.00
CA PHE A 66 -13.12 -5.99 12.93
C PHE A 66 -13.15 -4.74 12.06
N LEU A 67 -13.11 -3.58 12.71
CA LEU A 67 -13.14 -2.30 12.00
C LEU A 67 -11.96 -2.20 11.04
N GLN A 68 -10.81 -2.71 11.46
CA GLN A 68 -9.60 -2.68 10.64
C GLN A 68 -9.82 -3.43 9.33
N GLN A 69 -10.83 -4.28 9.30
CA GLN A 69 -11.14 -5.06 8.10
C GLN A 69 -9.97 -5.98 7.74
N PRO A 70 -9.79 -7.05 8.52
CA PRO A 70 -8.73 -8.02 8.31
C PRO A 70 -8.95 -8.85 7.05
N SER A 71 -7.86 -9.39 6.50
CA SER A 71 -7.95 -10.21 5.29
C SER A 71 -8.74 -9.49 4.20
N GLY A 72 -9.07 -10.23 3.15
CA GLY A 72 -9.83 -9.64 2.05
C GLY A 72 -11.04 -10.48 1.67
N ASN A 73 -10.98 -11.12 0.51
CA ASN A 73 -12.08 -11.95 0.04
C ASN A 73 -11.61 -12.88 -1.08
N MET A 74 -10.32 -13.20 -1.07
CA MET A 74 -9.75 -14.09 -2.08
C MET A 74 -9.83 -13.46 -3.47
N ASP A 75 -10.99 -13.59 -4.12
CA ASP A 75 -11.20 -13.04 -5.44
C ASP A 75 -10.23 -13.65 -6.44
N ASP A 76 -9.03 -13.08 -6.53
CA ASP A 76 -8.01 -13.56 -7.45
C ASP A 76 -6.73 -12.73 -7.35
N SER A 77 -6.45 -12.25 -6.14
CA SER A 77 -5.26 -11.44 -5.90
C SER A 77 -5.17 -11.02 -4.44
N GLY A 78 -5.61 -11.92 -3.55
CA GLY A 78 -5.56 -11.63 -2.13
C GLY A 78 -4.36 -12.25 -1.45
N PHE A 79 -3.18 -11.99 -2.00
CA PHE A 79 -1.94 -12.53 -1.44
C PHE A 79 -1.57 -11.82 -0.15
N PHE A 80 -1.88 -10.53 -0.08
CA PHE A 80 -1.58 -9.73 1.10
C PHE A 80 -2.79 -8.91 1.53
N SER A 81 -2.60 -8.05 2.52
CA SER A 81 -3.67 -7.21 3.02
C SER A 81 -3.12 -5.96 3.70
N ILE A 82 -3.98 -4.96 3.88
CA ILE A 82 -3.58 -3.72 4.51
C ILE A 82 -2.92 -3.97 5.87
N GLN A 83 -3.34 -5.05 6.52
CA GLN A 83 -2.80 -5.41 7.83
C GLN A 83 -1.30 -5.67 7.74
N VAL A 84 -0.90 -6.48 6.76
CA VAL A 84 0.51 -6.81 6.57
C VAL A 84 1.29 -5.61 6.05
N ILE A 85 0.64 -4.80 5.23
CA ILE A 85 1.27 -3.61 4.68
C ILE A 85 1.52 -2.55 5.75
N SER A 86 0.46 -2.19 6.47
CA SER A 86 0.57 -1.20 7.53
C SER A 86 1.52 -1.65 8.62
N ASN A 87 1.49 -2.95 8.92
CA ASN A 87 2.35 -3.52 9.95
C ASN A 87 3.82 -3.42 9.54
N ALA A 88 4.12 -3.81 8.30
CA ALA A 88 5.48 -3.75 7.79
C ALA A 88 5.99 -2.32 7.72
N LEU A 89 5.07 -1.37 7.54
CA LEU A 89 5.42 0.04 7.45
C LEU A 89 5.62 0.63 8.84
N LYS A 90 4.67 0.37 9.73
CA LYS A 90 4.74 0.88 11.09
C LYS A 90 6.03 0.42 11.78
N VAL A 91 6.35 -0.86 11.64
CA VAL A 91 7.55 -1.42 12.25
C VAL A 91 8.80 -0.73 11.70
N TRP A 92 8.68 -0.15 10.51
CA TRP A 92 9.80 0.54 9.88
C TRP A 92 9.80 2.02 10.23
N GLY A 93 8.63 2.53 10.62
CA GLY A 93 8.51 3.93 10.99
C GLY A 93 7.53 4.67 10.10
N LEU A 94 7.05 4.00 9.06
CA LEU A 94 6.09 4.61 8.14
C LEU A 94 4.66 4.31 8.57
N GLU A 95 3.77 5.28 8.38
CA GLU A 95 2.37 5.12 8.74
C GLU A 95 1.46 5.33 7.53
N LEU A 96 0.39 4.55 7.48
CA LEU A 96 -0.57 4.65 6.36
C LEU A 96 -1.85 5.33 6.81
N ILE A 97 -2.26 6.35 6.06
CA ILE A 97 -3.49 7.09 6.38
C ILE A 97 -4.39 7.20 5.17
N LEU A 98 -5.69 7.37 5.41
CA LEU A 98 -6.66 7.49 4.33
C LEU A 98 -6.82 8.96 3.91
N PHE A 99 -6.74 9.19 2.60
CA PHE A 99 -6.87 10.55 2.06
C PHE A 99 -8.28 11.09 2.31
N ASN A 100 -9.23 10.19 2.51
CA ASN A 100 -10.61 10.58 2.76
C ASN A 100 -10.85 10.83 4.26
N SER A 101 -9.86 10.48 5.07
CA SER A 101 -9.97 10.66 6.51
C SER A 101 -9.64 12.10 6.91
N PRO A 102 -10.10 12.51 8.09
CA PRO A 102 -9.87 13.86 8.61
C PRO A 102 -8.41 14.09 8.99
N GLU A 103 -7.64 13.01 9.04
CA GLU A 103 -6.22 13.11 9.38
C GLU A 103 -5.43 13.79 8.27
N TYR A 104 -5.68 13.36 7.03
CA TYR A 104 -4.99 13.92 5.88
C TYR A 104 -5.26 15.41 5.75
N GLN A 105 -6.53 15.79 5.88
CA GLN A 105 -6.93 17.19 5.79
C GLN A 105 -6.45 17.98 7.00
N ARG A 106 -6.39 17.31 8.15
CA ARG A 106 -5.96 17.94 9.39
C ARG A 106 -4.55 18.50 9.25
N LEU A 107 -3.65 17.70 8.68
CA LEU A 107 -2.27 18.10 8.49
C LEU A 107 -2.10 18.85 7.17
N ARG A 108 -3.03 18.62 6.24
CA ARG A 108 -2.99 19.26 4.94
C ARG A 108 -1.70 18.92 4.20
N ILE A 109 -1.30 17.66 4.26
CA ILE A 109 -0.10 17.20 3.60
C ILE A 109 -0.24 17.26 2.08
N ASP A 110 0.62 18.05 1.45
CA ASP A 110 0.59 18.21 0.00
C ASP A 110 1.10 16.94 -0.68
N PRO A 111 0.76 16.79 -1.98
CA PRO A 111 1.17 15.63 -2.78
C PRO A 111 2.67 15.63 -3.07
N ILE A 112 3.18 16.78 -3.50
CA ILE A 112 4.60 16.92 -3.82
C ILE A 112 5.46 16.72 -2.57
N ASN A 113 4.87 16.96 -1.40
CA ASN A 113 5.58 16.81 -0.14
C ASN A 113 5.49 15.37 0.37
N GLU A 114 4.49 14.64 -0.11
CA GLU A 114 4.28 13.26 0.29
C GLU A 114 5.46 12.40 -0.13
N ARG A 115 5.81 11.41 0.70
CA ARG A 115 6.91 10.51 0.40
C ARG A 115 6.42 9.28 -0.34
N SER A 116 5.52 8.53 0.28
CA SER A 116 4.98 7.32 -0.32
C SER A 116 3.46 7.42 -0.48
N PHE A 117 2.95 6.97 -1.61
CA PHE A 117 1.52 7.00 -1.88
C PHE A 117 1.02 5.64 -2.37
N ILE A 118 -0.21 5.31 -2.00
CA ILE A 118 -0.81 4.03 -2.39
C ILE A 118 -2.25 4.23 -2.85
N CYS A 119 -2.63 3.48 -3.88
CA CYS A 119 -3.99 3.57 -4.42
C CYS A 119 -4.62 2.18 -4.53
N ASN A 120 -5.94 2.12 -4.35
CA ASN A 120 -6.66 0.86 -4.43
C ASN A 120 -7.90 0.99 -5.32
N TYR A 121 -7.92 0.20 -6.40
CA TYR A 121 -9.03 0.23 -7.33
C TYR A 121 -9.81 -1.09 -7.30
N LYS A 122 -10.92 -1.09 -6.58
CA LYS A 122 -11.75 -2.28 -6.47
C LYS A 122 -10.96 -3.44 -5.88
N GLU A 123 -10.28 -4.19 -6.75
CA GLU A 123 -9.47 -5.32 -6.32
C GLU A 123 -8.00 -5.10 -6.63
N HIS A 124 -7.73 -4.28 -7.63
CA HIS A 124 -6.36 -3.97 -8.03
C HIS A 124 -5.72 -2.98 -7.06
N TRP A 125 -4.39 -2.98 -7.02
CA TRP A 125 -3.65 -2.09 -6.14
C TRP A 125 -2.65 -1.25 -6.93
N PHE A 126 -2.16 -0.18 -6.30
CA PHE A 126 -1.19 0.70 -6.95
C PHE A 126 -0.15 1.18 -5.95
N THR A 127 1.12 1.08 -6.33
CA THR A 127 2.21 1.50 -5.46
C THR A 127 2.99 2.67 -6.08
N VAL A 128 2.79 3.87 -5.55
CA VAL A 128 3.47 5.05 -6.05
C VAL A 128 4.40 5.64 -4.99
N ARG A 129 5.65 5.88 -5.39
CA ARG A 129 6.64 6.43 -4.48
C ARG A 129 7.43 7.56 -5.16
N LYS A 130 7.86 8.53 -4.36
CA LYS A 130 8.63 9.66 -4.87
C LYS A 130 10.12 9.38 -4.83
N LEU A 131 10.76 9.44 -5.99
CA LEU A 131 12.20 9.19 -6.09
C LEU A 131 12.89 10.27 -6.92
N GLY A 132 13.88 10.92 -6.32
CA GLY A 132 14.61 11.96 -7.02
C GLY A 132 13.71 13.11 -7.44
N LYS A 133 12.78 13.48 -6.57
CA LYS A 133 11.85 14.56 -6.85
C LYS A 133 10.88 14.18 -7.96
N GLN A 134 10.95 12.92 -8.38
CA GLN A 134 10.06 12.43 -9.43
C GLN A 134 9.20 11.27 -8.92
N TRP A 135 7.91 11.34 -9.19
CA TRP A 135 6.98 10.29 -8.76
C TRP A 135 6.98 9.13 -9.75
N PHE A 136 7.31 7.94 -9.26
CA PHE A 136 7.35 6.76 -10.10
C PHE A 136 6.31 5.73 -9.65
N ASN A 137 5.62 5.13 -10.60
CA ASN A 137 4.60 4.13 -10.29
C ASN A 137 5.14 2.73 -10.47
N LEU A 138 4.84 1.85 -9.52
CA LEU A 138 5.29 0.47 -9.57
C LEU A 138 4.22 -0.48 -9.07
N ASN A 139 4.31 -1.75 -9.49
CA ASN A 139 3.34 -2.75 -9.08
C ASN A 139 3.73 -4.12 -9.63
N SER A 140 3.18 -5.17 -9.01
CA SER A 140 3.46 -6.54 -9.44
C SER A 140 3.06 -6.76 -10.89
N LEU A 141 1.94 -6.15 -11.28
CA LEU A 141 1.44 -6.28 -12.65
C LEU A 141 2.15 -5.31 -13.58
N LEU A 142 3.07 -4.53 -13.02
CA LEU A 142 3.82 -3.55 -13.80
C LEU A 142 5.19 -4.12 -14.22
N THR A 143 5.50 -3.99 -15.50
CA THR A 143 6.76 -4.49 -16.03
C THR A 143 7.88 -3.48 -15.83
N GLY A 144 7.49 -2.21 -15.64
CA GLY A 144 8.48 -1.16 -15.44
C GLY A 144 7.90 0.04 -14.73
N PRO A 145 8.79 0.88 -14.17
CA PRO A 145 8.38 2.09 -13.44
C PRO A 145 7.81 3.16 -14.38
N GLU A 146 6.72 3.79 -13.94
CA GLU A 146 6.08 4.83 -14.74
C GLU A 146 6.46 6.22 -14.24
N LEU A 147 7.14 6.98 -15.09
CA LEU A 147 7.58 8.32 -14.73
C LEU A 147 6.39 9.26 -14.61
N ILE A 148 6.29 9.94 -13.47
CA ILE A 148 5.20 10.88 -13.25
C ILE A 148 5.71 12.16 -12.58
N SER A 149 5.25 13.30 -13.08
CA SER A 149 5.65 14.59 -12.53
C SER A 149 4.68 15.05 -11.45
N ASP A 150 5.00 16.18 -10.82
CA ASP A 150 4.15 16.73 -9.77
C ASP A 150 2.82 17.21 -10.34
N THR A 151 2.89 17.87 -11.49
CA THR A 151 1.70 18.40 -12.14
C THR A 151 0.80 17.26 -12.65
N TYR A 152 1.42 16.12 -12.95
CA TYR A 152 0.68 14.97 -13.44
C TYR A 152 0.17 14.11 -12.29
N LEU A 153 0.94 14.07 -11.21
CA LEU A 153 0.58 13.30 -10.03
C LEU A 153 -0.67 13.88 -9.36
N ALA A 154 -0.65 15.20 -9.16
CA ALA A 154 -1.77 15.88 -8.53
C ALA A 154 -3.08 15.59 -9.26
N LEU A 155 -3.05 15.74 -10.58
CA LEU A 155 -4.24 15.49 -11.41
C LEU A 155 -4.55 14.01 -11.48
N PHE A 156 -3.51 13.18 -11.53
CA PHE A 156 -3.66 11.74 -11.60
C PHE A 156 -4.51 11.23 -10.44
N LEU A 157 -4.09 11.56 -9.22
CA LEU A 157 -4.82 11.13 -8.02
C LEU A 157 -6.16 11.85 -7.91
N ALA A 158 -6.16 13.13 -8.26
CA ALA A 158 -7.38 13.93 -8.20
C ALA A 158 -8.48 13.31 -9.05
N GLN A 159 -8.09 12.65 -10.13
CA GLN A 159 -9.04 12.01 -11.03
C GLN A 159 -9.66 10.78 -10.38
N LEU A 160 -8.85 10.04 -9.63
CA LEU A 160 -9.32 8.84 -8.95
C LEU A 160 -10.23 9.19 -7.77
N GLN A 161 -9.77 10.12 -6.94
CA GLN A 161 -10.54 10.55 -5.79
C GLN A 161 -11.87 11.18 -6.21
N GLN A 162 -11.81 11.98 -7.28
CA GLN A 162 -13.01 12.65 -7.79
C GLN A 162 -13.93 11.65 -8.49
N GLU A 163 -13.36 10.51 -8.88
CA GLU A 163 -14.13 9.48 -9.57
C GLU A 163 -14.77 8.52 -8.58
N GLY A 164 -13.92 7.78 -7.85
CA GLY A 164 -14.43 6.82 -6.88
C GLY A 164 -13.41 5.74 -6.55
N TYR A 165 -12.17 6.15 -6.30
CA TYR A 165 -11.11 5.21 -5.97
C TYR A 165 -10.67 5.35 -4.52
N SER A 166 -9.68 4.57 -4.13
CA SER A 166 -9.16 4.61 -2.76
C SER A 166 -7.72 5.12 -2.74
N ILE A 167 -7.53 6.28 -2.13
CA ILE A 167 -6.21 6.87 -2.03
C ILE A 167 -5.69 6.86 -0.59
N PHE A 168 -4.48 6.35 -0.41
CA PHE A 168 -3.87 6.28 0.92
C PHE A 168 -2.56 7.05 0.96
N VAL A 169 -2.40 7.89 1.98
CA VAL A 169 -1.18 8.68 2.13
C VAL A 169 -0.21 8.00 3.08
N VAL A 170 0.95 7.61 2.56
CA VAL A 170 1.97 6.95 3.36
C VAL A 170 3.11 7.91 3.70
N LYS A 171 3.32 8.14 5.00
CA LYS A 171 4.37 9.03 5.45
C LYS A 171 5.36 8.30 6.35
N GLY A 172 6.61 8.74 6.34
CA GLY A 172 7.63 8.11 7.16
C GLY A 172 9.00 8.17 6.53
N ASP A 173 9.98 7.55 7.17
CA ASP A 173 11.36 7.54 6.66
C ASP A 173 11.77 6.13 6.26
N LEU A 174 12.59 6.04 5.21
CA LEU A 174 13.05 4.75 4.71
C LEU A 174 14.51 4.52 5.10
N PRO A 175 14.91 3.24 5.15
CA PRO A 175 16.29 2.85 5.50
C PRO A 175 17.29 3.24 4.43
N ASP A 176 16.97 2.94 3.18
CA ASP A 176 17.85 3.26 2.06
C ASP A 176 18.18 4.75 2.03
N MET A 6 17.07 6.38 -10.90
CA MET A 6 17.49 5.29 -11.77
C MET A 6 18.87 4.78 -11.35
N GLU A 7 19.57 4.16 -12.30
CA GLU A 7 20.90 3.63 -12.03
C GLU A 7 20.96 2.98 -10.65
N SER A 8 19.85 2.36 -10.24
CA SER A 8 19.78 1.71 -8.95
C SER A 8 18.37 1.17 -8.70
N ILE A 9 17.69 0.77 -9.77
CA ILE A 9 16.34 0.24 -9.67
C ILE A 9 16.27 -1.19 -10.20
N PHE A 10 15.62 -2.07 -9.43
CA PHE A 10 15.49 -3.46 -9.82
C PHE A 10 14.54 -3.60 -11.01
N HIS A 11 15.07 -4.01 -12.15
CA HIS A 11 14.26 -4.19 -13.35
C HIS A 11 14.27 -5.65 -13.81
N GLU A 12 13.08 -6.20 -14.04
CA GLU A 12 12.94 -7.58 -14.47
C GLU A 12 11.49 -7.94 -14.72
N LYS A 13 11.27 -9.07 -15.39
CA LYS A 13 9.91 -9.52 -15.70
C LYS A 13 9.45 -10.57 -14.70
N GLN A 14 8.34 -10.27 -14.02
CA GLN A 14 7.79 -11.19 -13.03
C GLN A 14 6.28 -11.33 -13.20
N GLU A 15 5.80 -12.57 -13.19
CA GLU A 15 4.38 -12.83 -13.34
C GLU A 15 3.66 -12.76 -12.00
N GLY A 16 2.42 -12.28 -12.01
CA GLY A 16 1.65 -12.16 -10.79
C GLY A 16 0.98 -10.80 -10.65
N SER A 17 0.36 -10.57 -9.50
CA SER A 17 -0.32 -9.30 -9.24
C SER A 17 -0.84 -9.25 -7.80
N LEU A 18 -0.95 -8.04 -7.27
CA LEU A 18 -1.44 -7.85 -5.91
C LEU A 18 -0.54 -8.57 -4.91
N CYS A 19 0.73 -8.22 -4.89
CA CYS A 19 1.69 -8.83 -3.97
C CYS A 19 2.22 -7.81 -2.97
N ALA A 20 2.27 -8.21 -1.71
CA ALA A 20 2.77 -7.33 -0.65
C ALA A 20 4.27 -7.14 -0.75
N GLN A 21 4.99 -8.24 -0.93
CA GLN A 21 6.44 -8.20 -1.04
C GLN A 21 6.87 -7.33 -2.21
N HIS A 22 6.21 -7.51 -3.36
CA HIS A 22 6.52 -6.74 -4.55
C HIS A 22 6.31 -5.25 -4.31
N CYS A 23 5.20 -4.92 -3.67
CA CYS A 23 4.86 -3.52 -3.38
C CYS A 23 5.85 -2.93 -2.39
N LEU A 24 6.14 -3.67 -1.33
CA LEU A 24 7.08 -3.21 -0.31
C LEU A 24 8.50 -3.12 -0.87
N ASN A 25 8.93 -4.19 -1.52
CA ASN A 25 10.27 -4.23 -2.11
C ASN A 25 10.48 -3.08 -3.07
N ASN A 26 9.48 -2.82 -3.91
CA ASN A 26 9.56 -1.74 -4.89
C ASN A 26 9.57 -0.38 -4.19
N LEU A 27 8.73 -0.24 -3.17
CA LEU A 27 8.64 1.01 -2.42
C LEU A 27 9.96 1.31 -1.71
N LEU A 28 10.65 0.26 -1.27
CA LEU A 28 11.92 0.41 -0.58
C LEU A 28 13.05 0.66 -1.57
N GLN A 29 12.71 0.67 -2.85
CA GLN A 29 13.70 0.91 -3.90
C GLN A 29 14.71 -0.24 -3.97
N GLY A 30 14.38 -1.35 -3.31
CA GLY A 30 15.25 -2.50 -3.31
C GLY A 30 14.71 -3.64 -2.46
N GLU A 31 15.19 -4.85 -2.73
CA GLU A 31 14.75 -6.04 -1.99
C GLU A 31 15.36 -6.05 -0.60
N TYR A 32 14.56 -5.71 0.40
CA TYR A 32 15.02 -5.68 1.78
C TYR A 32 14.66 -6.98 2.50
N PHE A 33 13.45 -7.48 2.25
CA PHE A 33 12.98 -8.72 2.87
C PHE A 33 12.56 -9.72 1.81
N SER A 34 12.53 -10.99 2.19
CA SER A 34 12.14 -12.06 1.27
C SER A 34 10.62 -12.20 1.22
N PRO A 35 10.11 -12.71 0.08
CA PRO A 35 8.68 -12.91 -0.12
C PRO A 35 8.12 -14.03 0.74
N VAL A 36 8.95 -15.03 1.02
CA VAL A 36 8.53 -16.16 1.84
C VAL A 36 8.14 -15.71 3.24
N GLU A 37 8.98 -14.87 3.83
CA GLU A 37 8.72 -14.37 5.18
C GLU A 37 7.53 -13.42 5.19
N LEU A 38 7.51 -12.49 4.24
CA LEU A 38 6.42 -11.53 4.13
C LEU A 38 5.09 -12.23 3.87
N SER A 39 5.12 -13.27 3.04
CA SER A 39 3.91 -14.01 2.72
C SER A 39 3.37 -14.74 3.96
N SER A 40 4.28 -15.34 4.72
CA SER A 40 3.90 -16.06 5.93
C SER A 40 3.27 -15.12 6.96
N ILE A 41 3.90 -13.97 7.14
CA ILE A 41 3.40 -12.98 8.09
C ILE A 41 2.02 -12.47 7.69
N ALA A 42 1.88 -12.09 6.43
CA ALA A 42 0.61 -11.60 5.91
C ALA A 42 -0.50 -12.61 6.10
N HIS A 43 -0.22 -13.87 5.73
CA HIS A 43 -1.20 -14.94 5.86
C HIS A 43 -1.64 -15.10 7.31
N GLN A 44 -0.67 -15.08 8.22
CA GLN A 44 -0.95 -15.22 9.64
C GLN A 44 -1.80 -14.06 10.16
N LEU A 45 -1.49 -12.86 9.67
CA LEU A 45 -2.23 -11.67 10.07
C LEU A 45 -3.70 -11.77 9.67
N ASP A 46 -3.94 -12.19 8.44
CA ASP A 46 -5.30 -12.34 7.94
C ASP A 46 -6.03 -13.47 8.65
N GLU A 47 -5.36 -14.61 8.80
CA GLU A 47 -5.94 -15.76 9.48
C GLU A 47 -6.26 -15.44 10.94
N GLU A 48 -5.27 -14.91 11.64
CA GLU A 48 -5.43 -14.57 13.05
C GLU A 48 -6.53 -13.52 13.23
N GLU A 49 -6.54 -12.54 12.33
CA GLU A 49 -7.53 -11.47 12.39
C GLU A 49 -8.93 -12.00 12.05
N ARG A 50 -8.98 -13.00 11.17
CA ARG A 50 -10.24 -13.60 10.77
C ARG A 50 -10.87 -14.37 11.92
N MET A 51 -10.05 -15.16 12.60
CA MET A 51 -10.52 -15.96 13.73
C MET A 51 -10.86 -15.07 14.93
N ARG A 52 -9.99 -14.10 15.19
CA ARG A 52 -10.19 -13.19 16.31
C ARG A 52 -11.42 -12.30 16.08
N MET A 53 -11.67 -11.97 14.82
CA MET A 53 -12.81 -11.13 14.46
C MET A 53 -14.11 -11.92 14.57
N ALA A 54 -14.14 -13.09 13.95
CA ALA A 54 -15.33 -13.93 13.99
C ALA A 54 -15.72 -14.28 15.42
N GLU A 55 -14.72 -14.63 16.23
CA GLU A 55 -14.97 -14.98 17.63
C GLU A 55 -15.40 -13.76 18.43
N GLY A 56 -15.25 -12.59 17.83
CA GLY A 56 -15.63 -11.35 18.51
C GLY A 56 -15.01 -11.24 19.89
N GLY A 57 -15.76 -10.66 20.82
CA GLY A 57 -15.27 -10.50 22.17
C GLY A 57 -15.86 -9.29 22.87
N VAL A 58 -16.22 -8.28 22.09
CA VAL A 58 -16.81 -7.06 22.64
C VAL A 58 -15.86 -6.39 23.62
N THR A 59 -14.60 -6.23 23.21
CA THR A 59 -13.59 -5.60 24.05
C THR A 59 -12.61 -4.78 23.22
N SER A 60 -11.55 -4.30 23.86
CA SER A 60 -10.55 -3.50 23.18
C SER A 60 -10.07 -4.20 21.91
N GLU A 61 -9.92 -5.52 21.99
CA GLU A 61 -9.46 -6.30 20.84
C GLU A 61 -10.35 -6.04 19.62
N ASP A 62 -11.65 -5.96 19.87
CA ASP A 62 -12.61 -5.72 18.79
C ASP A 62 -12.41 -4.32 18.18
N TYR A 63 -12.00 -3.38 19.01
CA TYR A 63 -11.78 -2.01 18.56
C TYR A 63 -10.55 -1.93 17.65
N ARG A 64 -9.43 -2.46 18.14
CA ARG A 64 -8.19 -2.45 17.36
C ARG A 64 -8.37 -3.20 16.05
N THR A 65 -8.94 -4.40 16.12
CA THR A 65 -9.17 -5.22 14.95
C THR A 65 -10.14 -4.55 13.98
N PHE A 66 -11.10 -3.82 14.53
CA PHE A 66 -12.10 -3.13 13.72
C PHE A 66 -11.49 -1.90 13.05
N LEU A 67 -10.72 -1.14 13.81
CA LEU A 67 -10.08 0.07 13.28
C LEU A 67 -9.11 -0.27 12.16
N GLN A 68 -8.41 -1.40 12.31
CA GLN A 68 -7.45 -1.84 11.31
C GLN A 68 -8.15 -2.58 10.18
N GLN A 69 -9.47 -2.67 10.26
CA GLN A 69 -10.26 -3.36 9.25
C GLN A 69 -9.93 -4.84 9.21
N PRO A 70 -10.90 -5.66 8.77
CA PRO A 70 -10.74 -7.11 8.68
C PRO A 70 -9.76 -7.52 7.57
N SER A 71 -9.75 -8.80 7.24
CA SER A 71 -8.86 -9.32 6.21
C SER A 71 -9.05 -8.56 4.90
N GLY A 72 -8.27 -8.93 3.88
CA GLY A 72 -8.38 -8.27 2.60
C GLY A 72 -9.80 -8.22 2.08
N ASN A 73 -10.23 -9.28 1.41
CA ASN A 73 -11.58 -9.35 0.87
C ASN A 73 -11.81 -10.69 0.15
N MET A 74 -13.03 -10.89 -0.33
CA MET A 74 -13.38 -12.12 -1.03
C MET A 74 -12.63 -12.23 -2.35
N ASP A 75 -12.03 -11.12 -2.78
CA ASP A 75 -11.28 -11.08 -4.02
C ASP A 75 -10.26 -12.21 -4.07
N ASP A 76 -9.78 -12.52 -5.26
CA ASP A 76 -8.79 -13.59 -5.45
C ASP A 76 -7.44 -13.01 -5.88
N SER A 77 -6.88 -12.15 -5.04
CA SER A 77 -5.59 -11.52 -5.33
C SER A 77 -4.44 -12.47 -5.02
N GLY A 78 -4.35 -12.89 -3.76
CA GLY A 78 -3.30 -13.80 -3.35
C GLY A 78 -2.71 -13.44 -2.00
N PHE A 79 -3.48 -13.69 -0.94
CA PHE A 79 -3.05 -13.40 0.42
C PHE A 79 -2.60 -11.94 0.53
N PHE A 80 -2.03 -11.59 1.68
CA PHE A 80 -1.57 -10.24 1.92
C PHE A 80 -2.75 -9.27 1.99
N SER A 81 -2.66 -8.30 2.90
CA SER A 81 -3.71 -7.30 3.07
C SER A 81 -3.18 -6.05 3.74
N ILE A 82 -4.05 -5.07 3.92
CA ILE A 82 -3.66 -3.81 4.55
C ILE A 82 -2.98 -4.05 5.89
N GLN A 83 -3.34 -5.16 6.54
CA GLN A 83 -2.77 -5.51 7.83
C GLN A 83 -1.26 -5.71 7.72
N VAL A 84 -0.84 -6.50 6.73
CA VAL A 84 0.58 -6.77 6.52
C VAL A 84 1.29 -5.53 5.97
N ILE A 85 0.58 -4.75 5.16
CA ILE A 85 1.14 -3.55 4.57
C ILE A 85 1.39 -2.48 5.63
N SER A 86 0.35 -2.16 6.39
CA SER A 86 0.45 -1.15 7.44
C SER A 86 1.44 -1.58 8.51
N ASN A 87 1.48 -2.88 8.79
CA ASN A 87 2.39 -3.41 9.80
C ASN A 87 3.84 -3.25 9.37
N ALA A 88 4.12 -3.64 8.12
CA ALA A 88 5.48 -3.54 7.59
C ALA A 88 5.94 -2.09 7.54
N LEU A 89 5.00 -1.18 7.27
CA LEU A 89 5.31 0.24 7.20
C LEU A 89 5.43 0.85 8.59
N LYS A 90 4.58 0.40 9.50
CA LYS A 90 4.60 0.89 10.88
C LYS A 90 5.94 0.62 11.54
N VAL A 91 6.45 -0.60 11.37
CA VAL A 91 7.73 -0.98 11.96
C VAL A 91 8.87 -0.16 11.36
N TRP A 92 8.63 0.40 10.18
CA TRP A 92 9.64 1.21 9.50
C TRP A 92 9.50 2.67 9.88
N GLY A 93 8.30 3.06 10.33
CA GLY A 93 8.06 4.44 10.71
C GLY A 93 7.11 5.15 9.76
N LEU A 94 6.70 4.46 8.70
CA LEU A 94 5.80 5.03 7.72
C LEU A 94 4.35 4.71 8.06
N GLU A 95 3.49 5.72 7.96
CA GLU A 95 2.07 5.56 8.26
C GLU A 95 1.20 5.91 7.05
N LEU A 96 0.14 5.15 6.84
CA LEU A 96 -0.77 5.39 5.72
C LEU A 96 -2.08 5.97 6.22
N ILE A 97 -2.47 7.11 5.65
CA ILE A 97 -3.72 7.77 6.03
C ILE A 97 -4.68 7.82 4.85
N LEU A 98 -5.97 7.65 5.14
CA LEU A 98 -7.00 7.69 4.11
C LEU A 98 -7.18 9.10 3.56
N PHE A 99 -7.09 9.25 2.25
CA PHE A 99 -7.24 10.54 1.60
C PHE A 99 -8.59 11.16 1.95
N ASN A 100 -9.55 10.31 2.31
CA ASN A 100 -10.89 10.77 2.67
C ASN A 100 -11.13 10.65 4.17
N SER A 101 -10.10 10.96 4.95
CA SER A 101 -10.20 10.87 6.41
C SER A 101 -9.91 12.22 7.05
N PRO A 102 -10.36 12.39 8.31
CA PRO A 102 -10.16 13.62 9.06
C PRO A 102 -8.71 13.84 9.45
N GLU A 103 -7.96 12.75 9.56
CA GLU A 103 -6.55 12.82 9.92
C GLU A 103 -5.72 13.44 8.80
N TYR A 104 -5.96 12.96 7.58
CA TYR A 104 -5.24 13.47 6.41
C TYR A 104 -5.47 14.95 6.23
N GLN A 105 -6.74 15.37 6.32
CA GLN A 105 -7.11 16.77 6.16
C GLN A 105 -6.59 17.60 7.33
N ARG A 106 -6.55 16.99 8.51
CA ARG A 106 -6.08 17.68 9.71
C ARG A 106 -4.70 18.29 9.47
N LEU A 107 -3.89 17.63 8.65
CA LEU A 107 -2.55 18.11 8.35
C LEU A 107 -2.51 18.77 6.97
N ARG A 108 -3.46 18.41 6.13
CA ARG A 108 -3.53 18.96 4.77
C ARG A 108 -2.25 18.67 4.00
N ILE A 109 -1.76 17.44 4.11
CA ILE A 109 -0.53 17.03 3.43
C ILE A 109 -0.77 16.90 1.92
N ASP A 110 -0.04 17.67 1.15
CA ASP A 110 -0.17 17.64 -0.31
C ASP A 110 0.44 16.36 -0.88
N PRO A 111 0.02 16.00 -2.09
CA PRO A 111 0.51 14.79 -2.77
C PRO A 111 1.97 14.92 -3.21
N ILE A 112 2.28 16.00 -3.91
CA ILE A 112 3.64 16.24 -4.39
C ILE A 112 4.57 16.54 -3.23
N ASN A 113 4.00 16.95 -2.09
CA ASN A 113 4.79 17.26 -0.91
C ASN A 113 5.07 16.00 -0.10
N GLU A 114 4.25 14.99 -0.29
CA GLU A 114 4.40 13.72 0.43
C GLU A 114 5.64 12.97 -0.05
N ARG A 115 5.85 11.79 0.51
CA ARG A 115 7.01 10.97 0.15
C ARG A 115 6.57 9.70 -0.58
N SER A 116 5.70 8.93 0.08
CA SER A 116 5.21 7.68 -0.50
C SER A 116 3.69 7.74 -0.71
N PHE A 117 3.22 7.09 -1.76
CA PHE A 117 1.79 7.07 -2.07
C PHE A 117 1.33 5.66 -2.45
N ILE A 118 0.17 5.27 -1.95
CA ILE A 118 -0.38 3.95 -2.25
C ILE A 118 -1.85 4.04 -2.62
N CYS A 119 -2.19 3.52 -3.80
CA CYS A 119 -3.56 3.53 -4.28
C CYS A 119 -4.21 2.16 -4.13
N ASN A 120 -5.51 2.16 -3.86
CA ASN A 120 -6.24 0.91 -3.68
C ASN A 120 -7.48 0.87 -4.59
N TYR A 121 -7.49 -0.07 -5.52
CA TYR A 121 -8.61 -0.21 -6.45
C TYR A 121 -9.53 -1.35 -6.02
N LYS A 122 -10.84 -1.15 -6.21
CA LYS A 122 -11.82 -2.16 -5.84
C LYS A 122 -11.27 -3.56 -6.06
N GLU A 123 -10.64 -3.78 -7.20
CA GLU A 123 -10.06 -5.09 -7.52
C GLU A 123 -8.66 -4.94 -8.11
N HIS A 124 -7.82 -4.17 -7.43
CA HIS A 124 -6.45 -3.93 -7.88
C HIS A 124 -5.70 -3.04 -6.91
N TRP A 125 -4.37 -3.11 -6.95
CA TRP A 125 -3.53 -2.30 -6.08
C TRP A 125 -2.49 -1.53 -6.87
N PHE A 126 -2.05 -0.40 -6.32
CA PHE A 126 -1.06 0.43 -6.99
C PHE A 126 -0.03 0.95 -5.98
N THR A 127 1.24 0.83 -6.34
CA THR A 127 2.33 1.29 -5.48
C THR A 127 3.06 2.48 -6.09
N VAL A 128 3.07 3.59 -5.36
CA VAL A 128 3.74 4.80 -5.83
C VAL A 128 4.80 5.27 -4.84
N ARG A 129 5.96 5.64 -5.35
CA ARG A 129 7.05 6.11 -4.51
C ARG A 129 7.74 7.32 -5.12
N LYS A 130 8.20 8.23 -4.27
CA LYS A 130 8.88 9.44 -4.73
C LYS A 130 10.37 9.20 -4.90
N LEU A 131 10.88 9.49 -6.09
CA LEU A 131 12.31 9.30 -6.37
C LEU A 131 12.91 10.58 -6.94
N GLY A 132 13.84 11.18 -6.20
CA GLY A 132 14.48 12.40 -6.65
C GLY A 132 13.49 13.54 -6.86
N LYS A 133 13.35 13.97 -8.11
CA LYS A 133 12.43 15.05 -8.44
C LYS A 133 11.28 14.54 -9.30
N GLN A 134 11.09 13.23 -9.32
CA GLN A 134 10.02 12.62 -10.09
C GLN A 134 9.37 11.48 -9.33
N TRP A 135 8.08 11.25 -9.60
CA TRP A 135 7.34 10.18 -8.93
C TRP A 135 7.46 8.88 -9.70
N PHE A 136 7.29 7.76 -9.00
CA PHE A 136 7.38 6.44 -9.61
C PHE A 136 6.11 5.64 -9.36
N ASN A 137 5.67 4.90 -10.38
CA ASN A 137 4.47 4.08 -10.27
C ASN A 137 4.71 2.68 -10.82
N LEU A 138 4.46 1.68 -9.97
CA LEU A 138 4.65 0.29 -10.36
C LEU A 138 3.94 -0.65 -9.41
N ASN A 139 4.07 -1.95 -9.66
CA ASN A 139 3.42 -2.96 -8.82
C ASN A 139 3.78 -4.37 -9.30
N SER A 140 3.38 -5.36 -8.51
CA SER A 140 3.66 -6.76 -8.85
C SER A 140 3.03 -7.12 -10.19
N LEU A 141 1.96 -6.42 -10.54
CA LEU A 141 1.26 -6.67 -11.80
C LEU A 141 1.96 -5.98 -12.97
N LEU A 142 2.76 -4.96 -12.64
CA LEU A 142 3.50 -4.21 -13.66
C LEU A 142 4.81 -4.91 -14.02
N THR A 143 5.44 -4.47 -15.09
CA THR A 143 6.69 -5.05 -15.54
C THR A 143 7.85 -4.08 -15.36
N GLY A 144 7.52 -2.79 -15.18
CA GLY A 144 8.54 -1.79 -14.99
C GLY A 144 8.01 -0.54 -14.32
N PRO A 145 8.92 0.29 -13.79
CA PRO A 145 8.56 1.54 -13.11
C PRO A 145 8.01 2.59 -14.06
N GLU A 146 7.10 3.42 -13.56
CA GLU A 146 6.51 4.47 -14.37
C GLU A 146 6.80 5.85 -13.79
N LEU A 147 7.60 6.63 -14.51
CA LEU A 147 7.97 7.97 -14.07
C LEU A 147 6.82 8.95 -14.29
N ILE A 148 6.48 9.71 -13.27
CA ILE A 148 5.41 10.69 -13.36
C ILE A 148 5.81 12.02 -12.72
N SER A 149 5.35 13.12 -13.30
CA SER A 149 5.67 14.44 -12.79
C SER A 149 4.79 14.78 -11.58
N ASP A 150 5.27 15.72 -10.76
CA ASP A 150 4.53 16.13 -9.58
C ASP A 150 3.24 16.87 -9.97
N THR A 151 3.34 17.73 -10.97
CA THR A 151 2.19 18.50 -11.44
C THR A 151 1.13 17.59 -12.04
N TYR A 152 1.57 16.45 -12.57
CA TYR A 152 0.66 15.49 -13.18
C TYR A 152 0.18 14.47 -12.15
N LEU A 153 1.01 14.23 -11.14
CA LEU A 153 0.67 13.27 -10.09
C LEU A 153 -0.52 13.77 -9.26
N ALA A 154 -0.46 15.03 -8.85
CA ALA A 154 -1.53 15.61 -8.06
C ALA A 154 -2.88 15.45 -8.75
N LEU A 155 -2.92 15.79 -10.03
CA LEU A 155 -4.15 15.67 -10.80
C LEU A 155 -4.50 14.21 -11.08
N PHE A 156 -3.47 13.41 -11.35
CA PHE A 156 -3.66 11.99 -11.62
C PHE A 156 -4.41 11.31 -10.49
N LEU A 157 -3.88 11.46 -9.28
CA LEU A 157 -4.50 10.86 -8.10
C LEU A 157 -5.83 11.52 -7.78
N ALA A 158 -5.89 12.84 -7.92
CA ALA A 158 -7.11 13.59 -7.66
C ALA A 158 -8.26 13.08 -8.50
N GLN A 159 -7.94 12.64 -9.72
CA GLN A 159 -8.96 12.12 -10.64
C GLN A 159 -9.53 10.80 -10.13
N LEU A 160 -8.68 10.00 -9.50
CA LEU A 160 -9.09 8.71 -8.98
C LEU A 160 -10.00 8.88 -7.76
N GLN A 161 -9.57 9.72 -6.82
CA GLN A 161 -10.34 9.97 -5.62
C GLN A 161 -11.68 10.61 -5.95
N GLN A 162 -11.67 11.56 -6.88
CA GLN A 162 -12.89 12.24 -7.29
C GLN A 162 -13.77 11.33 -8.14
N GLU A 163 -13.16 10.29 -8.70
CA GLU A 163 -13.89 9.34 -9.54
C GLU A 163 -14.64 8.33 -8.68
N GLY A 164 -13.89 7.50 -7.97
CA GLY A 164 -14.51 6.48 -7.12
C GLY A 164 -13.52 5.40 -6.71
N TYR A 165 -12.29 5.79 -6.46
CA TYR A 165 -11.25 4.85 -6.05
C TYR A 165 -10.72 5.17 -4.66
N SER A 166 -9.92 4.27 -4.11
CA SER A 166 -9.35 4.46 -2.78
C SER A 166 -7.91 4.95 -2.88
N ILE A 167 -7.59 5.98 -2.10
CA ILE A 167 -6.24 6.55 -2.09
C ILE A 167 -5.69 6.64 -0.68
N PHE A 168 -4.48 6.12 -0.48
CA PHE A 168 -3.84 6.14 0.83
C PHE A 168 -2.55 6.94 0.79
N VAL A 169 -2.42 7.91 1.68
CA VAL A 169 -1.23 8.74 1.75
C VAL A 169 -0.20 8.17 2.73
N VAL A 170 0.95 7.78 2.20
CA VAL A 170 2.01 7.21 3.02
C VAL A 170 3.06 8.26 3.36
N LYS A 171 3.10 8.67 4.62
CA LYS A 171 4.06 9.67 5.08
C LYS A 171 4.92 9.12 6.22
N GLY A 172 6.20 9.45 6.20
CA GLY A 172 7.11 8.98 7.23
C GLY A 172 8.53 8.84 6.74
N ASP A 173 9.32 8.04 7.45
CA ASP A 173 10.71 7.82 7.07
C ASP A 173 10.94 6.37 6.63
N LEU A 174 11.75 6.20 5.60
CA LEU A 174 12.04 4.87 5.07
C LEU A 174 13.44 4.42 5.48
N PRO A 175 13.68 3.10 5.44
CA PRO A 175 14.97 2.52 5.80
C PRO A 175 16.05 2.84 4.78
N ASP A 176 15.65 3.05 3.53
CA ASP A 176 16.58 3.36 2.46
C ASP A 176 17.00 4.83 2.52
N MET A 6 17.18 9.18 -9.93
CA MET A 6 17.38 7.75 -10.09
C MET A 6 18.87 7.41 -10.10
N GLU A 7 19.40 7.07 -8.93
CA GLU A 7 20.81 6.72 -8.82
C GLU A 7 21.04 5.24 -9.12
N SER A 8 20.04 4.42 -8.84
CA SER A 8 20.13 2.99 -9.08
C SER A 8 18.80 2.30 -8.78
N ILE A 9 17.92 2.28 -9.77
CA ILE A 9 16.61 1.66 -9.62
C ILE A 9 16.71 0.14 -9.72
N PHE A 10 16.05 -0.55 -8.80
CA PHE A 10 16.07 -2.01 -8.78
C PHE A 10 15.28 -2.58 -9.95
N HIS A 11 15.99 -3.19 -10.90
CA HIS A 11 15.35 -3.78 -12.07
C HIS A 11 15.19 -5.29 -11.91
N GLU A 12 13.96 -5.77 -12.02
CA GLU A 12 13.70 -7.20 -11.88
C GLU A 12 12.45 -7.59 -12.68
N LYS A 13 12.58 -8.63 -13.50
CA LYS A 13 11.47 -9.12 -14.31
C LYS A 13 10.69 -10.21 -13.58
N GLN A 14 9.44 -9.92 -13.26
CA GLN A 14 8.59 -10.88 -12.55
C GLN A 14 7.16 -10.82 -13.08
N GLU A 15 6.59 -11.99 -13.37
CA GLU A 15 5.23 -12.08 -13.87
C GLU A 15 4.23 -12.29 -12.74
N GLY A 16 3.26 -11.40 -12.64
CA GLY A 16 2.25 -11.50 -11.59
C GLY A 16 1.34 -10.30 -11.54
N SER A 17 0.58 -10.18 -10.45
CA SER A 17 -0.35 -9.07 -10.29
C SER A 17 -0.71 -8.88 -8.81
N LEU A 18 -0.64 -7.64 -8.35
CA LEU A 18 -0.97 -7.32 -6.97
C LEU A 18 -0.09 -8.12 -6.01
N CYS A 19 1.13 -7.64 -5.79
CA CYS A 19 2.07 -8.31 -4.90
C CYS A 19 2.40 -7.44 -3.69
N ALA A 20 2.36 -8.03 -2.50
CA ALA A 20 2.65 -7.30 -1.27
C ALA A 20 4.14 -6.99 -1.17
N GLN A 21 4.96 -8.00 -1.40
CA GLN A 21 6.41 -7.84 -1.31
C GLN A 21 6.90 -6.81 -2.32
N HIS A 22 6.30 -6.81 -3.51
CA HIS A 22 6.67 -5.86 -4.55
C HIS A 22 6.43 -4.43 -4.10
N CYS A 23 5.32 -4.20 -3.40
CA CYS A 23 4.98 -2.88 -2.91
C CYS A 23 5.94 -2.43 -1.80
N LEU A 24 6.15 -3.32 -0.84
CA LEU A 24 7.05 -3.03 0.28
C LEU A 24 8.48 -2.83 -0.20
N ASN A 25 8.93 -3.75 -1.05
CA ASN A 25 10.30 -3.69 -1.59
C ASN A 25 10.49 -2.41 -2.38
N ASN A 26 9.52 -2.07 -3.22
CA ASN A 26 9.58 -0.87 -4.05
C ASN A 26 9.61 0.39 -3.18
N LEU A 27 8.66 0.46 -2.25
CA LEU A 27 8.57 1.61 -1.35
C LEU A 27 9.85 1.78 -0.54
N LEU A 28 10.42 0.65 -0.11
CA LEU A 28 11.66 0.68 0.66
C LEU A 28 12.87 0.88 -0.23
N GLN A 29 12.63 0.96 -1.54
CA GLN A 29 13.70 1.16 -2.50
C GLN A 29 14.82 0.13 -2.29
N GLY A 30 14.45 -1.05 -1.83
CA GLY A 30 15.42 -2.09 -1.60
C GLY A 30 14.81 -3.35 -1.01
N GLU A 31 15.28 -4.51 -1.46
CA GLU A 31 14.77 -5.78 -0.98
C GLU A 31 15.10 -5.98 0.50
N TYR A 32 14.13 -5.64 1.35
CA TYR A 32 14.32 -5.77 2.80
C TYR A 32 13.34 -6.78 3.39
N PHE A 33 12.75 -7.60 2.51
CA PHE A 33 11.79 -8.61 2.93
C PHE A 33 11.65 -9.70 1.88
N SER A 34 11.26 -10.89 2.33
CA SER A 34 11.10 -12.02 1.42
C SER A 34 9.64 -12.21 1.05
N PRO A 35 9.40 -12.76 -0.16
CA PRO A 35 8.05 -12.99 -0.66
C PRO A 35 7.34 -14.12 0.10
N VAL A 36 8.09 -15.15 0.46
CA VAL A 36 7.53 -16.28 1.19
C VAL A 36 7.11 -15.88 2.60
N GLU A 37 7.97 -15.11 3.26
CA GLU A 37 7.68 -14.66 4.63
C GLU A 37 6.48 -13.72 4.65
N LEU A 38 6.53 -12.69 3.80
CA LEU A 38 5.45 -11.72 3.73
C LEU A 38 4.14 -12.38 3.31
N SER A 39 4.24 -13.35 2.41
CA SER A 39 3.06 -14.07 1.93
C SER A 39 2.42 -14.87 3.06
N SER A 40 3.25 -15.52 3.86
CA SER A 40 2.77 -16.32 4.98
C SER A 40 2.09 -15.45 6.02
N ILE A 41 2.74 -14.34 6.38
CA ILE A 41 2.19 -13.42 7.36
C ILE A 41 0.84 -12.86 6.91
N ALA A 42 0.79 -12.39 5.67
CA ALA A 42 -0.44 -11.83 5.11
C ALA A 42 -1.56 -12.87 5.10
N HIS A 43 -1.23 -14.08 4.64
CA HIS A 43 -2.21 -15.15 4.58
C HIS A 43 -2.78 -15.45 5.97
N GLN A 44 -1.90 -15.49 6.96
CA GLN A 44 -2.32 -15.77 8.33
C GLN A 44 -3.21 -14.65 8.86
N LEU A 45 -2.88 -13.41 8.51
CA LEU A 45 -3.65 -12.26 8.95
C LEU A 45 -5.08 -12.31 8.40
N ASP A 46 -5.20 -12.62 7.12
CA ASP A 46 -6.50 -12.70 6.47
C ASP A 46 -7.27 -13.93 6.97
N GLU A 47 -6.54 -14.99 7.28
CA GLU A 47 -7.15 -16.23 7.77
C GLU A 47 -7.65 -16.05 9.20
N GLU A 48 -6.82 -15.45 10.05
CA GLU A 48 -7.17 -15.24 11.44
C GLU A 48 -8.27 -14.18 11.57
N GLU A 49 -8.20 -13.17 10.71
CA GLU A 49 -9.18 -12.09 10.73
C GLU A 49 -10.50 -12.55 10.12
N ARG A 50 -10.42 -13.46 9.15
CA ARG A 50 -11.61 -13.97 8.48
C ARG A 50 -12.37 -14.92 9.40
N MET A 51 -11.64 -15.80 10.08
CA MET A 51 -12.26 -16.76 10.99
C MET A 51 -12.79 -16.06 12.24
N ARG A 52 -12.00 -15.14 12.78
CA ARG A 52 -12.40 -14.40 13.97
C ARG A 52 -13.62 -13.53 13.70
N MET A 53 -13.63 -12.89 12.52
CA MET A 53 -14.74 -12.03 12.14
C MET A 53 -15.96 -12.85 11.73
N ALA A 54 -15.72 -13.98 11.07
CA ALA A 54 -16.79 -14.86 10.64
C ALA A 54 -17.57 -15.41 11.83
N GLU A 55 -16.85 -15.74 12.89
CA GLU A 55 -17.47 -16.29 14.10
C GLU A 55 -18.17 -15.18 14.89
N GLY A 56 -18.01 -13.94 14.43
CA GLY A 56 -18.63 -12.82 15.11
C GLY A 56 -19.19 -11.79 14.14
N GLY A 57 -18.88 -10.53 14.38
CA GLY A 57 -19.37 -9.47 13.51
C GLY A 57 -18.82 -8.11 13.88
N VAL A 58 -19.05 -7.12 13.03
CA VAL A 58 -18.56 -5.77 13.27
C VAL A 58 -19.71 -4.77 13.27
N THR A 59 -19.37 -3.48 13.34
CA THR A 59 -20.38 -2.42 13.35
C THR A 59 -20.69 -1.95 11.94
N SER A 60 -19.76 -1.21 11.35
CA SER A 60 -19.94 -0.69 10.00
C SER A 60 -18.60 -0.32 9.38
N GLU A 61 -17.83 0.52 10.07
CA GLU A 61 -16.53 0.95 9.59
C GLU A 61 -15.65 -0.26 9.24
N ASP A 62 -15.59 -1.23 10.15
CA ASP A 62 -14.79 -2.42 9.94
C ASP A 62 -15.27 -3.19 8.71
N TYR A 63 -16.58 -3.29 8.56
CA TYR A 63 -17.18 -3.99 7.43
C TYR A 63 -16.71 -3.38 6.11
N ARG A 64 -16.88 -2.07 5.98
CA ARG A 64 -16.48 -1.35 4.77
C ARG A 64 -14.99 -1.54 4.51
N THR A 65 -14.17 -1.38 5.54
CA THR A 65 -12.72 -1.52 5.41
C THR A 65 -12.36 -2.92 4.93
N PHE A 66 -13.11 -3.91 5.38
CA PHE A 66 -12.86 -5.30 4.99
C PHE A 66 -13.36 -5.56 3.58
N LEU A 67 -14.55 -5.07 3.27
CA LEU A 67 -15.14 -5.25 1.96
C LEU A 67 -14.26 -4.63 0.87
N GLN A 68 -13.59 -3.54 1.21
CA GLN A 68 -12.71 -2.85 0.27
C GLN A 68 -11.60 -3.78 -0.20
N GLN A 69 -11.34 -4.84 0.57
CA GLN A 69 -10.30 -5.79 0.21
C GLN A 69 -10.25 -6.93 1.23
N PRO A 70 -11.22 -7.85 1.15
CA PRO A 70 -11.30 -9.00 2.06
C PRO A 70 -10.19 -10.01 1.81
N SER A 71 -10.29 -11.16 2.45
CA SER A 71 -9.29 -12.21 2.31
C SER A 71 -9.07 -12.56 0.84
N GLY A 72 -8.09 -13.42 0.58
CA GLY A 72 -7.79 -13.81 -0.78
C GLY A 72 -8.40 -15.15 -1.14
N ASN A 73 -9.66 -15.14 -1.57
CA ASN A 73 -10.35 -16.36 -1.95
C ASN A 73 -11.12 -16.17 -3.26
N MET A 74 -10.64 -16.83 -4.32
CA MET A 74 -11.28 -16.74 -5.62
C MET A 74 -11.29 -15.30 -6.12
N ASP A 75 -10.23 -14.56 -5.79
CA ASP A 75 -10.11 -13.17 -6.21
C ASP A 75 -8.91 -12.98 -7.11
N ASP A 76 -8.76 -11.77 -7.66
CA ASP A 76 -7.65 -11.46 -8.54
C ASP A 76 -6.32 -11.84 -7.90
N SER A 77 -6.12 -11.43 -6.66
CA SER A 77 -4.89 -11.73 -5.94
C SER A 77 -5.18 -12.09 -4.49
N GLY A 78 -5.50 -11.09 -3.68
CA GLY A 78 -5.80 -11.32 -2.28
C GLY A 78 -4.66 -11.99 -1.54
N PHE A 79 -3.46 -11.88 -2.11
CA PHE A 79 -2.28 -12.48 -1.50
C PHE A 79 -1.90 -11.76 -0.21
N PHE A 80 -2.33 -10.50 -0.11
CA PHE A 80 -2.03 -9.71 1.07
C PHE A 80 -3.23 -8.85 1.47
N SER A 81 -3.03 -7.97 2.44
CA SER A 81 -4.10 -7.11 2.92
C SER A 81 -3.53 -5.85 3.59
N ILE A 82 -4.36 -4.83 3.71
CA ILE A 82 -3.95 -3.58 4.33
C ILE A 82 -3.36 -3.82 5.71
N GLN A 83 -3.83 -4.87 6.38
CA GLN A 83 -3.36 -5.21 7.71
C GLN A 83 -1.87 -5.54 7.69
N VAL A 84 -1.47 -6.38 6.74
CA VAL A 84 -0.07 -6.78 6.60
C VAL A 84 0.78 -5.63 6.07
N ILE A 85 0.18 -4.81 5.22
CA ILE A 85 0.89 -3.67 4.63
C ILE A 85 1.15 -2.60 5.68
N SER A 86 0.09 -2.18 6.37
CA SER A 86 0.21 -1.14 7.39
C SER A 86 1.10 -1.62 8.54
N ASN A 87 0.95 -2.89 8.91
CA ASN A 87 1.75 -3.47 9.99
C ASN A 87 3.23 -3.48 9.63
N ALA A 88 3.54 -3.94 8.42
CA ALA A 88 4.92 -4.00 7.95
C ALA A 88 5.54 -2.61 7.92
N LEU A 89 4.78 -1.64 7.42
CA LEU A 89 5.26 -0.26 7.32
C LEU A 89 5.40 0.36 8.71
N LYS A 90 4.41 0.13 9.56
CA LYS A 90 4.42 0.67 10.91
C LYS A 90 5.67 0.22 11.66
N VAL A 91 6.05 -1.04 11.49
CA VAL A 91 7.22 -1.59 12.15
C VAL A 91 8.47 -0.81 11.77
N TRP A 92 8.47 -0.22 10.58
CA TRP A 92 9.61 0.55 10.11
C TRP A 92 9.44 2.03 10.45
N GLY A 93 8.20 2.43 10.69
CA GLY A 93 7.93 3.82 11.02
C GLY A 93 7.02 4.50 10.01
N LEU A 94 6.75 3.81 8.91
CA LEU A 94 5.89 4.35 7.86
C LEU A 94 4.44 3.95 8.09
N GLU A 95 3.53 4.87 7.79
CA GLU A 95 2.10 4.62 7.95
C GLU A 95 1.29 5.28 6.84
N LEU A 96 0.28 4.58 6.35
CA LEU A 96 -0.57 5.11 5.29
C LEU A 96 -1.78 5.83 5.86
N ILE A 97 -2.13 6.95 5.26
CA ILE A 97 -3.27 7.74 5.71
C ILE A 97 -4.39 7.76 4.66
N LEU A 98 -5.63 7.65 5.13
CA LEU A 98 -6.78 7.65 4.23
C LEU A 98 -6.99 9.03 3.62
N PHE A 99 -7.00 9.09 2.29
CA PHE A 99 -7.19 10.35 1.59
C PHE A 99 -8.49 11.03 2.04
N ASN A 100 -9.42 10.23 2.55
CA ASN A 100 -10.69 10.76 3.02
C ASN A 100 -10.81 10.63 4.53
N SER A 101 -9.73 10.95 5.24
CA SER A 101 -9.71 10.87 6.69
C SER A 101 -9.33 12.22 7.30
N PRO A 102 -9.66 12.39 8.59
CA PRO A 102 -9.37 13.64 9.32
C PRO A 102 -7.88 13.82 9.57
N GLU A 103 -7.12 12.72 9.52
CA GLU A 103 -5.69 12.77 9.74
C GLU A 103 -4.98 13.46 8.57
N TYR A 104 -5.48 13.22 7.36
CA TYR A 104 -4.89 13.81 6.17
C TYR A 104 -5.07 15.32 6.16
N GLN A 105 -6.26 15.78 6.56
CA GLN A 105 -6.55 17.20 6.60
C GLN A 105 -5.81 17.88 7.76
N ARG A 106 -5.73 17.17 8.89
CA ARG A 106 -5.05 17.70 10.06
C ARG A 106 -3.67 18.23 9.71
N LEU A 107 -3.03 17.59 8.73
CA LEU A 107 -1.70 17.99 8.30
C LEU A 107 -1.75 18.67 6.93
N ARG A 108 -2.83 18.43 6.21
CA ARG A 108 -3.01 19.02 4.88
C ARG A 108 -1.79 18.77 4.00
N ILE A 109 -1.31 17.52 4.01
CA ILE A 109 -0.15 17.16 3.21
C ILE A 109 -0.50 17.04 1.73
N ASP A 110 0.17 17.86 0.91
CA ASP A 110 -0.07 17.86 -0.53
C ASP A 110 0.41 16.55 -1.16
N PRO A 111 -0.10 16.24 -2.36
CA PRO A 111 0.26 15.03 -3.09
C PRO A 111 1.70 15.08 -3.62
N ILE A 112 2.03 16.16 -4.30
CA ILE A 112 3.37 16.33 -4.85
C ILE A 112 4.40 16.55 -3.75
N ASN A 113 3.92 16.99 -2.59
CA ASN A 113 4.80 17.24 -1.45
C ASN A 113 4.94 15.99 -0.59
N GLU A 114 4.14 14.98 -0.90
CA GLU A 114 4.18 13.72 -0.15
C GLU A 114 5.41 12.91 -0.52
N ARG A 115 5.86 12.06 0.40
CA ARG A 115 7.03 11.22 0.17
C ARG A 115 6.63 9.92 -0.53
N SER A 116 5.65 9.22 0.05
CA SER A 116 5.19 7.97 -0.52
C SER A 116 3.67 7.93 -0.58
N PHE A 117 3.13 7.39 -1.68
CA PHE A 117 1.68 7.30 -1.85
C PHE A 117 1.28 5.89 -2.28
N ILE A 118 0.03 5.54 -2.01
CA ILE A 118 -0.48 4.22 -2.36
C ILE A 118 -1.89 4.31 -2.95
N CYS A 119 -2.16 3.47 -3.94
CA CYS A 119 -3.47 3.46 -4.59
C CYS A 119 -4.04 2.03 -4.63
N ASN A 120 -5.31 1.91 -4.24
CA ASN A 120 -5.96 0.61 -4.24
C ASN A 120 -7.28 0.66 -5.02
N TYR A 121 -7.35 -0.10 -6.10
CA TYR A 121 -8.54 -0.14 -6.94
C TYR A 121 -9.20 -1.51 -6.88
N LYS A 122 -10.24 -1.63 -6.07
CA LYS A 122 -10.97 -2.89 -5.92
C LYS A 122 -10.61 -3.85 -7.05
N GLU A 123 -9.96 -4.96 -6.71
CA GLU A 123 -9.58 -5.95 -7.69
C GLU A 123 -8.27 -5.57 -8.37
N HIS A 124 -7.56 -4.62 -7.77
CA HIS A 124 -6.28 -4.16 -8.32
C HIS A 124 -5.56 -3.26 -7.32
N TRP A 125 -4.23 -3.37 -7.28
CA TRP A 125 -3.44 -2.57 -6.37
C TRP A 125 -2.31 -1.85 -7.12
N PHE A 126 -1.80 -0.77 -6.52
CA PHE A 126 -0.74 0.01 -7.13
C PHE A 126 -0.04 0.88 -6.09
N THR A 127 1.29 0.85 -6.10
CA THR A 127 2.09 1.64 -5.17
C THR A 127 2.94 2.67 -5.88
N VAL A 128 2.96 3.89 -5.36
CA VAL A 128 3.74 4.97 -5.96
C VAL A 128 4.74 5.54 -4.96
N ARG A 129 5.95 5.81 -5.44
CA ARG A 129 7.00 6.36 -4.60
C ARG A 129 7.59 7.62 -5.21
N LYS A 130 8.07 8.53 -4.36
CA LYS A 130 8.66 9.77 -4.82
C LYS A 130 10.16 9.61 -5.05
N LEU A 131 10.62 10.04 -6.22
CA LEU A 131 12.04 9.94 -6.55
C LEU A 131 12.58 11.29 -7.02
N GLY A 132 13.47 11.88 -6.21
CA GLY A 132 14.04 13.16 -6.56
C GLY A 132 13.00 14.25 -6.67
N LYS A 133 12.60 14.56 -7.90
CA LYS A 133 11.60 15.60 -8.14
C LYS A 133 10.39 15.02 -8.88
N GLN A 134 10.49 13.77 -9.29
CA GLN A 134 9.40 13.11 -10.01
C GLN A 134 8.95 11.84 -9.27
N TRP A 135 7.74 11.41 -9.56
CA TRP A 135 7.19 10.21 -8.93
C TRP A 135 7.43 8.98 -9.79
N PHE A 136 7.33 7.80 -9.18
CA PHE A 136 7.53 6.54 -9.89
C PHE A 136 6.42 5.55 -9.58
N ASN A 137 5.86 4.95 -10.62
CA ASN A 137 4.78 3.98 -10.46
C ASN A 137 5.34 2.56 -10.45
N LEU A 138 5.06 1.82 -9.39
CA LEU A 138 5.53 0.45 -9.26
C LEU A 138 4.37 -0.49 -8.89
N ASN A 139 4.43 -1.72 -9.39
CA ASN A 139 3.38 -2.70 -9.11
C ASN A 139 3.73 -4.05 -9.74
N SER A 140 3.13 -5.11 -9.21
CA SER A 140 3.38 -6.46 -9.71
C SER A 140 3.02 -6.56 -11.18
N LEU A 141 2.04 -5.76 -11.61
CA LEU A 141 1.60 -5.76 -12.99
C LEU A 141 2.45 -4.83 -13.84
N LEU A 142 3.23 -3.99 -13.18
CA LEU A 142 4.11 -3.05 -13.87
C LEU A 142 5.46 -3.69 -14.18
N THR A 143 5.75 -3.87 -15.45
CA THR A 143 7.02 -4.46 -15.88
C THR A 143 8.20 -3.65 -15.38
N GLY A 144 7.95 -2.39 -15.06
CA GLY A 144 9.01 -1.52 -14.57
C GLY A 144 8.48 -0.23 -13.99
N PRO A 145 9.37 0.53 -13.32
CA PRO A 145 8.99 1.81 -12.70
C PRO A 145 8.71 2.90 -13.73
N GLU A 146 7.49 3.42 -13.70
CA GLU A 146 7.09 4.47 -14.64
C GLU A 146 7.16 5.84 -13.98
N LEU A 147 8.02 6.70 -14.52
CA LEU A 147 8.19 8.05 -13.98
C LEU A 147 6.99 8.93 -14.34
N ILE A 148 6.55 9.74 -13.39
CA ILE A 148 5.42 10.63 -13.60
C ILE A 148 5.70 12.02 -13.05
N SER A 149 5.23 13.04 -13.75
CA SER A 149 5.43 14.42 -13.32
C SER A 149 4.51 14.78 -12.16
N ASP A 150 5.03 15.56 -11.23
CA ASP A 150 4.26 15.97 -10.06
C ASP A 150 2.96 16.67 -10.48
N THR A 151 3.07 17.52 -11.49
CA THR A 151 1.92 18.26 -11.99
C THR A 151 0.84 17.30 -12.52
N TYR A 152 1.28 16.14 -12.99
CA TYR A 152 0.36 15.14 -13.53
C TYR A 152 -0.11 14.19 -12.43
N LEU A 153 0.72 14.03 -11.41
CA LEU A 153 0.39 13.14 -10.29
C LEU A 153 -0.82 13.67 -9.52
N ALA A 154 -0.79 14.96 -9.19
CA ALA A 154 -1.88 15.59 -8.46
C ALA A 154 -3.22 15.37 -9.16
N LEU A 155 -3.25 15.61 -10.47
CA LEU A 155 -4.46 15.44 -11.25
C LEU A 155 -4.80 13.96 -11.41
N PHE A 156 -3.77 13.14 -11.64
CA PHE A 156 -3.96 11.70 -11.80
C PHE A 156 -4.70 11.11 -10.61
N LEU A 157 -4.17 11.35 -9.41
CA LEU A 157 -4.77 10.84 -8.19
C LEU A 157 -6.09 11.54 -7.90
N ALA A 158 -6.16 12.82 -8.24
CA ALA A 158 -7.37 13.61 -8.02
C ALA A 158 -8.55 13.03 -8.80
N GLN A 159 -8.26 12.45 -9.96
CA GLN A 159 -9.29 11.86 -10.80
C GLN A 159 -9.86 10.59 -10.17
N LEU A 160 -8.99 9.81 -9.54
CA LEU A 160 -9.40 8.57 -8.89
C LEU A 160 -10.17 8.86 -7.61
N GLN A 161 -9.61 9.74 -6.78
CA GLN A 161 -10.24 10.10 -5.51
C GLN A 161 -11.58 10.78 -5.75
N GLN A 162 -11.64 11.62 -6.78
CA GLN A 162 -12.87 12.34 -7.12
C GLN A 162 -13.88 11.40 -7.78
N GLU A 163 -13.39 10.28 -8.31
CA GLU A 163 -14.25 9.31 -8.97
C GLU A 163 -14.88 8.36 -7.95
N GLY A 164 -14.03 7.57 -7.28
CA GLY A 164 -14.52 6.64 -6.30
C GLY A 164 -13.57 5.48 -6.07
N TYR A 165 -12.28 5.79 -5.99
CA TYR A 165 -11.26 4.77 -5.78
C TYR A 165 -10.57 4.96 -4.42
N SER A 166 -9.87 3.92 -3.98
CA SER A 166 -9.17 3.97 -2.70
C SER A 166 -7.81 4.63 -2.86
N ILE A 167 -7.58 5.70 -2.08
CA ILE A 167 -6.32 6.42 -2.13
C ILE A 167 -5.69 6.53 -0.74
N PHE A 168 -4.46 6.07 -0.62
CA PHE A 168 -3.74 6.11 0.65
C PHE A 168 -2.44 6.90 0.52
N VAL A 169 -2.01 7.51 1.61
CA VAL A 169 -0.77 8.28 1.62
C VAL A 169 0.21 7.74 2.65
N VAL A 170 1.33 7.20 2.17
CA VAL A 170 2.35 6.65 3.04
C VAL A 170 3.33 7.72 3.49
N LYS A 171 3.31 8.03 4.78
CA LYS A 171 4.19 9.04 5.34
C LYS A 171 5.03 8.46 6.48
N GLY A 172 6.27 8.92 6.57
CA GLY A 172 7.17 8.44 7.61
C GLY A 172 8.62 8.47 7.19
N ASP A 173 9.44 7.68 7.86
CA ASP A 173 10.87 7.61 7.55
C ASP A 173 11.24 6.24 7.00
N LEU A 174 12.24 6.21 6.12
CA LEU A 174 12.69 4.96 5.51
C LEU A 174 14.01 4.52 6.12
N PRO A 175 14.32 3.22 5.98
CA PRO A 175 15.56 2.63 6.51
C PRO A 175 16.79 3.10 5.75
N ASP A 176 16.64 3.24 4.43
CA ASP A 176 17.76 3.68 3.59
C ASP A 176 17.82 5.20 3.54
#